data_8B4L
#
_entry.id   8B4L
#
_cell.length_a   80.698
_cell.length_b   176.688
_cell.length_c   185.651
_cell.angle_alpha   90.000
_cell.angle_beta   90.000
_cell.angle_gamma   90.000
#
_symmetry.space_group_name_H-M   'P 21 21 21'
#
loop_
_entity.id
_entity.type
_entity.pdbx_description
1 polymer 'Terpene synthase'
2 non-polymer 'MAGNESIUM ION'
3 non-polymer 4-AMINO-1-HYDROXYBUTANE-1,1-DIYLDIPHOSPHONATE
#
_entity_poly.entity_id   1
_entity_poly.type   'polypeptide(L)'
_entity_poly.pdbx_seq_one_letter_code
;AD(MSE)TISVPQLDCPLSRPVHPEGERADAYAVEWLRGVGL(MSE)ADEADAAPVLAVGLGRLAACYVDENASWDTLAF
(MSE)TILLAWYAEYDDRAIDSTGAIDGLTDAEVAELHRALGEILRDRPAPDPSDPVQRGLADVWRTLNGLASDWDRAAF
VDTTLRYFEANRYERVNIRRGIPPTPSAHIG(MSE)RRHGGHVYG(MSE)YILGAAVNGYRPERRVLDHAAVRELETLAA
NYTSWANDLHSFAREHR(MSE)GQVNNLVWSVHHHEGLTFQQAADRVADLCDKELAAYLELRQTLPELGIPLTGATGRHV
RFLED(MSE)(MSE)WS(MSE)VDWSARSARYDVVPEAA
;
_entity_poly.pdbx_strand_id   E,A,B,C,D,F
#
loop_
_chem_comp.id
_chem_comp.type
_chem_comp.name
_chem_comp.formula
AHD non-polymer 4-AMINO-1-HYDROXYBUTANE-1,1-DIYLDIPHOSPHONATE 'C4 H9 N O7 P2 -4'
MG non-polymer 'MAGNESIUM ION' 'Mg 2'
#
# COMPACT_ATOMS: atom_id res chain seq x y z
N MSE A 3 0.23 30.14 9.98
CA MSE A 3 0.07 31.56 10.25
C MSE A 3 1.41 32.32 10.15
O MSE A 3 1.47 33.39 9.55
CB MSE A 3 -0.56 31.77 11.64
CG MSE A 3 0.23 31.17 12.81
SE MSE A 3 -0.71 31.21 14.52
CE MSE A 3 -1.41 29.39 14.55
N THR A 4 2.47 31.75 10.73
CA THR A 4 3.81 32.36 10.70
C THR A 4 4.66 31.83 9.55
N ILE A 5 4.08 31.72 8.36
CA ILE A 5 4.76 31.19 7.18
C ILE A 5 4.59 32.19 6.04
N SER A 6 5.45 32.05 5.03
CA SER A 6 5.53 32.99 3.91
C SER A 6 5.15 32.26 2.63
N VAL A 7 4.04 32.70 2.02
CA VAL A 7 3.46 32.09 0.83
C VAL A 7 4.31 32.41 -0.40
N PRO A 8 4.77 31.40 -1.13
CA PRO A 8 5.59 31.66 -2.32
C PRO A 8 4.77 32.26 -3.46
N GLN A 9 5.50 32.72 -4.48
CA GLN A 9 4.92 33.30 -5.68
C GLN A 9 4.64 32.24 -6.73
N LEU A 10 3.81 32.60 -7.70
CA LEU A 10 3.44 31.72 -8.80
C LEU A 10 3.62 32.47 -10.11
N ASP A 11 4.60 32.05 -10.91
CA ASP A 11 4.81 32.60 -12.24
C ASP A 11 4.06 31.76 -13.26
N CYS A 12 3.06 32.35 -13.90
CA CYS A 12 2.33 31.69 -14.97
C CYS A 12 2.36 32.55 -16.23
N PRO A 13 2.78 32.00 -17.36
CA PRO A 13 2.91 32.81 -18.59
C PRO A 13 1.57 33.14 -19.24
N LEU A 14 0.66 33.70 -18.45
CA LEU A 14 -0.65 34.13 -18.94
C LEU A 14 -0.87 35.59 -18.57
N SER A 15 -1.01 36.45 -19.58
CA SER A 15 -1.20 37.88 -19.37
C SER A 15 -2.58 38.30 -19.89
N ARG A 16 -3.14 39.34 -19.27
CA ARG A 16 -4.48 39.80 -19.61
C ARG A 16 -4.70 41.20 -19.06
N PRO A 17 -5.29 42.11 -19.83
CA PRO A 17 -5.61 43.43 -19.30
C PRO A 17 -6.88 43.41 -18.46
N VAL A 18 -6.94 44.33 -17.52
CA VAL A 18 -8.06 44.44 -16.60
C VAL A 18 -9.09 45.41 -17.18
N HIS A 19 -10.36 45.23 -16.83
CA HIS A 19 -11.38 46.18 -17.25
C HIS A 19 -11.26 47.46 -16.41
N PRO A 20 -11.36 48.63 -17.03
CA PRO A 20 -11.07 49.87 -16.30
C PRO A 20 -12.08 50.20 -15.21
N GLU A 21 -13.35 49.87 -15.41
CA GLU A 21 -14.40 50.24 -14.47
C GLU A 21 -14.35 49.44 -13.14
N GLY A 22 -13.30 48.66 -12.96
CA GLY A 22 -13.14 47.79 -11.80
C GLY A 22 -13.48 48.44 -10.47
N GLU A 23 -12.73 49.49 -10.11
CA GLU A 23 -12.98 50.16 -8.83
C GLU A 23 -14.44 50.56 -8.69
N ARG A 24 -15.06 51.06 -9.78
CA ARG A 24 -16.49 51.36 -9.75
C ARG A 24 -17.28 50.20 -9.18
N ALA A 25 -17.14 49.03 -9.80
CA ALA A 25 -17.86 47.85 -9.33
C ALA A 25 -17.61 47.60 -7.85
N ASP A 26 -16.37 47.82 -7.39
CA ASP A 26 -16.10 47.72 -5.96
C ASP A 26 -17.16 48.46 -5.15
N ALA A 27 -17.25 49.78 -5.36
CA ALA A 27 -18.29 50.55 -4.69
C ALA A 27 -19.66 49.95 -4.98
N TYR A 28 -19.93 49.67 -6.27
CA TYR A 28 -21.20 49.08 -6.62
C TYR A 28 -21.45 47.79 -5.86
N ALA A 29 -20.41 46.96 -5.70
CA ALA A 29 -20.53 45.77 -4.89
C ALA A 29 -21.13 46.12 -3.53
N VAL A 30 -20.45 47.01 -2.80
CA VAL A 30 -20.98 47.47 -1.52
C VAL A 30 -22.41 47.93 -1.68
N GLU A 31 -22.66 48.77 -2.69
CA GLU A 31 -24.02 49.23 -2.98
C GLU A 31 -24.97 48.05 -3.05
N TRP A 32 -24.70 47.11 -3.95
CA TRP A 32 -25.55 45.93 -4.05
C TRP A 32 -25.58 45.18 -2.73
N LEU A 33 -24.42 45.04 -2.08
CA LEU A 33 -24.35 44.31 -0.83
C LEU A 33 -25.17 44.99 0.26
N ARG A 34 -25.39 46.29 0.14
CA ARG A 34 -26.26 46.98 1.08
C ARG A 34 -27.72 46.95 0.66
N GLY A 35 -27.99 46.83 -0.64
CA GLY A 35 -29.37 46.79 -1.12
C GLY A 35 -30.04 45.45 -1.02
N VAL A 36 -29.30 44.41 -0.63
CA VAL A 36 -29.81 43.06 -0.54
C VAL A 36 -29.92 42.58 0.90
N GLY A 37 -28.95 42.95 1.74
CA GLY A 37 -28.94 42.50 3.12
C GLY A 37 -27.67 41.80 3.58
N LEU A 38 -26.67 41.62 2.72
CA LEU A 38 -25.44 40.97 3.17
C LEU A 38 -24.64 41.89 4.09
N MSE A 39 -24.69 43.18 3.84
CA MSE A 39 -24.22 44.18 4.80
C MSE A 39 -25.29 45.26 4.87
O MSE A 39 -26.04 45.44 3.93
CB MSE A 39 -22.86 44.75 4.41
CG MSE A 39 -22.88 45.62 3.18
SE MSE A 39 -21.10 46.17 2.61
CE MSE A 39 -20.21 46.19 4.35
N ALA A 40 -25.37 45.98 6.00
CA ALA A 40 -26.50 46.86 6.25
C ALA A 40 -26.02 48.28 6.52
N ASP A 41 -26.19 49.16 5.52
CA ASP A 41 -26.20 50.60 5.75
C ASP A 41 -24.89 51.13 6.34
N GLU A 42 -24.75 51.10 7.66
CA GLU A 42 -23.65 51.79 8.34
C GLU A 42 -22.58 50.79 8.78
N ALA A 43 -22.05 50.09 7.78
CA ALA A 43 -20.90 49.20 7.91
C ALA A 43 -19.77 49.75 7.04
N ASP A 44 -18.57 49.83 7.58
CA ASP A 44 -17.45 50.41 6.84
C ASP A 44 -17.19 49.62 5.56
N ALA A 45 -17.16 50.33 4.43
CA ALA A 45 -16.93 49.72 3.13
C ALA A 45 -15.45 49.58 2.77
N ALA A 46 -14.55 50.22 3.52
CA ALA A 46 -13.13 50.09 3.21
C ALA A 46 -12.58 48.68 3.38
N PRO A 47 -12.93 47.92 4.43
CA PRO A 47 -12.54 46.50 4.45
C PRO A 47 -13.19 45.67 3.36
N VAL A 48 -14.31 46.13 2.79
CA VAL A 48 -14.98 45.40 1.73
C VAL A 48 -14.45 45.80 0.36
N LEU A 49 -14.12 47.08 0.18
CA LEU A 49 -13.47 47.52 -1.04
C LEU A 49 -12.09 46.90 -1.18
N ALA A 50 -11.43 46.61 -0.06
CA ALA A 50 -10.13 45.95 -0.08
C ALA A 50 -10.20 44.54 -0.62
N VAL A 51 -11.39 43.93 -0.64
CA VAL A 51 -11.54 42.62 -1.28
C VAL A 51 -11.28 42.72 -2.77
N GLY A 52 -11.78 43.77 -3.41
CA GLY A 52 -11.60 43.96 -4.83
C GLY A 52 -12.53 43.12 -5.67
N LEU A 53 -13.78 42.97 -5.24
CA LEU A 53 -14.74 42.15 -5.96
C LEU A 53 -14.97 42.64 -7.38
N GLY A 54 -14.89 43.96 -7.61
CA GLY A 54 -15.04 44.47 -8.95
C GLY A 54 -13.84 44.26 -9.84
N ARG A 55 -12.64 44.25 -9.26
CA ARG A 55 -11.44 44.04 -10.08
C ARG A 55 -11.35 42.60 -10.56
N LEU A 56 -11.76 41.65 -9.72
CA LEU A 56 -11.84 40.25 -10.17
C LEU A 56 -12.87 40.09 -11.28
N ALA A 57 -14.03 40.72 -11.11
CA ALA A 57 -15.02 40.73 -12.19
C ALA A 57 -14.44 41.33 -13.46
N ALA A 58 -13.61 42.37 -13.31
CA ALA A 58 -12.93 42.96 -14.45
C ALA A 58 -11.96 41.96 -15.10
N CYS A 59 -11.33 41.12 -14.28
CA CYS A 59 -10.48 40.07 -14.80
C CYS A 59 -11.28 39.01 -15.55
N TYR A 60 -12.57 38.89 -15.27
CA TYR A 60 -13.37 37.81 -15.87
C TYR A 60 -14.16 38.23 -17.10
N VAL A 61 -14.24 39.52 -17.43
CA VAL A 61 -14.98 39.97 -18.61
C VAL A 61 -14.04 40.70 -19.56
N ASP A 62 -14.52 40.90 -20.79
CA ASP A 62 -13.74 41.57 -21.81
C ASP A 62 -13.60 43.06 -21.49
N GLU A 63 -12.57 43.68 -22.09
CA GLU A 63 -12.45 45.14 -22.01
C GLU A 63 -13.64 45.82 -22.67
N ASN A 64 -14.11 45.27 -23.79
CA ASN A 64 -15.23 45.86 -24.53
C ASN A 64 -16.55 45.22 -24.07
N ALA A 65 -16.78 45.29 -22.76
CA ALA A 65 -17.98 44.75 -22.14
C ALA A 65 -18.76 45.87 -21.49
N SER A 66 -20.06 45.64 -21.34
CA SER A 66 -20.96 46.64 -20.77
C SER A 66 -20.78 46.74 -19.27
N TRP A 67 -21.10 47.92 -18.71
CA TRP A 67 -21.14 48.02 -17.26
C TRP A 67 -22.25 47.15 -16.69
N ASP A 68 -23.24 46.79 -17.50
CA ASP A 68 -24.23 45.81 -17.07
C ASP A 68 -23.57 44.46 -16.85
N THR A 69 -22.75 44.02 -17.80
CA THR A 69 -22.07 42.73 -17.69
C THR A 69 -21.05 42.75 -16.56
N LEU A 70 -20.19 43.78 -16.52
CA LEU A 70 -19.21 43.88 -15.44
C LEU A 70 -19.90 43.95 -14.08
N ALA A 71 -21.03 44.66 -14.01
CA ALA A 71 -21.77 44.76 -12.76
C ALA A 71 -22.36 43.42 -12.37
N PHE A 72 -22.88 42.66 -13.33
CA PHE A 72 -23.40 41.34 -13.03
C PHE A 72 -22.31 40.40 -12.52
N MSE A 73 -21.14 40.45 -13.14
CA MSE A 73 -20.03 39.60 -12.72
C MSE A 73 -19.64 39.96 -11.29
O MSE A 73 -19.37 39.10 -10.46
CB MSE A 73 -18.84 39.75 -13.68
CG MSE A 73 -17.70 38.76 -13.46
SE MSE A 73 -18.12 36.89 -13.85
CE MSE A 73 -18.78 37.08 -15.68
N THR A 74 -19.62 41.27 -11.00
CA THR A 74 -19.32 41.72 -9.64
C THR A 74 -20.38 41.24 -8.65
N ILE A 75 -21.66 41.32 -9.04
CA ILE A 75 -22.74 40.88 -8.17
C ILE A 75 -22.58 39.40 -7.84
N LEU A 76 -22.29 38.59 -8.87
CA LEU A 76 -22.16 37.14 -8.67
C LEU A 76 -20.95 36.81 -7.80
N LEU A 77 -19.80 37.43 -8.07
CA LEU A 77 -18.62 37.17 -7.26
C LEU A 77 -18.79 37.67 -5.83
N ALA A 78 -19.60 38.71 -5.62
CA ALA A 78 -19.86 39.18 -4.27
C ALA A 78 -20.80 38.22 -3.54
N TRP A 79 -21.80 37.69 -4.24
CA TRP A 79 -22.71 36.73 -3.64
C TRP A 79 -21.99 35.43 -3.27
N TYR A 80 -21.11 34.95 -4.15
CA TYR A 80 -20.30 33.78 -3.82
C TYR A 80 -19.47 34.01 -2.57
N ALA A 81 -18.89 35.19 -2.43
CA ALA A 81 -18.04 35.47 -1.28
C ALA A 81 -18.82 35.44 0.02
N GLU A 82 -20.04 35.97 0.02
CA GLU A 82 -20.82 36.00 1.25
C GLU A 82 -21.32 34.61 1.62
N TYR A 83 -21.76 33.82 0.64
CA TYR A 83 -22.23 32.47 0.93
C TYR A 83 -21.10 31.60 1.48
N ASP A 84 -19.94 31.62 0.82
CA ASP A 84 -18.83 30.79 1.26
C ASP A 84 -18.37 31.18 2.66
N ASP A 85 -18.43 32.48 2.99
CA ASP A 85 -17.99 32.94 4.30
C ASP A 85 -19.03 32.70 5.39
N ARG A 86 -20.31 32.79 5.07
CA ARG A 86 -21.35 32.69 6.09
C ARG A 86 -21.82 31.26 6.35
N ALA A 87 -21.89 30.42 5.31
CA ALA A 87 -22.54 29.12 5.41
C ALA A 87 -21.56 27.95 5.55
N ILE A 88 -20.25 28.20 5.48
CA ILE A 88 -19.29 27.09 5.40
C ILE A 88 -18.19 27.19 6.45
N ASP A 89 -17.44 28.29 6.45
CA ASP A 89 -16.20 28.35 7.19
C ASP A 89 -16.38 28.66 8.68
N SER A 90 -17.48 29.30 9.05
CA SER A 90 -17.66 29.72 10.44
C SER A 90 -17.97 28.52 11.34
N THR A 91 -18.84 27.64 10.88
CA THR A 91 -19.35 26.56 11.70
C THR A 91 -18.27 25.56 12.06
N GLY A 96 -21.76 29.75 13.99
CA GLY A 96 -22.01 28.78 12.94
C GLY A 96 -23.48 28.57 12.63
N LEU A 97 -23.75 27.73 11.63
CA LEU A 97 -25.11 27.38 11.24
C LEU A 97 -25.31 25.88 11.38
N THR A 98 -26.53 25.49 11.74
CA THR A 98 -26.85 24.07 11.87
C THR A 98 -26.92 23.40 10.51
N ASP A 99 -26.82 22.07 10.52
CA ASP A 99 -26.96 21.31 9.28
C ASP A 99 -28.37 21.42 8.70
N ALA A 100 -29.38 21.57 9.55
CA ALA A 100 -30.73 21.75 9.05
C ALA A 100 -30.87 23.09 8.35
N GLU A 101 -30.26 24.14 8.91
CA GLU A 101 -30.29 25.45 8.26
C GLU A 101 -29.62 25.41 6.89
N VAL A 102 -28.46 24.74 6.79
CA VAL A 102 -27.76 24.69 5.51
C VAL A 102 -28.50 23.82 4.51
N ALA A 103 -29.12 22.73 4.99
CA ALA A 103 -29.92 21.90 4.09
C ALA A 103 -31.11 22.69 3.55
N GLU A 104 -31.76 23.48 4.41
CA GLU A 104 -32.86 24.32 3.94
C GLU A 104 -32.36 25.39 2.98
N LEU A 105 -31.20 25.97 3.26
CA LEU A 105 -30.62 26.94 2.33
C LEU A 105 -30.40 26.32 0.98
N HIS A 106 -29.84 25.11 0.94
CA HIS A 106 -29.58 24.44 -0.33
C HIS A 106 -30.88 24.13 -1.06
N ARG A 107 -31.87 23.59 -0.35
CA ARG A 107 -33.16 23.30 -0.97
C ARG A 107 -33.78 24.56 -1.57
N ALA A 108 -33.78 25.66 -0.81
CA ALA A 108 -34.44 26.88 -1.26
C ALA A 108 -33.69 27.54 -2.40
N LEU A 109 -32.35 27.56 -2.33
CA LEU A 109 -31.57 28.14 -3.42
C LEU A 109 -31.72 27.31 -4.68
N GLY A 110 -31.73 25.99 -4.57
CA GLY A 110 -32.03 25.15 -5.73
C GLY A 110 -33.43 25.37 -6.25
N GLU A 111 -34.36 25.79 -5.39
CA GLU A 111 -35.70 26.14 -5.86
C GLU A 111 -35.67 27.45 -6.65
N ILE A 112 -34.84 28.41 -6.24
CA ILE A 112 -34.72 29.67 -6.98
C ILE A 112 -34.20 29.42 -8.39
N LEU A 113 -33.24 28.49 -8.53
CA LEU A 113 -32.69 28.19 -9.84
C LEU A 113 -33.72 27.60 -10.78
N ARG A 114 -34.81 27.03 -10.25
CA ARG A 114 -35.92 26.58 -11.07
C ARG A 114 -36.93 27.69 -11.34
N ASP A 115 -36.49 28.95 -11.31
CA ASP A 115 -37.27 30.14 -11.64
C ASP A 115 -38.45 30.36 -10.70
N ARG A 116 -38.48 29.68 -9.56
CA ARG A 116 -39.54 29.89 -8.57
C ARG A 116 -39.10 30.92 -7.54
N PRO A 117 -40.03 31.58 -6.88
CA PRO A 117 -39.66 32.62 -5.92
C PRO A 117 -38.93 32.06 -4.71
N ALA A 118 -38.18 32.93 -4.06
CA ALA A 118 -37.41 32.56 -2.88
C ALA A 118 -38.34 32.13 -1.76
N PRO A 119 -38.23 30.91 -1.24
CA PRO A 119 -39.15 30.47 -0.19
C PRO A 119 -39.12 31.33 1.06
N ASP A 120 -37.99 31.96 1.36
CA ASP A 120 -37.86 32.86 2.52
C ASP A 120 -37.25 34.16 2.04
N PRO A 121 -38.06 35.07 1.47
CA PRO A 121 -37.53 36.34 0.97
C PRO A 121 -36.96 37.25 2.05
N SER A 122 -37.01 36.86 3.32
CA SER A 122 -36.36 37.63 4.38
C SER A 122 -34.90 37.25 4.56
N ASP A 123 -34.52 36.04 4.18
CA ASP A 123 -33.12 35.63 4.20
C ASP A 123 -32.34 36.43 3.16
N PRO A 124 -31.26 37.12 3.54
CA PRO A 124 -30.56 37.97 2.56
C PRO A 124 -29.97 37.17 1.41
N VAL A 125 -29.48 35.96 1.68
CA VAL A 125 -28.92 35.13 0.62
C VAL A 125 -29.97 34.77 -0.41
N GLN A 126 -31.23 34.62 0.01
CA GLN A 126 -32.30 34.33 -0.94
C GLN A 126 -32.52 35.49 -1.90
N ARG A 127 -32.64 36.71 -1.36
CA ARG A 127 -32.75 37.88 -2.21
C ARG A 127 -31.55 38.00 -3.13
N GLY A 128 -30.35 37.75 -2.60
CA GLY A 128 -29.15 37.86 -3.41
C GLY A 128 -29.14 36.91 -4.60
N LEU A 129 -29.39 35.62 -4.34
CA LEU A 129 -29.38 34.66 -5.43
C LEU A 129 -30.53 34.90 -6.39
N ALA A 130 -31.69 35.36 -5.90
CA ALA A 130 -32.79 35.70 -6.80
C ALA A 130 -32.38 36.83 -7.75
N ASP A 131 -31.73 37.86 -7.19
CA ASP A 131 -31.27 38.98 -8.02
C ASP A 131 -30.24 38.51 -9.03
N VAL A 132 -29.27 37.69 -8.60
CA VAL A 132 -28.26 37.17 -9.52
C VAL A 132 -28.92 36.38 -10.63
N TRP A 133 -29.93 35.57 -10.30
CA TRP A 133 -30.57 34.73 -11.31
C TRP A 133 -31.35 35.58 -12.31
N ARG A 134 -32.06 36.60 -11.82
CA ARG A 134 -32.83 37.45 -12.73
C ARG A 134 -31.91 38.25 -13.64
N THR A 135 -30.81 38.78 -13.09
CA THR A 135 -29.87 39.53 -13.93
C THR A 135 -29.17 38.61 -14.92
N LEU A 136 -28.85 37.39 -14.52
CA LEU A 136 -28.21 36.44 -15.44
C LEU A 136 -29.17 36.05 -16.56
N ASN A 137 -30.44 35.81 -16.23
CA ASN A 137 -31.41 35.49 -17.27
C ASN A 137 -31.70 36.69 -18.17
N GLY A 138 -31.49 37.90 -17.67
CA GLY A 138 -31.66 39.08 -18.51
C GLY A 138 -30.51 39.32 -19.48
N LEU A 139 -29.30 38.89 -19.11
CA LEU A 139 -28.10 39.14 -19.91
C LEU A 139 -27.71 37.97 -20.81
N ALA A 140 -28.40 36.84 -20.73
CA ALA A 140 -28.01 35.65 -21.49
C ALA A 140 -29.05 35.30 -22.54
N SER A 141 -28.61 34.63 -23.60
CA SER A 141 -29.48 34.28 -24.72
C SER A 141 -29.65 32.78 -24.84
N ASP A 142 -28.64 32.08 -25.35
CA ASP A 142 -28.70 30.62 -25.52
C ASP A 142 -27.57 29.98 -24.72
N TRP A 143 -27.93 29.31 -23.63
CA TRP A 143 -26.93 28.60 -22.84
C TRP A 143 -27.58 27.44 -22.12
N ASP A 144 -26.74 26.49 -21.71
CA ASP A 144 -27.18 25.27 -21.01
C ASP A 144 -27.40 25.59 -19.54
N ARG A 145 -28.62 26.04 -19.22
CA ARG A 145 -28.96 26.30 -17.82
C ARG A 145 -28.93 25.01 -16.99
N ALA A 146 -29.34 23.88 -17.60
CA ALA A 146 -29.37 22.62 -16.86
C ALA A 146 -27.99 22.23 -16.37
N ALA A 147 -26.97 22.42 -17.20
CA ALA A 147 -25.61 22.09 -16.78
C ALA A 147 -25.16 22.95 -15.61
N PHE A 148 -25.51 24.24 -15.63
CA PHE A 148 -25.13 25.10 -14.52
C PHE A 148 -25.88 24.71 -13.24
N VAL A 149 -27.16 24.35 -13.36
CA VAL A 149 -27.91 23.94 -12.18
C VAL A 149 -27.32 22.66 -11.60
N ASP A 150 -26.89 21.74 -12.47
CA ASP A 150 -26.25 20.52 -11.98
C ASP A 150 -24.92 20.83 -11.28
N THR A 151 -24.12 21.73 -11.86
CA THR A 151 -22.88 22.11 -11.20
C THR A 151 -23.14 22.80 -9.87
N THR A 152 -24.27 23.51 -9.77
CA THR A 152 -24.62 24.14 -8.50
C THR A 152 -25.04 23.12 -7.45
N LEU A 153 -25.76 22.08 -7.88
CA LEU A 153 -26.09 21.01 -6.94
C LEU A 153 -24.83 20.33 -6.44
N ARG A 154 -23.89 20.04 -7.34
CA ARG A 154 -22.64 19.43 -6.90
C ARG A 154 -21.83 20.37 -6.02
N TYR A 155 -21.92 21.68 -6.29
CA TYR A 155 -21.28 22.67 -5.43
C TYR A 155 -21.86 22.63 -4.03
N PHE A 156 -23.18 22.50 -3.92
N PHE A 156 -23.17 22.49 -3.91
CA PHE A 156 -23.81 22.40 -2.60
CA PHE A 156 -23.81 22.40 -2.60
C PHE A 156 -23.41 21.12 -1.87
C PHE A 156 -23.41 21.12 -1.87
N GLU A 157 -23.34 20.01 -2.60
CA GLU A 157 -22.89 18.76 -1.99
C GLU A 157 -21.46 18.86 -1.51
N ALA A 158 -20.59 19.49 -2.30
CA ALA A 158 -19.21 19.70 -1.86
C ALA A 158 -19.15 20.65 -0.67
N ASN A 159 -20.07 21.62 -0.58
CA ASN A 159 -20.10 22.46 0.61
C ASN A 159 -20.48 21.65 1.85
N ARG A 160 -21.46 20.77 1.71
CA ARG A 160 -21.81 19.88 2.82
C ARG A 160 -20.62 19.02 3.23
N TYR A 161 -19.85 18.55 2.25
CA TYR A 161 -18.62 17.79 2.53
C TYR A 161 -17.61 18.64 3.29
N GLU A 162 -17.42 19.88 2.85
CA GLU A 162 -16.52 20.80 3.53
C GLU A 162 -16.96 21.01 4.97
N ARG A 163 -18.27 21.10 5.21
CA ARG A 163 -18.76 21.30 6.57
C ARG A 163 -18.55 20.07 7.43
N VAL A 164 -18.72 18.88 6.84
CA VAL A 164 -18.44 17.65 7.57
C VAL A 164 -16.99 17.65 8.04
N ASN A 165 -16.07 18.00 7.14
CA ASN A 165 -14.66 18.02 7.51
C ASN A 165 -14.38 19.10 8.55
N ILE A 166 -14.97 20.29 8.41
CA ILE A 166 -14.71 21.37 9.37
C ILE A 166 -15.18 20.95 10.76
N ARG A 167 -16.36 20.32 10.85
CA ARG A 167 -16.82 19.86 12.16
C ARG A 167 -15.93 18.75 12.70
N ARG A 168 -15.43 17.86 11.82
CA ARG A 168 -14.45 16.90 12.30
C ARG A 168 -13.15 17.56 12.75
N GLY A 169 -12.91 18.81 12.34
CA GLY A 169 -11.70 19.50 12.74
C GLY A 169 -10.44 18.97 12.11
N ILE A 170 -10.56 18.24 11.01
CA ILE A 170 -9.42 17.56 10.41
C ILE A 170 -9.50 17.78 8.90
N PRO A 171 -8.37 17.98 8.23
CA PRO A 171 -8.41 18.16 6.78
C PRO A 171 -8.53 16.82 6.07
N PRO A 172 -9.15 16.78 4.90
CA PRO A 172 -9.30 15.53 4.17
C PRO A 172 -7.96 15.06 3.63
N THR A 173 -7.96 13.87 3.03
CA THR A 173 -6.78 13.41 2.32
C THR A 173 -6.49 14.38 1.18
N PRO A 174 -5.22 14.61 0.85
CA PRO A 174 -4.93 15.49 -0.30
C PRO A 174 -5.67 15.04 -1.56
N SER A 175 -5.70 13.75 -1.85
CA SER A 175 -6.37 13.27 -3.05
C SER A 175 -7.88 13.51 -2.98
N ALA A 176 -8.49 13.15 -1.84
CA ALA A 176 -9.92 13.37 -1.68
C ALA A 176 -10.27 14.86 -1.72
N HIS A 177 -9.35 15.71 -1.27
CA HIS A 177 -9.60 17.15 -1.29
C HIS A 177 -9.48 17.70 -2.69
N ILE A 178 -8.49 17.24 -3.45
CA ILE A 178 -8.36 17.66 -4.84
C ILE A 178 -9.60 17.25 -5.62
N GLY A 179 -10.13 16.06 -5.34
CA GLY A 179 -11.34 15.63 -6.02
C GLY A 179 -12.53 16.52 -5.71
N MSE A 180 -12.74 16.82 -4.44
CA MSE A 180 -13.93 17.56 -4.03
C MSE A 180 -13.79 19.07 -4.17
O MSE A 180 -14.78 19.80 -4.16
CB MSE A 180 -14.29 17.20 -2.58
CG MSE A 180 -14.71 15.76 -2.39
SE MSE A 180 -16.36 15.35 -3.34
CE MSE A 180 -17.62 16.22 -2.14
N ARG A 181 -12.54 19.55 -4.28
CA ARG A 181 -12.30 20.99 -4.39
C ARG A 181 -12.80 21.53 -5.72
N ARG A 182 -12.75 20.74 -6.79
CA ARG A 182 -13.28 21.19 -8.07
C ARG A 182 -14.76 21.52 -7.98
N HIS A 183 -15.51 20.77 -7.15
CA HIS A 183 -16.91 21.11 -6.92
C HIS A 183 -17.07 22.17 -5.83
N GLY A 184 -16.13 22.25 -4.88
CA GLY A 184 -16.23 23.19 -3.78
C GLY A 184 -16.04 24.64 -4.16
N GLY A 185 -15.45 24.90 -5.33
CA GLY A 185 -15.26 26.26 -5.80
C GLY A 185 -16.17 26.64 -6.95
N HIS A 186 -16.95 25.68 -7.44
CA HIS A 186 -17.87 25.88 -8.56
C HIS A 186 -17.14 26.42 -9.79
N VAL A 187 -16.00 25.82 -10.10
CA VAL A 187 -15.18 26.32 -11.20
C VAL A 187 -15.82 25.96 -12.54
N TYR A 188 -16.46 24.80 -12.64
CA TYR A 188 -17.17 24.45 -13.87
C TYR A 188 -18.37 25.36 -14.07
N GLY A 189 -19.08 25.68 -12.99
CA GLY A 189 -20.13 26.68 -13.09
C GLY A 189 -19.58 28.03 -13.51
N MSE A 190 -18.37 28.36 -13.09
CA MSE A 190 -17.71 29.59 -13.51
C MSE A 190 -17.44 29.57 -15.01
O MSE A 190 -17.64 30.57 -15.68
CB MSE A 190 -16.41 29.79 -12.74
CG MSE A 190 -16.60 30.33 -11.34
SE MSE A 190 -17.43 32.10 -11.38
CE MSE A 190 -15.92 33.12 -12.07
N TYR A 191 -16.98 28.43 -15.52
CA TYR A 191 -16.76 28.28 -16.96
C TYR A 191 -18.08 28.46 -17.73
N ILE A 192 -19.14 27.82 -17.25
CA ILE A 192 -20.44 27.91 -17.92
C ILE A 192 -20.95 29.34 -17.90
N LEU A 193 -20.79 30.03 -16.78
CA LEU A 193 -21.25 31.41 -16.69
C LEU A 193 -20.40 32.34 -17.54
N GLY A 194 -19.10 32.08 -17.64
CA GLY A 194 -18.27 32.87 -18.52
C GLY A 194 -18.66 32.70 -19.97
N ALA A 195 -19.06 31.49 -20.34
CA ALA A 195 -19.59 31.26 -21.69
C ALA A 195 -20.90 32.01 -21.90
N ALA A 196 -21.84 31.87 -20.96
CA ALA A 196 -23.17 32.46 -21.13
C ALA A 196 -23.12 33.98 -21.10
N VAL A 197 -22.22 34.55 -20.30
CA VAL A 197 -22.18 36.00 -20.09
C VAL A 197 -21.46 36.70 -21.24
N ASN A 198 -20.29 36.18 -21.61
CA ASN A 198 -19.46 36.81 -22.63
C ASN A 198 -19.88 36.44 -24.05
N GLY A 199 -21.07 35.88 -24.22
CA GLY A 199 -21.65 35.70 -25.54
C GLY A 199 -20.95 34.69 -26.43
N TYR A 200 -20.55 33.55 -25.89
CA TYR A 200 -19.99 32.47 -26.69
C TYR A 200 -20.40 31.14 -26.08
N ARG A 201 -20.75 30.18 -26.92
CA ARG A 201 -21.02 28.85 -26.40
C ARG A 201 -20.38 27.79 -27.30
N PRO A 202 -19.41 27.03 -26.78
CA PRO A 202 -18.77 25.99 -27.59
C PRO A 202 -19.73 24.85 -27.88
N GLU A 203 -19.48 24.16 -28.99
CA GLU A 203 -20.29 23.01 -29.33
C GLU A 203 -20.16 21.95 -28.25
N ARG A 204 -21.29 21.35 -27.87
CA ARG A 204 -21.26 20.26 -26.90
C ARG A 204 -20.45 19.08 -27.42
N ARG A 205 -20.30 18.97 -28.74
CA ARG A 205 -19.42 17.96 -29.32
C ARG A 205 -17.96 18.22 -29.00
N VAL A 206 -17.62 19.42 -28.54
CA VAL A 206 -16.27 19.74 -28.12
C VAL A 206 -16.15 19.74 -26.60
N LEU A 207 -17.13 20.33 -25.91
CA LEU A 207 -17.08 20.39 -24.45
C LEU A 207 -17.09 19.00 -23.84
N ASP A 208 -17.73 18.03 -24.48
CA ASP A 208 -17.76 16.66 -23.99
C ASP A 208 -16.52 15.85 -24.38
N HIS A 209 -15.67 16.39 -25.24
CA HIS A 209 -14.46 15.68 -25.65
C HIS A 209 -13.58 15.41 -24.43
N ALA A 210 -12.97 14.22 -24.39
CA ALA A 210 -12.18 13.82 -23.23
C ALA A 210 -11.02 14.77 -23.00
N ALA A 211 -10.36 15.21 -24.08
CA ALA A 211 -9.24 16.13 -23.95
C ALA A 211 -9.68 17.45 -23.35
N VAL A 212 -10.80 18.00 -23.84
CA VAL A 212 -11.33 19.25 -23.29
C VAL A 212 -11.75 19.07 -21.85
N ARG A 213 -12.34 17.91 -21.55
CA ARG A 213 -12.76 17.60 -20.18
C ARG A 213 -11.58 17.64 -19.23
N GLU A 214 -10.50 16.92 -19.56
CA GLU A 214 -9.35 16.86 -18.65
C GLU A 214 -8.57 18.17 -18.66
N LEU A 215 -8.63 18.93 -19.75
CA LEU A 215 -8.01 20.25 -19.73
C LEU A 215 -8.77 21.20 -18.81
N GLU A 216 -10.10 21.12 -18.82
CA GLU A 216 -10.89 21.88 -17.84
C GLU A 216 -10.54 21.47 -16.42
N THR A 217 -10.39 20.16 -16.18
CA THR A 217 -10.03 19.72 -14.84
C THR A 217 -8.66 20.25 -14.42
N LEU A 218 -7.71 20.27 -15.36
CA LEU A 218 -6.37 20.80 -15.06
C LEU A 218 -6.43 22.28 -14.72
N ALA A 219 -7.18 23.05 -15.53
CA ALA A 219 -7.30 24.49 -15.27
C ALA A 219 -7.97 24.76 -13.92
N ALA A 220 -9.03 24.01 -13.62
CA ALA A 220 -9.70 24.17 -12.33
C ALA A 220 -8.78 23.81 -11.19
N ASN A 221 -7.98 22.75 -11.35
CA ASN A 221 -6.99 22.39 -10.34
C ASN A 221 -6.02 23.54 -10.10
N TYR A 222 -5.46 24.10 -11.18
CA TYR A 222 -4.51 25.19 -11.02
C TYR A 222 -5.14 26.38 -10.29
N THR A 223 -6.33 26.80 -10.74
CA THR A 223 -6.97 27.95 -10.12
C THR A 223 -7.27 27.70 -8.65
N SER A 224 -7.89 26.55 -8.33
CA SER A 224 -8.31 26.29 -6.96
C SER A 224 -7.11 26.08 -6.04
N TRP A 225 -6.06 25.41 -6.52
CA TRP A 225 -4.87 25.24 -5.69
C TRP A 225 -4.16 26.55 -5.46
N ALA A 226 -4.13 27.44 -6.47
CA ALA A 226 -3.56 28.76 -6.26
C ALA A 226 -4.36 29.52 -5.21
N ASN A 227 -5.70 29.45 -5.29
CA ASN A 227 -6.53 30.10 -4.30
C ASN A 227 -6.24 29.55 -2.91
N ASP A 228 -6.12 28.23 -2.79
CA ASP A 228 -5.81 27.61 -1.51
C ASP A 228 -4.46 28.09 -1.00
N LEU A 229 -3.46 28.11 -1.88
CA LEU A 229 -2.13 28.52 -1.49
C LEU A 229 -2.12 29.94 -0.96
N HIS A 230 -2.92 30.81 -1.56
CA HIS A 230 -2.91 32.20 -1.12
C HIS A 230 -3.76 32.41 0.14
N SER A 231 -4.91 31.74 0.23
CA SER A 231 -5.83 31.94 1.34
C SER A 231 -5.60 30.96 2.47
N PHE A 232 -4.47 30.26 2.47
CA PHE A 232 -4.19 29.32 3.55
C PHE A 232 -4.24 29.99 4.92
N ALA A 233 -3.64 31.18 5.05
CA ALA A 233 -3.62 31.83 6.36
C ALA A 233 -5.04 32.16 6.83
N ARG A 234 -5.84 32.78 5.95
CA ARG A 234 -7.20 33.15 6.31
C ARG A 234 -8.05 31.93 6.64
N GLU A 235 -7.93 30.86 5.85
CA GLU A 235 -8.74 29.67 6.10
C GLU A 235 -8.23 28.86 7.28
N HIS A 236 -6.94 28.99 7.61
CA HIS A 236 -6.37 28.31 8.77
C HIS A 236 -6.78 28.98 10.07
N ARG A 237 -6.87 30.31 10.08
CA ARG A 237 -7.33 30.99 11.27
C ARG A 237 -8.79 30.64 11.57
N MSE A 238 -9.62 30.57 10.54
CA MSE A 238 -11.06 30.32 10.71
C MSE A 238 -11.39 28.86 11.01
O MSE A 238 -12.56 28.51 11.19
CB MSE A 238 -11.82 30.74 9.45
CG MSE A 238 -11.67 32.20 9.10
SE MSE A 238 -12.52 32.55 7.39
CE MSE A 238 -13.16 34.37 7.77
N GLY A 239 -10.36 28.02 11.04
CA GLY A 239 -10.57 26.59 11.19
C GLY A 239 -11.05 25.89 9.94
N GLN A 240 -11.06 26.58 8.80
CA GLN A 240 -11.42 25.98 7.52
C GLN A 240 -10.29 25.03 7.10
N VAL A 241 -10.50 23.74 7.33
CA VAL A 241 -9.47 22.75 7.01
C VAL A 241 -9.51 22.27 5.58
N ASN A 242 -10.47 22.75 4.77
CA ASN A 242 -10.54 22.35 3.36
C ASN A 242 -9.57 23.23 2.57
N ASN A 243 -8.28 23.01 2.82
CA ASN A 243 -7.20 23.72 2.16
C ASN A 243 -6.09 22.73 1.86
N LEU A 244 -5.56 22.79 0.64
CA LEU A 244 -4.57 21.80 0.22
C LEU A 244 -3.29 21.88 1.06
N VAL A 245 -2.97 23.06 1.60
CA VAL A 245 -1.83 23.17 2.49
C VAL A 245 -2.11 22.45 3.81
N TRP A 246 -3.29 22.71 4.40
CA TRP A 246 -3.74 21.94 5.56
C TRP A 246 -3.55 20.44 5.33
N SER A 247 -4.08 19.96 4.21
CA SER A 247 -4.15 18.53 3.95
C SER A 247 -2.76 17.94 3.74
N VAL A 248 -1.91 18.63 2.97
CA VAL A 248 -0.56 18.12 2.73
C VAL A 248 0.24 18.10 4.02
N HIS A 249 0.11 19.14 4.85
CA HIS A 249 0.79 19.16 6.14
C HIS A 249 0.31 18.02 7.02
N HIS A 250 -0.99 17.74 6.98
CA HIS A 250 -1.58 16.77 7.91
C HIS A 250 -1.22 15.34 7.53
N HIS A 251 -1.43 14.97 6.27
CA HIS A 251 -1.33 13.57 5.86
C HIS A 251 0.02 13.18 5.29
N GLU A 252 0.82 14.13 4.82
CA GLU A 252 2.12 13.84 4.27
C GLU A 252 3.26 14.22 5.20
N GLY A 253 2.96 14.61 6.43
CA GLY A 253 3.99 14.88 7.42
C GLY A 253 4.97 15.97 7.05
N LEU A 254 4.47 17.16 6.72
CA LEU A 254 5.31 18.27 6.33
C LEU A 254 5.01 19.50 7.18
N THR A 255 6.01 20.36 7.33
CA THR A 255 5.77 21.67 7.91
C THR A 255 4.82 22.44 7.01
N PHE A 256 4.11 23.40 7.62
CA PHE A 256 3.24 24.27 6.83
C PHE A 256 4.03 24.98 5.72
N GLN A 257 5.28 25.34 5.99
CA GLN A 257 6.12 25.93 4.96
C GLN A 257 6.42 24.91 3.86
N GLN A 258 6.81 23.69 4.25
CA GLN A 258 7.06 22.65 3.26
C GLN A 258 5.79 22.32 2.48
N ALA A 259 4.64 22.35 3.15
CA ALA A 259 3.37 22.08 2.48
C ALA A 259 3.05 23.16 1.45
N ALA A 260 3.26 24.43 1.82
CA ALA A 260 3.01 25.50 0.86
C ALA A 260 3.97 25.40 -0.33
N ASP A 261 5.23 25.04 -0.07
CA ASP A 261 6.18 24.88 -1.16
C ASP A 261 5.79 23.74 -2.08
N ARG A 262 5.35 22.61 -1.50
CA ARG A 262 4.93 21.49 -2.34
C ARG A 262 3.68 21.84 -3.14
N VAL A 263 2.77 22.62 -2.56
CA VAL A 263 1.59 23.04 -3.30
C VAL A 263 1.99 23.93 -4.47
N ALA A 264 2.95 24.84 -4.26
CA ALA A 264 3.41 25.69 -5.35
C ALA A 264 4.05 24.86 -6.46
N ASP A 265 4.85 23.86 -6.07
CA ASP A 265 5.47 23.01 -7.09
C ASP A 265 4.43 22.20 -7.84
N LEU A 266 3.40 21.72 -7.13
CA LEU A 266 2.31 21.01 -7.80
C LEU A 266 1.58 21.94 -8.78
N CYS A 267 1.39 23.21 -8.39
CA CYS A 267 0.80 24.16 -9.31
C CYS A 267 1.64 24.32 -10.56
N ASP A 268 2.96 24.44 -10.40
CA ASP A 268 3.84 24.56 -11.57
C ASP A 268 3.73 23.35 -12.47
N LYS A 269 3.74 22.15 -11.88
CA LYS A 269 3.64 20.92 -12.66
C LYS A 269 2.30 20.86 -13.39
N GLU A 270 1.23 21.30 -12.73
CA GLU A 270 -0.08 21.26 -13.37
C GLU A 270 -0.21 22.30 -14.47
N LEU A 271 0.48 23.44 -14.33
CA LEU A 271 0.52 24.41 -15.42
C LEU A 271 1.23 23.81 -16.64
N ALA A 272 2.35 23.14 -16.40
CA ALA A 272 3.03 22.45 -17.50
C ALA A 272 2.10 21.43 -18.16
N ALA A 273 1.37 20.67 -17.36
CA ALA A 273 0.44 19.68 -17.90
C ALA A 273 -0.66 20.36 -18.71
N TYR A 274 -1.19 21.48 -18.22
CA TYR A 274 -2.22 22.20 -18.94
C TYR A 274 -1.71 22.67 -20.29
N LEU A 275 -0.51 23.24 -20.32
CA LEU A 275 0.06 23.70 -21.58
C LEU A 275 0.27 22.54 -22.55
N GLU A 276 0.75 21.40 -22.05
CA GLU A 276 0.98 20.25 -22.92
C GLU A 276 -0.34 19.78 -23.54
N LEU A 277 -1.38 19.61 -22.72
CA LEU A 277 -2.68 19.21 -23.25
C LEU A 277 -3.22 20.23 -24.24
N ARG A 278 -3.12 21.53 -23.91
CA ARG A 278 -3.64 22.55 -24.81
C ARG A 278 -2.95 22.50 -26.16
N GLN A 279 -1.63 22.31 -26.16
CA GLN A 279 -0.92 22.21 -27.43
C GLN A 279 -1.30 20.93 -28.18
N THR A 280 -1.61 19.86 -27.44
CA THR A 280 -2.01 18.61 -28.09
C THR A 280 -3.42 18.67 -28.67
N LEU A 281 -4.27 19.56 -28.14
CA LEU A 281 -5.66 19.65 -28.60
C LEU A 281 -5.82 19.77 -30.12
N PRO A 282 -5.10 20.65 -30.83
CA PRO A 282 -5.33 20.74 -32.28
C PRO A 282 -5.03 19.45 -33.02
N GLU A 283 -4.02 18.69 -32.56
CA GLU A 283 -3.68 17.42 -33.21
C GLU A 283 -4.79 16.40 -33.03
N LEU A 284 -5.58 16.53 -31.96
CA LEU A 284 -6.70 15.61 -31.73
C LEU A 284 -7.92 15.95 -32.55
N GLY A 285 -7.89 17.02 -33.33
CA GLY A 285 -9.04 17.45 -34.09
C GLY A 285 -9.84 18.56 -33.46
N ILE A 286 -9.29 19.27 -32.48
CA ILE A 286 -9.97 20.35 -31.79
C ILE A 286 -9.14 21.62 -31.96
N PRO A 287 -9.47 22.46 -32.93
CA PRO A 287 -8.77 23.74 -33.07
C PRO A 287 -9.28 24.77 -32.07
N LEU A 288 -8.37 25.62 -31.64
CA LEU A 288 -8.74 26.71 -30.73
C LEU A 288 -9.10 27.96 -31.51
N THR A 289 -10.07 27.79 -32.40
CA THR A 289 -10.49 28.84 -33.32
C THR A 289 -11.72 29.57 -32.82
N GLY A 290 -12.89 28.96 -32.96
CA GLY A 290 -14.13 29.64 -32.67
C GLY A 290 -14.45 29.77 -31.21
N ALA A 291 -15.60 29.24 -30.79
CA ALA A 291 -15.98 29.32 -29.39
C ALA A 291 -15.06 28.50 -28.50
N THR A 292 -14.48 27.42 -29.02
CA THR A 292 -13.53 26.63 -28.25
C THR A 292 -12.31 27.46 -27.87
N GLY A 293 -11.85 28.30 -28.79
CA GLY A 293 -10.72 29.17 -28.50
C GLY A 293 -11.03 30.13 -27.36
N ARG A 294 -12.19 30.78 -27.44
CA ARG A 294 -12.57 31.71 -26.37
C ARG A 294 -12.80 30.97 -25.05
N HIS A 295 -13.23 29.72 -25.11
CA HIS A 295 -13.41 28.95 -23.88
C HIS A 295 -12.07 28.65 -23.23
N VAL A 296 -11.10 28.20 -24.02
CA VAL A 296 -9.76 27.96 -23.47
C VAL A 296 -9.17 29.26 -22.95
N ARG A 297 -9.42 30.38 -23.64
CA ARG A 297 -8.92 31.66 -23.16
C ARG A 297 -9.56 32.07 -21.85
N PHE A 298 -10.84 31.72 -21.65
CA PHE A 298 -11.48 32.02 -20.38
C PHE A 298 -10.93 31.12 -19.26
N LEU A 299 -10.64 29.86 -19.58
CA LEU A 299 -9.96 29.00 -18.62
C LEU A 299 -8.64 29.62 -18.18
N GLU A 300 -7.85 30.07 -19.16
CA GLU A 300 -6.59 30.74 -18.86
C GLU A 300 -6.80 32.03 -18.08
N ASP A 301 -7.93 32.71 -18.31
CA ASP A 301 -8.21 33.94 -17.58
C ASP A 301 -8.22 33.68 -16.08
N MSE A 302 -8.98 32.68 -15.67
CA MSE A 302 -9.16 32.41 -14.25
C MSE A 302 -7.87 31.96 -13.58
O MSE A 302 -7.70 32.13 -12.37
CB MSE A 302 -10.27 31.37 -14.06
CG MSE A 302 -11.61 31.86 -14.61
SE MSE A 302 -13.13 30.90 -13.88
CE MSE A 302 -12.63 30.91 -11.99
N MSE A 303 -6.96 31.38 -14.36
CA MSE A 303 -5.67 30.98 -13.82
C MSE A 303 -4.83 32.19 -13.48
O MSE A 303 -4.36 32.34 -12.34
CB MSE A 303 -4.94 30.07 -14.81
CG MSE A 303 -5.54 28.69 -14.91
SE MSE A 303 -4.45 27.48 -15.97
CE MSE A 303 -5.52 27.49 -17.59
N TRP A 304 -4.63 33.07 -14.46
CA TRP A 304 -3.89 34.30 -14.21
C TRP A 304 -4.60 35.18 -13.20
N SER A 305 -5.94 35.21 -13.25
CA SER A 305 -6.69 36.08 -12.36
C SER A 305 -6.40 35.74 -10.90
N MSE A 306 -6.35 34.46 -10.58
CA MSE A 306 -6.11 34.05 -9.21
C MSE A 306 -4.76 34.59 -8.75
O MSE A 306 -4.67 35.24 -7.71
CB MSE A 306 -6.15 32.53 -9.08
CG MSE A 306 -6.52 32.05 -7.68
SE MSE A 306 -8.04 33.03 -6.93
CE MSE A 306 -9.39 32.66 -8.31
N VAL A 307 -3.73 34.36 -9.56
CA VAL A 307 -2.38 34.78 -9.20
C VAL A 307 -2.31 36.28 -8.99
N ASP A 308 -2.69 37.06 -10.02
CA ASP A 308 -2.49 38.50 -9.95
C ASP A 308 -3.44 39.17 -8.97
N TRP A 309 -4.66 38.66 -8.82
CA TRP A 309 -5.66 39.26 -7.94
C TRP A 309 -5.36 38.97 -6.48
N SER A 310 -4.95 37.74 -6.16
CA SER A 310 -4.67 37.36 -4.78
C SER A 310 -3.48 38.15 -4.23
N ASP B 2 18.34 -3.67 -22.45
CA ASP B 2 17.71 -2.94 -21.36
C ASP B 2 18.27 -3.37 -20.01
N MSE B 3 17.75 -2.75 -18.95
CA MSE B 3 18.11 -3.10 -17.59
C MSE B 3 16.97 -3.83 -16.89
O MSE B 3 16.01 -4.26 -17.54
CB MSE B 3 18.49 -1.84 -16.79
CG MSE B 3 19.64 -1.04 -17.38
SE MSE B 3 21.38 -1.91 -17.19
CE MSE B 3 21.79 -1.40 -15.36
N THR B 4 17.08 -3.98 -15.57
CA THR B 4 16.11 -4.71 -14.77
C THR B 4 15.32 -3.74 -13.90
N ILE B 5 14.01 -3.90 -13.89
CA ILE B 5 13.13 -3.13 -13.02
C ILE B 5 12.48 -4.09 -12.03
N SER B 6 12.14 -3.57 -10.84
CA SER B 6 11.56 -4.39 -9.79
C SER B 6 10.21 -3.79 -9.43
N VAL B 7 9.13 -4.48 -9.80
CA VAL B 7 7.78 -3.97 -9.55
C VAL B 7 7.44 -4.21 -8.08
N PRO B 8 7.12 -3.18 -7.31
CA PRO B 8 6.73 -3.40 -5.91
C PRO B 8 5.37 -4.07 -5.83
N GLN B 9 5.07 -4.56 -4.63
CA GLN B 9 3.77 -5.16 -4.37
C GLN B 9 2.79 -4.09 -3.87
N LEU B 10 1.50 -4.43 -3.93
CA LEU B 10 0.44 -3.52 -3.51
C LEU B 10 -0.46 -4.26 -2.54
N ASP B 11 -0.45 -3.85 -1.28
CA ASP B 11 -1.34 -4.42 -0.26
C ASP B 11 -2.60 -3.58 -0.18
N CYS B 12 -3.74 -4.16 -0.54
CA CYS B 12 -5.00 -3.49 -0.38
C CYS B 12 -5.94 -4.35 0.45
N PRO B 13 -6.51 -3.81 1.54
CA PRO B 13 -7.36 -4.65 2.39
C PRO B 13 -8.73 -4.93 1.79
N LEU B 14 -8.76 -5.42 0.55
CA LEU B 14 -10.00 -5.77 -0.12
C LEU B 14 -9.90 -7.21 -0.60
N SER B 15 -10.75 -8.08 -0.10
CA SER B 15 -10.73 -9.49 -0.45
C SER B 15 -11.98 -9.86 -1.22
N ARG B 16 -11.86 -10.88 -2.08
CA ARG B 16 -12.98 -11.27 -2.92
C ARG B 16 -12.77 -12.68 -3.45
N PRO B 17 -13.78 -13.53 -3.43
CA PRO B 17 -13.65 -14.87 -4.02
C PRO B 17 -13.79 -14.85 -5.53
N VAL B 18 -13.16 -15.84 -6.16
CA VAL B 18 -13.15 -15.95 -7.62
C VAL B 18 -14.31 -16.83 -8.05
N HIS B 19 -14.82 -16.59 -9.25
CA HIS B 19 -15.87 -17.48 -9.76
C HIS B 19 -15.22 -18.80 -10.19
N PRO B 20 -15.85 -19.93 -9.87
CA PRO B 20 -15.16 -21.22 -10.09
C PRO B 20 -14.95 -21.56 -11.56
N GLU B 21 -15.86 -21.17 -12.43
CA GLU B 21 -15.78 -21.55 -13.85
C GLU B 21 -14.64 -20.85 -14.60
N GLY B 22 -13.78 -20.12 -13.88
CA GLY B 22 -12.72 -19.33 -14.47
C GLY B 22 -11.95 -20.00 -15.57
N GLU B 23 -11.27 -21.11 -15.24
CA GLU B 23 -10.47 -21.83 -16.24
C GLU B 23 -11.30 -22.15 -17.48
N ARG B 24 -12.54 -22.61 -17.28
CA ARG B 24 -13.44 -22.85 -18.41
C ARG B 24 -13.47 -21.64 -19.34
N ALA B 25 -13.82 -20.48 -18.78
CA ALA B 25 -13.91 -19.26 -19.57
C ALA B 25 -12.63 -19.02 -20.34
N ASP B 26 -11.48 -19.30 -19.73
CA ASP B 26 -10.20 -19.19 -20.43
C ASP B 26 -10.28 -19.83 -21.80
N ALA B 27 -10.53 -21.15 -21.82
CA ALA B 27 -10.69 -21.86 -23.09
C ALA B 27 -11.78 -21.20 -23.93
N TYR B 28 -12.92 -20.90 -23.32
CA TYR B 28 -14.01 -20.27 -24.07
C TYR B 28 -13.54 -18.99 -24.74
N ALA B 29 -12.74 -18.19 -24.03
CA ALA B 29 -12.17 -16.99 -24.63
C ALA B 29 -11.52 -17.34 -25.96
N VAL B 30 -10.54 -18.25 -25.91
CA VAL B 30 -9.88 -18.70 -27.14
C VAL B 30 -10.90 -19.10 -28.18
N GLU B 31 -11.87 -19.93 -27.78
CA GLU B 31 -12.94 -20.35 -28.69
C GLU B 31 -13.57 -19.14 -29.35
N TRP B 32 -14.07 -18.19 -28.55
CA TRP B 32 -14.68 -17.00 -29.12
C TRP B 32 -13.69 -16.24 -30.00
N LEU B 33 -12.44 -16.12 -29.54
CA LEU B 33 -11.43 -15.41 -30.33
C LEU B 33 -11.17 -16.10 -31.66
N ARG B 34 -11.41 -17.41 -31.74
CA ARG B 34 -11.30 -18.10 -33.01
C ARG B 34 -12.61 -18.08 -33.80
N GLY B 35 -13.74 -17.93 -33.11
CA GLY B 35 -15.03 -17.88 -33.77
C GLY B 35 -15.41 -16.54 -34.35
N VAL B 36 -14.60 -15.51 -34.11
CA VAL B 36 -14.86 -14.17 -34.59
C VAL B 36 -13.86 -13.74 -35.65
N GLY B 37 -12.60 -14.13 -35.48
CA GLY B 37 -11.52 -13.73 -36.38
C GLY B 37 -10.36 -13.08 -35.68
N LEU B 38 -10.44 -12.88 -34.35
CA LEU B 38 -9.32 -12.34 -33.58
C LEU B 38 -8.22 -13.38 -33.34
N MSE B 39 -8.50 -14.64 -33.61
CA MSE B 39 -7.51 -15.71 -33.53
C MSE B 39 -7.73 -16.67 -34.69
O MSE B 39 -8.86 -16.92 -35.09
CB MSE B 39 -7.59 -16.43 -32.19
CG MSE B 39 -6.30 -17.09 -31.78
SE MSE B 39 -6.34 -17.66 -29.92
CE MSE B 39 -4.46 -18.15 -29.74
N ALA B 40 -6.64 -17.22 -35.24
CA ALA B 40 -6.67 -17.90 -36.53
C ALA B 40 -6.23 -19.35 -36.39
N ASP B 41 -7.21 -20.26 -36.47
CA ASP B 41 -6.96 -21.67 -36.76
C ASP B 41 -6.10 -22.36 -35.72
N GLU B 42 -4.83 -22.57 -36.05
CA GLU B 42 -3.91 -23.37 -35.25
C GLU B 42 -2.86 -22.45 -34.61
N ALA B 43 -3.32 -21.61 -33.69
CA ALA B 43 -2.45 -20.75 -32.90
C ALA B 43 -2.43 -21.27 -31.47
N ASP B 44 -1.24 -21.36 -30.89
CA ASP B 44 -1.10 -21.94 -29.56
C ASP B 44 -1.92 -21.16 -28.54
N ALA B 45 -2.76 -21.88 -27.80
CA ALA B 45 -3.62 -21.27 -26.79
C ALA B 45 -2.93 -21.10 -25.45
N ALA B 46 -1.75 -21.70 -25.27
CA ALA B 46 -1.03 -21.55 -24.00
C ALA B 46 -0.62 -20.11 -23.73
N PRO B 47 -0.13 -19.32 -24.69
CA PRO B 47 0.09 -17.89 -24.41
C PRO B 47 -1.18 -17.11 -24.14
N VAL B 48 -2.34 -17.58 -24.61
CA VAL B 48 -3.60 -16.88 -24.36
C VAL B 48 -4.27 -17.38 -23.09
N LEU B 49 -4.20 -18.68 -22.82
CA LEU B 49 -4.71 -19.19 -21.54
C LEU B 49 -3.90 -18.64 -20.37
N ALA B 50 -2.60 -18.40 -20.57
CA ALA B 50 -1.77 -17.80 -19.52
C ALA B 50 -2.16 -16.36 -19.23
N VAL B 51 -2.84 -15.69 -20.15
CA VAL B 51 -3.37 -14.35 -19.87
C VAL B 51 -4.41 -14.42 -18.77
N GLY B 52 -5.29 -15.41 -18.83
CA GLY B 52 -6.33 -15.57 -17.83
C GLY B 52 -7.52 -14.65 -18.03
N LEU B 53 -7.95 -14.44 -19.27
CA LEU B 53 -9.07 -13.57 -19.53
C LEU B 53 -10.33 -14.04 -18.81
N GLY B 54 -10.48 -15.36 -18.64
CA GLY B 54 -11.63 -15.85 -17.91
C GLY B 54 -11.52 -15.64 -16.41
N ARG B 55 -10.30 -15.63 -15.88
CA ARG B 55 -10.12 -15.44 -14.44
C ARG B 55 -10.44 -14.01 -14.04
N LEU B 56 -10.05 -13.04 -14.86
CA LEU B 56 -10.44 -11.65 -14.61
C LEU B 56 -11.96 -11.50 -14.69
N ALA B 57 -12.59 -12.13 -15.69
CA ALA B 57 -14.04 -12.15 -15.77
C ALA B 57 -14.66 -12.74 -14.52
N ALA B 58 -14.03 -13.78 -13.97
CA ALA B 58 -14.50 -14.38 -12.72
C ALA B 58 -14.36 -13.39 -11.57
N CYS B 59 -13.31 -12.58 -11.59
CA CYS B 59 -13.15 -11.53 -10.59
C CYS B 59 -14.21 -10.43 -10.73
N TYR B 60 -14.80 -10.27 -11.92
CA TYR B 60 -15.73 -9.17 -12.14
C TYR B 60 -17.20 -9.53 -11.97
N VAL B 61 -17.53 -10.82 -11.83
CA VAL B 61 -18.91 -11.24 -11.67
C VAL B 61 -19.06 -11.97 -10.34
N ASP B 62 -20.32 -12.19 -9.94
CA ASP B 62 -20.59 -12.84 -8.67
C ASP B 62 -20.24 -14.33 -8.73
N GLU B 63 -20.04 -14.92 -7.54
CA GLU B 63 -19.87 -16.37 -7.46
C GLU B 63 -21.11 -17.09 -7.94
N ASN B 64 -22.29 -16.61 -7.54
CA ASN B 64 -23.55 -17.24 -7.91
C ASN B 64 -24.12 -16.57 -9.17
N ALA B 65 -23.30 -16.56 -10.21
CA ALA B 65 -23.65 -15.95 -11.48
C ALA B 65 -23.71 -17.01 -12.57
N SER B 66 -24.46 -16.69 -13.62
CA SER B 66 -24.68 -17.64 -14.70
C SER B 66 -23.43 -17.78 -15.57
N TRP B 67 -23.30 -18.95 -16.20
CA TRP B 67 -22.24 -19.08 -17.20
C TRP B 67 -22.49 -18.16 -18.37
N ASP B 68 -23.75 -17.73 -18.58
CA ASP B 68 -24.02 -16.70 -19.57
C ASP B 68 -23.35 -15.39 -19.19
N THR B 69 -23.51 -14.99 -17.92
CA THR B 69 -22.93 -13.74 -17.44
C THR B 69 -21.40 -13.80 -17.44
N LEU B 70 -20.84 -14.87 -16.84
CA LEU B 70 -19.39 -15.03 -16.84
C LEU B 70 -18.83 -15.10 -18.25
N ALA B 71 -19.56 -15.76 -19.15
CA ALA B 71 -19.12 -15.87 -20.54
C ALA B 71 -19.13 -14.51 -21.23
N PHE B 72 -20.17 -13.71 -21.00
CA PHE B 72 -20.20 -12.38 -21.60
C PHE B 72 -19.07 -11.53 -21.06
N MSE B 73 -18.78 -11.64 -19.77
CA MSE B 73 -17.71 -10.86 -19.16
C MSE B 73 -16.37 -11.25 -19.80
O MSE B 73 -15.54 -10.38 -20.10
CB MSE B 73 -17.69 -11.07 -17.64
CG MSE B 73 -16.79 -10.11 -16.86
SE MSE B 73 -17.32 -8.22 -16.95
CE MSE B 73 -19.17 -8.34 -16.35
N THR B 74 -16.17 -12.55 -20.01
CA THR B 74 -14.94 -13.01 -20.66
C THR B 74 -14.85 -12.52 -22.10
N ILE B 75 -15.97 -12.57 -22.83
CA ILE B 75 -16.00 -12.09 -24.21
C ILE B 75 -15.62 -10.62 -24.26
N LEU B 76 -16.20 -9.83 -23.36
CA LEU B 76 -15.95 -8.39 -23.34
C LEU B 76 -14.50 -8.08 -22.99
N LEU B 77 -13.97 -8.73 -21.95
CA LEU B 77 -12.58 -8.47 -21.57
C LEU B 77 -11.60 -8.95 -22.64
N ALA B 78 -11.98 -9.98 -23.40
CA ALA B 78 -11.13 -10.44 -24.49
C ALA B 78 -11.18 -9.46 -25.66
N TRP B 79 -12.36 -8.91 -25.96
CA TRP B 79 -12.47 -7.96 -27.05
C TRP B 79 -11.71 -6.68 -26.73
N TYR B 80 -11.81 -6.21 -25.49
CA TYR B 80 -11.01 -5.06 -25.06
C TYR B 80 -9.53 -5.32 -25.27
N ALA B 81 -9.07 -6.53 -24.93
CA ALA B 81 -7.65 -6.85 -25.03
C ALA B 81 -7.17 -6.82 -26.48
N GLU B 82 -7.97 -7.36 -27.40
CA GLU B 82 -7.55 -7.36 -28.80
C GLU B 82 -7.62 -5.96 -29.39
N TYR B 83 -8.68 -5.20 -29.09
CA TYR B 83 -8.77 -3.85 -29.64
C TYR B 83 -7.64 -2.98 -29.11
N ASP B 84 -7.42 -3.00 -27.80
CA ASP B 84 -6.41 -2.15 -27.20
C ASP B 84 -5.01 -2.49 -27.71
N ASP B 85 -4.75 -3.77 -28.01
CA ASP B 85 -3.41 -4.16 -28.45
C ASP B 85 -3.15 -3.83 -29.92
N ARG B 86 -4.17 -3.93 -30.77
CA ARG B 86 -3.98 -3.74 -32.21
C ARG B 86 -4.11 -2.28 -32.62
N ALA B 87 -5.02 -1.52 -31.99
CA ALA B 87 -5.36 -0.19 -32.44
C ALA B 87 -4.67 0.91 -31.64
N ILE B 88 -3.87 0.56 -30.63
CA ILE B 88 -3.33 1.58 -29.75
C ILE B 88 -1.82 1.44 -29.60
N ASP B 89 -1.36 0.27 -29.16
CA ASP B 89 0.03 0.08 -28.75
C ASP B 89 1.01 -0.25 -29.88
N SER B 90 0.52 -0.81 -31.00
CA SER B 90 1.42 -1.29 -32.04
C SER B 90 2.03 -0.15 -32.85
N THR B 91 1.24 0.85 -33.23
CA THR B 91 1.70 1.88 -34.14
C THR B 91 2.75 2.78 -33.49
N ASP B 95 4.96 -3.00 -37.28
CA ASP B 95 3.64 -2.82 -37.88
C ASP B 95 2.85 -1.70 -37.20
N GLY B 96 1.58 -1.57 -37.56
CA GLY B 96 0.75 -0.52 -37.04
C GLY B 96 -0.40 -0.22 -37.97
N LEU B 97 -1.26 0.70 -37.53
CA LEU B 97 -2.38 1.17 -38.30
C LEU B 97 -2.26 2.67 -38.55
N THR B 98 -2.73 3.10 -39.71
CA THR B 98 -2.73 4.52 -40.01
C THR B 98 -3.77 5.23 -39.17
N ASP B 99 -3.63 6.55 -39.04
CA ASP B 99 -4.62 7.32 -38.29
C ASP B 99 -5.97 7.29 -38.98
N ALA B 100 -6.00 7.22 -40.30
CA ALA B 100 -7.27 7.14 -41.01
C ALA B 100 -7.97 5.80 -40.76
N GLU B 101 -7.20 4.70 -40.74
CA GLU B 101 -7.81 3.41 -40.45
C GLU B 101 -8.40 3.39 -39.04
N VAL B 102 -7.69 3.96 -38.07
CA VAL B 102 -8.21 3.95 -36.71
C VAL B 102 -9.41 4.88 -36.60
N ALA B 103 -9.41 5.99 -37.32
CA ALA B 103 -10.58 6.86 -37.34
C ALA B 103 -11.79 6.13 -37.92
N GLU B 104 -11.58 5.36 -38.98
CA GLU B 104 -12.67 4.56 -39.54
C GLU B 104 -13.13 3.49 -38.55
N LEU B 105 -12.18 2.85 -37.86
CA LEU B 105 -12.52 1.88 -36.84
C LEU B 105 -13.41 2.50 -35.77
N HIS B 106 -13.04 3.71 -35.31
CA HIS B 106 -13.82 4.38 -34.28
C HIS B 106 -15.22 4.73 -34.78
N ARG B 107 -15.30 5.31 -35.98
CA ARG B 107 -16.60 5.64 -36.56
C ARG B 107 -17.49 4.41 -36.66
N ALA B 108 -16.93 3.30 -37.15
CA ALA B 108 -17.74 2.11 -37.39
C ALA B 108 -18.13 1.42 -36.08
N LEU B 109 -17.21 1.36 -35.11
CA LEU B 109 -17.53 0.76 -33.82
C LEU B 109 -18.60 1.57 -33.10
N GLY B 110 -18.48 2.90 -33.13
CA GLY B 110 -19.53 3.73 -32.59
C GLY B 110 -20.84 3.59 -33.35
N GLU B 111 -20.75 3.21 -34.63
CA GLU B 111 -21.95 2.92 -35.39
C GLU B 111 -22.61 1.62 -34.91
N ILE B 112 -21.79 0.63 -34.53
CA ILE B 112 -22.33 -0.60 -33.96
C ILE B 112 -23.08 -0.31 -32.66
N LEU B 113 -22.54 0.62 -31.86
CA LEU B 113 -23.19 0.99 -30.61
C LEU B 113 -24.54 1.65 -30.83
N ARG B 114 -24.77 2.21 -32.03
CA ARG B 114 -26.09 2.72 -32.42
C ARG B 114 -26.96 1.63 -33.02
N ASP B 115 -26.71 0.37 -32.65
CA ASP B 115 -27.52 -0.78 -33.02
C ASP B 115 -27.50 -1.04 -34.53
N ARG B 116 -26.54 -0.41 -35.26
CA ARG B 116 -26.44 -0.68 -36.69
C ARG B 116 -25.47 -1.83 -36.95
N PRO B 117 -25.61 -2.52 -38.08
CA PRO B 117 -24.72 -3.64 -38.37
C PRO B 117 -23.30 -3.15 -38.61
N ALA B 118 -22.35 -4.06 -38.45
CA ALA B 118 -20.95 -3.72 -38.63
C ALA B 118 -20.68 -3.29 -40.07
N PRO B 119 -20.19 -2.06 -40.29
CA PRO B 119 -19.97 -1.62 -41.68
C PRO B 119 -19.00 -2.49 -42.46
N ASP B 120 -18.05 -3.14 -41.78
CA ASP B 120 -17.08 -4.04 -42.41
C ASP B 120 -17.11 -5.36 -41.66
N PRO B 121 -18.09 -6.23 -41.97
CA PRO B 121 -18.19 -7.52 -41.27
C PRO B 121 -17.02 -8.46 -41.52
N SER B 122 -16.06 -8.10 -42.38
CA SER B 122 -14.84 -8.91 -42.53
C SER B 122 -13.77 -8.52 -41.52
N ASP B 123 -13.80 -7.30 -41.02
CA ASP B 123 -12.88 -6.88 -39.97
C ASP B 123 -13.20 -7.64 -38.68
N PRO B 124 -12.24 -8.33 -38.08
CA PRO B 124 -12.56 -9.12 -36.88
C PRO B 124 -13.04 -8.27 -35.71
N VAL B 125 -12.50 -7.06 -35.56
CA VAL B 125 -12.94 -6.19 -34.47
C VAL B 125 -14.41 -5.81 -34.65
N GLN B 126 -14.87 -5.67 -35.89
CA GLN B 126 -16.26 -5.32 -36.12
C GLN B 126 -17.19 -6.46 -35.68
N ARG B 127 -16.92 -7.70 -36.14
CA ARG B 127 -17.70 -8.83 -35.67
C ARG B 127 -17.64 -8.97 -34.15
N GLY B 128 -16.45 -8.75 -33.59
CA GLY B 128 -16.30 -8.88 -32.15
C GLY B 128 -17.19 -7.92 -31.38
N LEU B 129 -17.12 -6.64 -31.73
CA LEU B 129 -17.95 -5.67 -31.02
C LEU B 129 -19.43 -5.90 -31.30
N ALA B 130 -19.78 -6.35 -32.50
CA ALA B 130 -21.18 -6.65 -32.79
C ALA B 130 -21.69 -7.79 -31.91
N ASP B 131 -20.89 -8.85 -31.76
CA ASP B 131 -21.29 -9.96 -30.90
C ASP B 131 -21.38 -9.51 -29.45
N VAL B 132 -20.38 -8.74 -28.99
CA VAL B 132 -20.40 -8.25 -27.60
C VAL B 132 -21.65 -7.41 -27.38
N TRP B 133 -22.02 -6.58 -28.35
CA TRP B 133 -23.16 -5.70 -28.18
C TRP B 133 -24.47 -6.49 -28.14
N ARG B 134 -24.61 -7.49 -29.01
CA ARG B 134 -25.85 -8.27 -28.98
C ARG B 134 -25.95 -9.08 -27.70
N THR B 135 -24.83 -9.62 -27.21
CA THR B 135 -24.87 -10.37 -25.96
C THR B 135 -25.17 -9.46 -24.77
N LEU B 136 -24.61 -8.24 -24.79
CA LEU B 136 -24.88 -7.29 -23.71
C LEU B 136 -26.35 -6.87 -23.71
N ASN B 137 -26.91 -6.62 -24.90
CA ASN B 137 -28.32 -6.26 -24.97
C ASN B 137 -29.22 -7.44 -24.61
N GLY B 138 -28.72 -8.67 -24.81
CA GLY B 138 -29.50 -9.84 -24.43
C GLY B 138 -29.52 -10.12 -22.95
N LEU B 139 -28.47 -9.73 -22.23
CA LEU B 139 -28.36 -10.02 -20.81
C LEU B 139 -28.81 -8.86 -19.92
N ALA B 140 -29.12 -7.70 -20.49
CA ALA B 140 -29.50 -6.52 -19.72
C ALA B 140 -30.93 -6.11 -20.05
N SER B 141 -31.58 -5.45 -19.08
CA SER B 141 -32.97 -5.04 -19.22
C SER B 141 -33.09 -3.52 -19.23
N ASP B 142 -32.96 -2.85 -18.09
CA ASP B 142 -33.04 -1.40 -18.00
C ASP B 142 -31.71 -0.87 -17.47
N TRP B 143 -30.95 -0.22 -18.34
CA TRP B 143 -29.65 0.34 -17.96
C TRP B 143 -29.35 1.53 -18.85
N ASP B 144 -28.39 2.35 -18.42
CA ASP B 144 -28.01 3.56 -19.15
C ASP B 144 -27.12 3.18 -20.32
N ARG B 145 -27.75 2.85 -21.44
CA ARG B 145 -26.98 2.59 -22.65
C ARG B 145 -26.30 3.86 -23.15
N ALA B 146 -26.99 5.00 -23.03
CA ALA B 146 -26.43 6.26 -23.49
C ALA B 146 -25.16 6.62 -22.73
N ALA B 147 -25.16 6.40 -21.42
CA ALA B 147 -23.97 6.70 -20.63
C ALA B 147 -22.79 5.84 -21.05
N PHE B 148 -23.05 4.56 -21.33
CA PHE B 148 -21.96 3.70 -21.79
C PHE B 148 -21.45 4.09 -23.16
N VAL B 149 -22.35 4.49 -24.06
CA VAL B 149 -21.91 4.91 -25.39
C VAL B 149 -21.08 6.19 -25.29
N ASP B 150 -21.46 7.11 -24.39
CA ASP B 150 -20.66 8.32 -24.20
C ASP B 150 -19.29 7.98 -23.64
N THR B 151 -19.23 7.06 -22.67
CA THR B 151 -17.93 6.65 -22.15
C THR B 151 -17.10 5.96 -23.23
N THR B 152 -17.75 5.26 -24.17
CA THR B 152 -17.00 4.62 -25.24
C THR B 152 -16.47 5.65 -26.24
N LEU B 153 -17.24 6.70 -26.52
CA LEU B 153 -16.74 7.78 -27.38
C LEU B 153 -15.53 8.46 -26.74
N ARG B 154 -15.62 8.77 -25.44
CA ARG B 154 -14.47 9.38 -24.79
C ARG B 154 -13.29 8.42 -24.73
N TYR B 155 -13.57 7.11 -24.60
CA TYR B 155 -12.52 6.11 -24.65
C TYR B 155 -11.82 6.12 -26.00
N PHE B 156 -12.58 6.24 -27.08
N PHE B 156 -12.59 6.24 -27.09
CA PHE B 156 -11.98 6.31 -28.41
CA PHE B 156 -11.98 6.31 -28.41
C PHE B 156 -11.15 7.57 -28.59
C PHE B 156 -11.15 7.57 -28.58
N GLU B 157 -11.64 8.70 -28.06
CA GLU B 157 -10.87 9.94 -28.13
C GLU B 157 -9.57 9.83 -27.34
N ALA B 158 -9.63 9.22 -26.15
CA ALA B 158 -8.42 9.00 -25.38
C ALA B 158 -7.48 8.02 -26.08
N ASN B 159 -8.03 7.06 -26.84
CA ASN B 159 -7.17 6.18 -27.63
C ASN B 159 -6.44 6.97 -28.71
N ARG B 160 -7.15 7.89 -29.37
CA ARG B 160 -6.48 8.75 -30.35
C ARG B 160 -5.38 9.57 -29.69
N TYR B 161 -5.64 10.06 -28.47
CA TYR B 161 -4.62 10.78 -27.71
C TYR B 161 -3.41 9.89 -27.41
N GLU B 162 -3.66 8.66 -26.98
CA GLU B 162 -2.59 7.71 -26.73
C GLU B 162 -1.76 7.50 -27.99
N ARG B 163 -2.41 7.42 -29.14
CA ARG B 163 -1.67 7.20 -30.38
C ARG B 163 -0.84 8.43 -30.75
N VAL B 164 -1.39 9.62 -30.52
CA VAL B 164 -0.63 10.85 -30.76
C VAL B 164 0.65 10.83 -29.93
N ASN B 165 0.52 10.47 -28.66
CA ASN B 165 1.69 10.43 -27.79
C ASN B 165 2.68 9.37 -28.22
N ILE B 166 2.19 8.19 -28.61
CA ILE B 166 3.11 7.13 -29.05
C ILE B 166 3.86 7.57 -30.29
N ARG B 167 3.16 8.22 -31.24
CA ARG B 167 3.82 8.68 -32.46
C ARG B 167 4.85 9.75 -32.14
N ARG B 168 4.56 10.62 -31.18
CA ARG B 168 5.56 11.57 -30.72
C ARG B 168 6.71 10.88 -30.01
N GLY B 169 6.52 9.64 -29.58
CA GLY B 169 7.57 8.91 -28.89
C GLY B 169 7.88 9.41 -27.51
N ILE B 170 6.96 10.16 -26.90
CA ILE B 170 7.25 10.81 -25.62
C ILE B 170 6.04 10.62 -24.71
N PRO B 171 6.25 10.40 -23.42
CA PRO B 171 5.12 10.23 -22.51
C PRO B 171 4.55 11.59 -22.11
N PRO B 172 3.26 11.66 -21.85
CA PRO B 172 2.65 12.94 -21.44
C PRO B 172 3.09 13.36 -20.06
N THR B 173 2.68 14.55 -19.63
CA THR B 173 2.90 14.96 -18.26
C THR B 173 2.20 13.97 -17.32
N PRO B 174 2.77 13.71 -16.14
CA PRO B 174 2.06 12.83 -15.19
C PRO B 174 0.63 13.25 -14.95
N SER B 175 0.38 14.54 -14.75
CA SER B 175 -0.97 15.00 -14.49
C SER B 175 -1.87 14.81 -15.70
N ALA B 176 -1.37 15.19 -16.89
CA ALA B 176 -2.16 15.00 -18.10
C ALA B 176 -2.42 13.53 -18.38
N HIS B 177 -1.50 12.65 -17.98
CA HIS B 177 -1.71 11.22 -18.19
C HIS B 177 -2.72 10.66 -17.21
N ILE B 178 -2.65 11.08 -15.94
CA ILE B 178 -3.63 10.64 -14.95
C ILE B 178 -5.02 11.08 -15.36
N GLY B 179 -5.13 12.29 -15.90
CA GLY B 179 -6.43 12.76 -16.36
C GLY B 179 -6.99 11.93 -17.49
N MSE B 180 -6.16 11.59 -18.47
CA MSE B 180 -6.62 10.90 -19.65
C MSE B 180 -6.71 9.38 -19.48
O MSE B 180 -7.48 8.71 -20.18
CB MSE B 180 -5.72 11.23 -20.85
CG MSE B 180 -5.80 12.67 -21.29
SE MSE B 180 -7.54 13.14 -22.01
CE MSE B 180 -7.49 12.11 -23.66
N ARG B 181 -5.91 8.84 -18.56
CA ARG B 181 -5.87 7.40 -18.37
C ARG B 181 -7.21 6.84 -17.90
N ARG B 182 -7.98 7.63 -17.15
CA ARG B 182 -9.30 7.18 -16.73
C ARG B 182 -10.19 6.89 -17.93
N HIS B 183 -10.04 7.66 -19.02
CA HIS B 183 -10.74 7.36 -20.26
C HIS B 183 -10.02 6.33 -21.10
N GLY B 184 -8.69 6.24 -20.98
CA GLY B 184 -7.92 5.31 -21.79
C GLY B 184 -8.13 3.85 -21.45
N GLY B 185 -8.67 3.56 -20.27
CA GLY B 185 -8.94 2.19 -19.86
C GLY B 185 -10.42 1.85 -19.86
N HIS B 186 -11.27 2.84 -20.13
CA HIS B 186 -12.72 2.68 -20.13
C HIS B 186 -13.22 2.17 -18.79
N VAL B 187 -12.72 2.77 -17.71
CA VAL B 187 -13.04 2.28 -16.37
C VAL B 187 -14.47 2.66 -15.98
N TYR B 188 -14.94 3.84 -16.40
CA TYR B 188 -16.31 4.22 -16.12
C TYR B 188 -17.30 3.35 -16.90
N GLY B 189 -16.95 3.04 -18.15
CA GLY B 189 -17.74 2.06 -18.88
C GLY B 189 -17.74 0.71 -18.20
N MSE B 190 -16.63 0.35 -17.57
CA MSE B 190 -16.56 -0.90 -16.81
C MSE B 190 -17.52 -0.87 -15.63
O MSE B 190 -18.18 -1.85 -15.35
CB MSE B 190 -15.13 -1.16 -16.34
CG MSE B 190 -14.23 -1.79 -17.39
SE MSE B 190 -14.92 -3.48 -18.08
CE MSE B 190 -14.98 -4.49 -16.41
N TYR B 191 -17.58 0.27 -14.94
CA TYR B 191 -18.52 0.41 -13.84
C TYR B 191 -19.96 0.27 -14.33
N ILE B 192 -20.28 0.93 -15.45
CA ILE B 192 -21.64 0.87 -15.99
C ILE B 192 -21.98 -0.55 -16.42
N LEU B 193 -21.03 -1.26 -17.03
CA LEU B 193 -21.28 -2.63 -17.45
C LEU B 193 -21.40 -3.57 -16.25
N GLY B 194 -20.62 -3.33 -15.20
CA GLY B 194 -20.76 -4.13 -14.00
C GLY B 194 -22.11 -3.94 -13.35
N ALA B 195 -22.64 -2.71 -13.39
CA ALA B 195 -23.99 -2.47 -12.91
C ALA B 195 -25.02 -3.19 -13.78
N ALA B 196 -24.91 -3.04 -15.11
CA ALA B 196 -25.93 -3.59 -16.00
C ALA B 196 -25.93 -5.11 -16.01
N VAL B 197 -24.76 -5.73 -15.87
CA VAL B 197 -24.64 -7.18 -16.03
C VAL B 197 -25.08 -7.90 -14.75
N ASN B 198 -24.61 -7.43 -13.60
CA ASN B 198 -24.89 -8.08 -12.32
C ASN B 198 -26.25 -7.66 -11.74
N GLY B 199 -27.12 -7.07 -12.54
CA GLY B 199 -28.51 -6.85 -12.14
C GLY B 199 -28.74 -5.85 -11.02
N TYR B 200 -28.05 -4.72 -11.04
CA TYR B 200 -28.30 -3.64 -10.10
C TYR B 200 -28.06 -2.32 -10.80
N ARG B 201 -28.91 -1.34 -10.54
CA ARG B 201 -28.66 -0.02 -11.11
C ARG B 201 -28.88 1.07 -10.07
N PRO B 202 -27.84 1.80 -9.71
CA PRO B 202 -27.99 2.85 -8.70
C PRO B 202 -28.85 3.99 -9.23
N GLU B 203 -29.51 4.69 -8.30
CA GLU B 203 -30.27 5.86 -8.68
C GLU B 203 -29.34 6.90 -9.28
N ARG B 204 -29.78 7.52 -10.38
CA ARG B 204 -28.98 8.59 -10.97
C ARG B 204 -28.82 9.77 -10.03
N ARG B 205 -29.76 9.95 -9.10
CA ARG B 205 -29.62 10.96 -8.06
C ARG B 205 -28.49 10.67 -7.09
N VAL B 206 -27.96 9.45 -7.09
CA VAL B 206 -26.80 9.09 -6.27
C VAL B 206 -25.53 9.07 -7.09
N LEU B 207 -25.57 8.49 -8.29
CA LEU B 207 -24.39 8.43 -9.14
C LEU B 207 -23.90 9.83 -9.52
N ASP B 208 -24.81 10.79 -9.62
CA ASP B 208 -24.43 12.17 -9.94
C ASP B 208 -23.94 12.96 -8.74
N HIS B 209 -24.07 12.42 -7.53
CA HIS B 209 -23.58 13.10 -6.34
C HIS B 209 -22.07 13.29 -6.44
N ALA B 210 -21.60 14.46 -6.01
CA ALA B 210 -20.18 14.78 -6.15
C ALA B 210 -19.30 13.77 -5.43
N ALA B 211 -19.72 13.34 -4.24
CA ALA B 211 -18.94 12.37 -3.49
C ALA B 211 -18.78 11.07 -4.27
N VAL B 212 -19.88 10.57 -4.85
CA VAL B 212 -19.82 9.35 -5.63
C VAL B 212 -18.95 9.54 -6.87
N ARG B 213 -19.07 10.70 -7.52
CA ARG B 213 -18.25 10.98 -8.69
C ARG B 213 -16.76 10.91 -8.37
N GLU B 214 -16.33 11.63 -7.32
CA GLU B 214 -14.91 11.65 -7.00
C GLU B 214 -14.45 10.33 -6.39
N LEU B 215 -15.34 9.57 -5.75
CA LEU B 215 -14.95 8.25 -5.31
C LEU B 215 -14.74 7.32 -6.49
N GLU B 216 -15.60 7.42 -7.51
CA GLU B 216 -15.39 6.68 -8.75
C GLU B 216 -14.05 7.06 -9.38
N THR B 217 -13.74 8.36 -9.41
CA THR B 217 -12.46 8.79 -9.98
C THR B 217 -11.28 8.23 -9.17
N LEU B 218 -11.41 8.20 -7.84
CA LEU B 218 -10.35 7.63 -7.01
C LEU B 218 -10.16 6.14 -7.31
N ALA B 219 -11.26 5.40 -7.40
CA ALA B 219 -11.17 3.97 -7.69
C ALA B 219 -10.55 3.72 -9.05
N ALA B 220 -10.97 4.51 -10.06
CA ALA B 220 -10.41 4.36 -11.40
C ALA B 220 -8.93 4.71 -11.41
N ASN B 221 -8.54 5.76 -10.68
CA ASN B 221 -7.13 6.11 -10.57
C ASN B 221 -6.32 4.95 -9.99
N TYR B 222 -6.81 4.37 -8.88
CA TYR B 222 -6.10 3.26 -8.28
C TYR B 222 -5.96 2.10 -9.25
N THR B 223 -7.08 1.71 -9.89
CA THR B 223 -7.05 0.58 -10.81
C THR B 223 -6.08 0.83 -11.96
N SER B 224 -6.18 2.01 -12.58
CA SER B 224 -5.39 2.30 -13.77
C SER B 224 -3.91 2.45 -13.42
N TRP B 225 -3.59 3.05 -12.27
CA TRP B 225 -2.19 3.17 -11.90
C TRP B 225 -1.61 1.81 -11.54
N ALA B 226 -2.39 0.93 -10.91
CA ALA B 226 -1.90 -0.42 -10.67
C ALA B 226 -1.65 -1.15 -11.98
N ASN B 227 -2.57 -1.00 -12.93
CA ASN B 227 -2.39 -1.62 -14.24
C ASN B 227 -1.13 -1.11 -14.91
N ASP B 228 -0.90 0.21 -14.86
CA ASP B 228 0.31 0.78 -15.42
C ASP B 228 1.54 0.24 -14.71
N LEU B 229 1.49 0.18 -13.39
CA LEU B 229 2.64 -0.28 -12.61
C LEU B 229 3.02 -1.70 -13.00
N HIS B 230 2.03 -2.56 -13.25
CA HIS B 230 2.37 -3.93 -13.60
C HIS B 230 2.75 -4.07 -15.08
N SER B 231 2.08 -3.36 -15.97
CA SER B 231 2.31 -3.49 -17.40
C SER B 231 3.38 -2.55 -17.92
N PHE B 232 4.15 -1.92 -17.02
CA PHE B 232 5.21 -1.03 -17.48
C PHE B 232 6.19 -1.74 -18.41
N ALA B 233 6.62 -2.95 -18.07
CA ALA B 233 7.60 -3.63 -18.90
C ALA B 233 7.03 -3.93 -20.29
N ARG B 234 5.83 -4.49 -20.35
CA ARG B 234 5.21 -4.82 -21.62
C ARG B 234 4.97 -3.57 -22.46
N GLU B 235 4.53 -2.48 -21.83
CA GLU B 235 4.25 -1.25 -22.57
C GLU B 235 5.53 -0.51 -22.94
N HIS B 236 6.61 -0.70 -22.17
CA HIS B 236 7.89 -0.08 -22.48
C HIS B 236 8.54 -0.76 -23.67
N ARG B 237 8.43 -2.09 -23.75
CA ARG B 237 8.97 -2.79 -24.91
C ARG B 237 8.25 -2.37 -26.19
N MSE B 238 6.94 -2.15 -26.11
CA MSE B 238 6.15 -1.84 -27.29
C MSE B 238 6.13 -0.35 -27.63
O MSE B 238 5.39 0.09 -28.51
CB MSE B 238 4.71 -2.30 -27.08
CG MSE B 238 4.59 -3.79 -26.82
SE MSE B 238 2.79 -4.25 -26.24
CE MSE B 238 2.79 -6.12 -26.80
N GLY B 239 6.96 0.42 -26.93
CA GLY B 239 6.95 1.86 -27.14
C GLY B 239 5.70 2.56 -26.67
N GLN B 240 4.84 1.87 -25.93
CA GLN B 240 3.63 2.48 -25.36
C GLN B 240 4.04 3.42 -24.24
N VAL B 241 4.09 4.72 -24.54
CA VAL B 241 4.52 5.71 -23.56
C VAL B 241 3.37 6.19 -22.68
N ASN B 242 2.15 5.73 -22.91
CA ASN B 242 1.02 6.11 -22.05
C ASN B 242 1.06 5.22 -20.81
N ASN B 243 2.08 5.42 -20.00
CA ASN B 243 2.26 4.70 -18.75
C ASN B 243 2.77 5.66 -17.69
N LEU B 244 2.20 5.58 -16.49
CA LEU B 244 2.54 6.54 -15.44
C LEU B 244 4.00 6.42 -15.02
N VAL B 245 4.59 5.22 -15.15
CA VAL B 245 6.01 5.08 -14.85
C VAL B 245 6.84 5.80 -15.90
N TRP B 246 6.54 5.57 -17.18
CA TRP B 246 7.16 6.36 -18.26
C TRP B 246 7.14 7.85 -17.93
N SER B 247 5.95 8.36 -17.61
CA SER B 247 5.76 9.80 -17.45
C SER B 247 6.50 10.32 -16.23
N VAL B 248 6.44 9.60 -15.11
CA VAL B 248 7.13 10.05 -13.90
C VAL B 248 8.63 10.05 -14.12
N HIS B 249 9.16 9.01 -14.76
CA HIS B 249 10.60 8.99 -15.05
C HIS B 249 10.98 10.14 -15.98
N HIS B 250 10.12 10.45 -16.95
CA HIS B 250 10.47 11.42 -17.98
C HIS B 250 10.42 12.85 -17.47
N HIS B 251 9.33 13.23 -16.81
CA HIS B 251 9.11 14.63 -16.45
C HIS B 251 9.53 14.98 -15.02
N GLU B 252 9.67 14.01 -14.13
CA GLU B 252 10.06 14.29 -12.75
C GLU B 252 11.51 13.92 -12.47
N GLY B 253 12.27 13.54 -13.49
CA GLY B 253 13.68 13.25 -13.35
C GLY B 253 13.99 12.13 -12.37
N LEU B 254 13.37 10.97 -12.57
CA LEU B 254 13.56 9.83 -11.69
C LEU B 254 13.97 8.60 -12.49
N THR B 255 14.69 7.70 -11.84
CA THR B 255 14.96 6.39 -12.41
C THR B 255 13.66 5.63 -12.63
N PHE B 256 13.68 4.70 -13.59
CA PHE B 256 12.52 3.84 -13.77
C PHE B 256 12.17 3.11 -12.48
N GLN B 257 13.18 2.74 -11.69
CA GLN B 257 12.92 2.13 -10.39
C GLN B 257 12.27 3.15 -9.45
N GLN B 258 12.82 4.36 -9.41
CA GLN B 258 12.23 5.42 -8.58
C GLN B 258 10.82 5.75 -9.06
N ALA B 259 10.60 5.73 -10.37
CA ALA B 259 9.27 6.01 -10.91
C ALA B 259 8.27 4.94 -10.50
N ALA B 260 8.66 3.66 -10.59
CA ALA B 260 7.77 2.60 -10.16
C ALA B 260 7.47 2.71 -8.67
N ASP B 261 8.49 3.05 -7.87
CA ASP B 261 8.27 3.21 -6.43
C ASP B 261 7.31 4.37 -6.16
N ARG B 262 7.47 5.48 -6.88
CA ARG B 262 6.59 6.63 -6.72
C ARG B 262 5.16 6.30 -7.13
N VAL B 263 4.99 5.53 -8.20
CA VAL B 263 3.65 5.14 -8.61
C VAL B 263 3.01 4.24 -7.56
N ALA B 264 3.77 3.32 -6.99
CA ALA B 264 3.22 2.46 -5.94
C ALA B 264 2.82 3.27 -4.72
N ASP B 265 3.65 4.25 -4.33
CA ASP B 265 3.31 5.08 -3.18
C ASP B 265 2.08 5.94 -3.46
N LEU B 266 1.95 6.46 -4.68
CA LEU B 266 0.75 7.19 -5.05
C LEU B 266 -0.48 6.29 -5.00
N CYS B 267 -0.33 5.03 -5.42
CA CYS B 267 -1.42 4.08 -5.30
C CYS B 267 -1.83 3.91 -3.85
N ASP B 268 -0.85 3.79 -2.94
CA ASP B 268 -1.15 3.65 -1.52
C ASP B 268 -1.92 4.87 -1.02
N LYS B 269 -1.44 6.06 -1.37
CA LYS B 269 -2.09 7.29 -0.91
C LYS B 269 -3.51 7.39 -1.44
N GLU B 270 -3.71 6.99 -2.70
CA GLU B 270 -5.05 7.06 -3.29
C GLU B 270 -5.98 6.02 -2.68
N LEU B 271 -5.45 4.85 -2.28
CA LEU B 271 -6.28 3.90 -1.55
C LEU B 271 -6.73 4.48 -0.22
N ALA B 272 -5.81 5.13 0.50
CA ALA B 272 -6.17 5.81 1.74
C ALA B 272 -7.27 6.83 1.49
N ALA B 273 -7.11 7.63 0.45
CA ALA B 273 -8.12 8.64 0.12
C ALA B 273 -9.46 8.00 -0.21
N TYR B 274 -9.44 6.90 -0.97
CA TYR B 274 -10.67 6.21 -1.30
C TYR B 274 -11.38 5.73 -0.04
N LEU B 275 -10.62 5.15 0.89
CA LEU B 275 -11.23 4.69 2.14
C LEU B 275 -11.82 5.86 2.92
N GLU B 276 -11.12 6.99 2.94
CA GLU B 276 -11.62 8.15 3.67
C GLU B 276 -12.95 8.63 3.08
N LEU B 277 -13.00 8.78 1.76
CA LEU B 277 -14.24 9.19 1.12
C LEU B 277 -15.35 8.17 1.34
N ARG B 278 -15.05 6.88 1.19
CA ARG B 278 -16.06 5.85 1.35
C ARG B 278 -16.65 5.88 2.75
N GLN B 279 -15.80 6.09 3.76
CA GLN B 279 -16.30 6.19 5.12
C GLN B 279 -17.11 7.46 5.31
N THR B 280 -16.74 8.54 4.61
CA THR B 280 -17.48 9.80 4.73
C THR B 280 -18.83 9.77 4.01
N LEU B 281 -19.00 8.89 3.01
CA LEU B 281 -20.24 8.86 2.24
C LEU B 281 -21.51 8.82 3.07
N PRO B 282 -21.66 7.96 4.08
CA PRO B 282 -22.93 7.94 4.82
C PRO B 282 -23.26 9.26 5.49
N GLU B 283 -22.24 9.98 5.97
CA GLU B 283 -22.50 11.27 6.62
C GLU B 283 -23.03 12.30 5.64
N LEU B 284 -22.71 12.15 4.36
CA LEU B 284 -23.19 13.07 3.33
C LEU B 284 -24.61 12.76 2.87
N GLY B 285 -25.23 11.71 3.40
CA GLY B 285 -26.55 11.33 2.97
C GLY B 285 -26.59 10.20 1.96
N ILE B 286 -25.51 9.45 1.82
CA ILE B 286 -25.43 8.35 0.87
C ILE B 286 -25.08 7.08 1.63
N PRO B 287 -26.08 6.26 1.96
CA PRO B 287 -25.80 4.98 2.61
C PRO B 287 -25.35 3.96 1.58
N LEU B 288 -24.47 3.05 2.02
CA LEU B 288 -24.00 1.98 1.15
C LEU B 288 -24.86 0.74 1.34
N THR B 289 -26.16 0.92 1.12
CA THR B 289 -27.13 -0.13 1.37
C THR B 289 -27.51 -0.86 0.10
N GLY B 290 -28.37 -0.25 -0.72
CA GLY B 290 -28.96 -0.93 -1.85
C GLY B 290 -28.02 -1.06 -3.03
N ALA B 291 -28.43 -0.53 -4.18
CA ALA B 291 -27.58 -0.62 -5.37
C ALA B 291 -26.31 0.19 -5.20
N THR B 292 -26.34 1.27 -4.42
CA THR B 292 -25.13 2.04 -4.17
C THR B 292 -24.08 1.21 -3.44
N GLY B 293 -24.52 0.37 -2.51
CA GLY B 293 -23.59 -0.52 -1.83
C GLY B 293 -22.92 -1.48 -2.80
N ARG B 294 -23.71 -2.11 -3.67
CA ARG B 294 -23.15 -3.01 -4.67
C ARG B 294 -22.25 -2.26 -5.64
N HIS B 295 -22.53 -0.99 -5.90
CA HIS B 295 -21.68 -0.20 -6.78
C HIS B 295 -20.32 0.04 -6.15
N VAL B 296 -20.31 0.46 -4.89
CA VAL B 296 -19.04 0.65 -4.18
C VAL B 296 -18.29 -0.68 -4.08
N ARG B 297 -19.03 -1.77 -3.89
CA ARG B 297 -18.39 -3.08 -3.82
C ARG B 297 -17.79 -3.48 -5.16
N PHE B 298 -18.40 -3.09 -6.27
CA PHE B 298 -17.83 -3.38 -7.58
C PHE B 298 -16.61 -2.51 -7.85
N LEU B 299 -16.63 -1.26 -7.39
CA LEU B 299 -15.44 -0.42 -7.46
C LEU B 299 -14.28 -1.08 -6.72
N GLU B 300 -14.56 -1.55 -5.49
CA GLU B 300 -13.54 -2.28 -4.73
C GLU B 300 -13.12 -3.57 -5.43
N ASP B 301 -14.04 -4.20 -6.16
CA ASP B 301 -13.70 -5.44 -6.86
C ASP B 301 -12.56 -5.22 -7.84
N MSE B 302 -12.65 -4.17 -8.64
CA MSE B 302 -11.66 -3.92 -9.67
C MSE B 302 -10.32 -3.50 -9.10
O MSE B 302 -9.27 -3.79 -9.69
CB MSE B 302 -12.19 -2.87 -10.66
CG MSE B 302 -13.46 -3.29 -11.36
SE MSE B 302 -13.75 -2.37 -13.05
CE MSE B 302 -11.95 -2.57 -13.77
N MSE B 303 -10.34 -2.83 -7.96
CA MSE B 303 -9.11 -2.41 -7.30
C MSE B 303 -8.31 -3.63 -6.83
O MSE B 303 -7.11 -3.70 -7.00
CB MSE B 303 -9.41 -1.49 -6.13
CG MSE B 303 -9.78 -0.07 -6.55
SE MSE B 303 -10.07 1.10 -5.02
CE MSE B 303 -12.01 1.00 -4.95
N TRP B 304 -9.02 -4.59 -6.21
CA TRP B 304 -8.37 -5.83 -5.81
C TRP B 304 -8.01 -6.68 -7.02
N SER B 305 -8.88 -6.69 -8.03
CA SER B 305 -8.67 -7.55 -9.19
C SER B 305 -7.36 -7.22 -9.88
N MSE B 306 -7.03 -5.94 -9.97
CA MSE B 306 -5.81 -5.54 -10.67
C MSE B 306 -4.60 -6.15 -9.98
O MSE B 306 -3.79 -6.85 -10.62
CB MSE B 306 -5.70 -4.03 -10.74
CG MSE B 306 -4.98 -3.52 -11.98
SE MSE B 306 -5.46 -4.51 -13.61
CE MSE B 306 -7.38 -4.19 -13.64
N VAL B 307 -4.51 -5.92 -8.68
CA VAL B 307 -3.40 -6.45 -7.88
C VAL B 307 -3.31 -7.96 -8.01
N ASP B 308 -4.39 -8.67 -7.66
CA ASP B 308 -4.29 -10.13 -7.58
C ASP B 308 -4.17 -10.79 -8.96
N TRP B 309 -4.81 -10.23 -9.99
CA TRP B 309 -4.80 -10.83 -11.31
C TRP B 309 -3.48 -10.59 -12.04
N SER B 310 -2.94 -9.37 -11.98
CA SER B 310 -1.68 -9.10 -12.65
C SER B 310 -0.54 -9.91 -12.03
N ILE C 5 16.98 -11.36 12.75
CA ILE C 5 15.62 -11.40 12.28
C ILE C 5 15.30 -10.08 11.56
N SER C 6 14.36 -10.09 10.62
CA SER C 6 14.04 -8.92 9.80
C SER C 6 12.59 -8.54 10.02
N VAL C 7 12.37 -7.37 10.62
CA VAL C 7 11.02 -6.88 10.91
C VAL C 7 10.39 -6.39 9.63
N PRO C 8 9.23 -6.92 9.23
CA PRO C 8 8.59 -6.44 7.99
C PRO C 8 8.07 -5.03 8.15
N GLN C 9 7.68 -4.46 7.01
CA GLN C 9 7.06 -3.14 7.00
C GLN C 9 5.56 -3.28 7.17
N LEU C 10 4.91 -2.18 7.55
CA LEU C 10 3.48 -2.17 7.81
C LEU C 10 2.84 -1.02 7.06
N ASP C 11 1.99 -1.35 6.08
CA ASP C 11 1.25 -0.34 5.34
C ASP C 11 -0.11 -0.16 6.00
N CYS C 12 -0.34 1.01 6.58
CA CYS C 12 -1.65 1.37 7.12
C CYS C 12 -2.08 2.70 6.52
N PRO C 13 -3.26 2.79 5.89
CA PRO C 13 -3.75 4.04 5.29
C PRO C 13 -4.29 5.03 6.31
N LEU C 14 -3.51 5.27 7.36
CA LEU C 14 -3.89 6.18 8.43
C LEU C 14 -2.77 7.19 8.64
N SER C 15 -3.08 8.47 8.42
CA SER C 15 -2.08 9.52 8.51
C SER C 15 -2.40 10.46 9.67
N ARG C 16 -1.35 11.06 10.24
CA ARG C 16 -1.52 11.95 11.38
C ARG C 16 -0.28 12.82 11.56
N PRO C 17 -0.44 14.12 11.76
CA PRO C 17 0.72 14.98 12.04
C PRO C 17 1.17 14.88 13.49
N VAL C 18 2.44 15.14 13.70
CA VAL C 18 3.07 15.05 15.01
C VAL C 18 2.99 16.40 15.69
N HIS C 19 2.97 16.38 17.03
CA HIS C 19 3.04 17.64 17.76
C HIS C 19 4.47 18.17 17.73
N PRO C 20 4.65 19.48 17.51
CA PRO C 20 6.00 20.00 17.26
C PRO C 20 6.93 19.92 18.45
N GLU C 21 6.44 20.07 19.67
CA GLU C 21 7.30 20.14 20.85
C GLU C 21 7.92 18.79 21.22
N GLY C 22 7.79 17.77 20.38
CA GLY C 22 8.26 16.42 20.68
C GLY C 22 9.64 16.35 21.30
N GLU C 23 10.66 16.81 20.58
CA GLU C 23 12.02 16.76 21.09
C GLU C 23 12.11 17.40 22.47
N ARG C 24 11.45 18.54 22.68
CA ARG C 24 11.40 19.17 23.99
C ARG C 24 10.99 18.15 25.05
N ALA C 25 9.82 17.54 24.86
CA ALA C 25 9.34 16.54 25.81
C ALA C 25 10.39 15.47 26.06
N ASP C 26 11.11 15.07 25.00
CA ASP C 26 12.21 14.13 25.15
C ASP C 26 13.10 14.52 26.31
N ALA C 27 13.72 15.71 26.21
CA ALA C 27 14.53 16.22 27.31
C ALA C 27 13.73 16.27 28.60
N TYR C 28 12.50 16.82 28.52
CA TYR C 28 11.67 16.89 29.71
C TYR C 28 11.49 15.52 30.34
N ALA C 29 11.31 14.49 29.51
CA ALA C 29 11.23 13.13 30.04
C ALA C 29 12.40 12.85 30.97
N VAL C 30 13.62 13.01 30.46
CA VAL C 30 14.80 12.83 31.30
C VAL C 30 14.66 13.63 32.59
N GLU C 31 14.30 14.90 32.46
CA GLU C 31 14.08 15.77 33.61
C GLU C 31 13.18 15.09 34.63
N TRP C 32 11.97 14.70 34.19
CA TRP C 32 11.05 14.06 35.11
C TRP C 32 11.64 12.78 35.69
N LEU C 33 12.28 11.97 34.84
CA LEU C 33 12.84 10.71 35.32
C LEU C 33 13.90 10.94 36.38
N ARG C 34 14.58 12.10 36.35
CA ARG C 34 15.53 12.40 37.40
C ARG C 34 14.88 13.11 38.59
N GLY C 35 13.76 13.80 38.36
CA GLY C 35 13.09 14.50 39.43
C GLY C 35 12.20 13.65 40.30
N VAL C 36 12.02 12.38 39.95
CA VAL C 36 11.15 11.47 40.68
C VAL C 36 11.94 10.37 41.38
N GLY C 37 12.99 9.87 40.75
CA GLY C 37 13.75 8.76 41.29
C GLY C 37 13.86 7.56 40.37
N LEU C 38 13.22 7.60 39.20
CA LEU C 38 13.34 6.51 38.25
C LEU C 38 14.71 6.51 37.57
N MSE C 39 15.28 7.69 37.37
CA MSE C 39 16.60 7.85 36.78
C MSE C 39 17.52 8.54 37.79
O MSE C 39 17.13 9.52 38.44
CB MSE C 39 16.51 8.68 35.50
CG MSE C 39 17.71 8.62 34.60
SE MSE C 39 17.39 9.77 33.05
CE MSE C 39 18.96 9.30 31.99
N ALA C 40 18.75 8.02 37.94
CA ALA C 40 19.62 8.38 39.05
C ALA C 40 20.84 9.13 38.55
N ASP C 41 20.88 10.45 38.80
CA ASP C 41 22.11 11.23 38.75
C ASP C 41 22.77 11.27 37.38
N GLU C 42 23.80 10.46 37.20
CA GLU C 42 24.69 10.55 36.04
C GLU C 42 24.44 9.37 35.10
N ALA C 43 23.25 9.35 34.50
CA ALA C 43 22.91 8.38 33.46
C ALA C 43 22.79 9.11 32.14
N ASP C 44 23.42 8.56 31.10
CA ASP C 44 23.44 9.21 29.80
C ASP C 44 22.03 9.37 29.25
N ALA C 45 21.70 10.59 28.83
CA ALA C 45 20.38 10.86 28.26
C ALA C 45 20.29 10.55 26.77
N ALA C 46 21.43 10.32 26.10
CA ALA C 46 21.37 9.95 24.69
C ALA C 46 20.68 8.61 24.46
N PRO C 47 20.92 7.56 25.26
CA PRO C 47 20.08 6.36 25.13
C PRO C 47 18.63 6.60 25.55
N VAL C 48 18.36 7.63 26.34
CA VAL C 48 17.00 7.93 26.78
C VAL C 48 16.28 8.86 25.80
N LEU C 49 16.99 9.85 25.25
CA LEU C 49 16.40 10.67 24.20
C LEU C 49 16.13 9.85 22.95
N ALA C 50 16.95 8.83 22.68
CA ALA C 50 16.74 7.97 21.54
C ALA C 50 15.48 7.12 21.67
N VAL C 51 14.97 6.93 22.89
CA VAL C 51 13.70 6.22 23.05
C VAL C 51 12.58 7.03 22.42
N GLY C 52 12.58 8.34 22.62
CA GLY C 52 11.57 9.20 22.02
C GLY C 52 10.22 9.18 22.70
N LEU C 53 10.21 9.13 24.04
CA LEU C 53 8.95 9.11 24.77
C LEU C 53 8.11 10.34 24.46
N GLY C 54 8.76 11.47 24.20
CA GLY C 54 8.02 12.67 23.86
C GLY C 54 7.41 12.63 22.47
N ARG C 55 8.06 11.92 21.54
CA ARG C 55 7.52 11.84 20.19
C ARG C 55 6.26 10.97 20.15
N LEU C 56 6.24 9.89 20.92
CA LEU C 56 5.02 9.10 21.03
C LEU C 56 3.90 9.94 21.65
N ALA C 57 4.23 10.70 22.70
CA ALA C 57 3.27 11.61 23.30
C ALA C 57 2.75 12.61 22.26
N ALA C 58 3.64 13.09 21.39
CA ALA C 58 3.21 13.98 20.32
C ALA C 58 2.28 13.27 19.35
N CYS C 59 2.50 11.97 19.14
CA CYS C 59 1.57 11.17 18.35
C CYS C 59 0.22 10.99 19.03
N TYR C 60 0.16 11.12 20.35
CA TYR C 60 -1.07 10.86 21.10
C TYR C 60 -1.89 12.11 21.42
N VAL C 61 -1.36 13.32 21.19
CA VAL C 61 -2.09 14.55 21.49
C VAL C 61 -2.26 15.34 20.20
N ASP C 62 -3.12 16.36 20.26
CA ASP C 62 -3.41 17.18 19.10
C ASP C 62 -2.20 18.03 18.72
N GLU C 63 -2.20 18.51 17.48
CA GLU C 63 -1.21 19.52 17.09
C GLU C 63 -1.32 20.75 17.97
N ASN C 64 -2.56 21.19 18.21
CA ASN C 64 -2.84 22.40 18.97
C ASN C 64 -3.09 22.05 20.44
N ALA C 65 -2.09 21.43 21.05
CA ALA C 65 -2.20 21.00 22.44
C ALA C 65 -1.24 21.79 23.33
N SER C 66 -1.59 21.83 24.61
CA SER C 66 -0.82 22.56 25.60
C SER C 66 0.46 21.82 25.94
N TRP C 67 1.48 22.56 26.35
CA TRP C 67 2.67 21.89 26.84
C TRP C 67 2.40 21.14 28.14
N ASP C 68 1.37 21.54 28.90
CA ASP C 68 0.95 20.76 30.06
C ASP C 68 0.39 19.41 29.66
N THR C 69 -0.48 19.38 28.65
CA THR C 69 -1.06 18.12 28.19
C THR C 69 -0.01 17.21 27.59
N LEU C 70 0.80 17.75 26.66
CA LEU C 70 1.87 16.98 26.05
C LEU C 70 2.86 16.48 27.09
N ALA C 71 3.16 17.31 28.10
CA ALA C 71 4.07 16.91 29.16
C ALA C 71 3.50 15.81 30.02
N PHE C 72 2.20 15.89 30.35
CA PHE C 72 1.59 14.80 31.11
C PHE C 72 1.59 13.51 30.31
N MSE C 73 1.36 13.60 29.00
CA MSE C 73 1.38 12.41 28.16
C MSE C 73 2.78 11.79 28.20
O MSE C 73 2.92 10.56 28.33
CB MSE C 73 1.00 12.76 26.72
CG MSE C 73 0.73 11.54 25.85
SE MSE C 73 -0.84 10.53 26.39
CE MSE C 73 -2.22 11.82 25.94
N THR C 74 3.80 12.65 28.10
CA THR C 74 5.17 12.17 28.18
C THR C 74 5.45 11.50 29.53
N ILE C 75 4.99 12.12 30.63
CA ILE C 75 5.19 11.57 31.96
C ILE C 75 4.52 10.22 32.10
N LEU C 76 3.28 10.09 31.61
CA LEU C 76 2.55 8.84 31.75
C LEU C 76 3.22 7.74 30.93
N LEU C 77 3.59 8.03 29.69
CA LEU C 77 4.25 7.02 28.87
C LEU C 77 5.62 6.66 29.42
N ALA C 78 6.29 7.58 30.09
CA ALA C 78 7.58 7.26 30.69
C ALA C 78 7.40 6.38 31.92
N TRP C 79 6.37 6.65 32.73
CA TRP C 79 6.12 5.77 33.87
C TRP C 79 5.71 4.39 33.42
N TYR C 80 4.85 4.30 32.39
CA TYR C 80 4.52 3.01 31.81
C TYR C 80 5.77 2.28 31.35
N ALA C 81 6.69 3.01 30.71
CA ALA C 81 7.92 2.38 30.21
C ALA C 81 8.80 1.91 31.36
N GLU C 82 8.92 2.71 32.43
CA GLU C 82 9.75 2.30 33.55
C GLU C 82 9.11 1.17 34.33
N TYR C 83 7.79 1.21 34.52
CA TYR C 83 7.11 0.13 35.23
C TYR C 83 7.24 -1.17 34.47
N ASP C 84 6.91 -1.14 33.17
CA ASP C 84 6.95 -2.37 32.38
C ASP C 84 8.36 -2.94 32.30
N ASP C 85 9.38 -2.06 32.30
CA ASP C 85 10.76 -2.52 32.19
C ASP C 85 11.30 -3.06 33.50
N ARG C 86 10.91 -2.45 34.62
CA ARG C 86 11.49 -2.82 35.91
C ARG C 86 10.74 -3.96 36.60
N ALA C 87 9.42 -4.02 36.47
CA ALA C 87 8.61 -4.95 37.24
C ALA C 87 8.14 -6.16 36.46
N ILE C 88 8.42 -6.26 35.16
CA ILE C 88 7.79 -7.31 34.36
C ILE C 88 8.80 -8.13 33.56
N ASP C 89 9.59 -7.47 32.69
CA ASP C 89 10.39 -8.20 31.71
C ASP C 89 11.73 -8.69 32.25
N SER C 90 12.28 -8.04 33.29
CA SER C 90 13.59 -8.43 33.80
C SER C 90 13.53 -9.71 34.62
N THR C 91 12.52 -9.84 35.47
CA THR C 91 12.43 -10.92 36.44
C THR C 91 12.25 -12.28 35.77
N ASP C 95 18.73 -10.52 37.66
CA ASP C 95 17.99 -9.80 38.69
C ASP C 95 16.50 -10.15 38.64
N GLY C 96 15.70 -9.34 39.29
CA GLY C 96 14.26 -9.52 39.28
C GLY C 96 13.65 -9.15 40.61
N LEU C 97 12.31 -9.22 40.64
CA LEU C 97 11.53 -8.96 41.84
C LEU C 97 10.72 -10.20 42.20
N THR C 98 10.51 -10.40 43.50
CA THR C 98 9.73 -11.52 43.96
C THR C 98 8.25 -11.33 43.62
N ASP C 99 7.50 -12.43 43.63
CA ASP C 99 6.07 -12.35 43.39
C ASP C 99 5.35 -11.61 44.51
N ALA C 100 5.82 -11.74 45.75
CA ALA C 100 5.21 -11.00 46.86
C ALA C 100 5.48 -9.50 46.72
N GLU C 101 6.69 -9.13 46.31
CA GLU C 101 6.99 -7.71 46.08
C GLU C 101 6.09 -7.14 45.00
N VAL C 102 5.84 -7.90 43.94
CA VAL C 102 5.00 -7.41 42.85
C VAL C 102 3.55 -7.34 43.29
N ALA C 103 3.09 -8.29 44.10
CA ALA C 103 1.73 -8.22 44.63
C ALA C 103 1.56 -6.98 45.52
N GLU C 104 2.55 -6.68 46.35
CA GLU C 104 2.49 -5.48 47.18
C GLU C 104 2.54 -4.22 46.31
N LEU C 105 3.37 -4.23 45.27
CA LEU C 105 3.39 -3.10 44.34
C LEU C 105 2.03 -2.88 43.71
N HIS C 106 1.35 -3.97 43.30
CA HIS C 106 0.03 -3.84 42.72
C HIS C 106 -0.96 -3.27 43.72
N ARG C 107 -0.94 -3.79 44.95
CA ARG C 107 -1.82 -3.28 46.00
C ARG C 107 -1.60 -1.78 46.19
N ALA C 108 -0.34 -1.36 46.28
CA ALA C 108 -0.05 0.04 46.59
C ALA C 108 -0.37 0.96 45.42
N LEU C 109 -0.06 0.53 44.19
CA LEU C 109 -0.37 1.35 43.02
C LEU C 109 -1.87 1.47 42.81
N GLY C 110 -2.61 0.37 42.98
CA GLY C 110 -4.06 0.47 42.93
C GLY C 110 -4.62 1.30 44.07
N GLU C 111 -3.89 1.36 45.18
CA GLU C 111 -4.30 2.24 46.28
C GLU C 111 -4.10 3.71 45.92
N ILE C 112 -3.04 4.01 45.16
CA ILE C 112 -2.84 5.38 44.69
C ILE C 112 -4.02 5.79 43.81
N LEU C 113 -4.55 4.85 43.03
CA LEU C 113 -5.70 5.13 42.18
C LEU C 113 -6.94 5.49 43.00
N ARG C 114 -6.99 5.09 44.26
CA ARG C 114 -8.06 5.51 45.17
C ARG C 114 -7.76 6.86 45.83
N ASP C 115 -6.92 7.68 45.20
CA ASP C 115 -6.58 9.03 45.66
C ASP C 115 -5.89 9.04 47.02
N ARG C 116 -5.41 7.88 47.49
CA ARG C 116 -4.72 7.75 48.76
C ARG C 116 -3.21 7.94 48.57
N PRO C 117 -2.49 8.35 49.60
CA PRO C 117 -1.06 8.58 49.44
C PRO C 117 -0.29 7.30 49.18
N ALA C 118 0.88 7.46 48.58
CA ALA C 118 1.74 6.32 48.26
C ALA C 118 2.24 5.68 49.55
N PRO C 119 1.97 4.39 49.79
CA PRO C 119 2.42 3.77 51.04
C PRO C 119 3.93 3.81 51.21
N ASP C 120 4.70 3.83 50.12
CA ASP C 120 6.16 3.89 50.17
C ASP C 120 6.62 5.05 49.29
N PRO C 121 6.59 6.28 49.82
CA PRO C 121 7.04 7.42 49.01
C PRO C 121 8.53 7.41 48.68
N SER C 122 9.29 6.43 49.18
CA SER C 122 10.68 6.26 48.79
C SER C 122 10.84 5.39 47.56
N ASP C 123 9.88 4.52 47.28
CA ASP C 123 9.91 3.73 46.05
C ASP C 123 9.68 4.64 44.85
N PRO C 124 10.56 4.63 43.85
CA PRO C 124 10.41 5.59 42.74
C PRO C 124 9.14 5.38 41.93
N VAL C 125 8.70 4.13 41.74
CA VAL C 125 7.48 3.87 40.99
C VAL C 125 6.28 4.45 41.70
N GLN C 126 6.29 4.47 43.03
CA GLN C 126 5.18 5.04 43.78
C GLN C 126 5.07 6.53 43.56
N ARG C 127 6.17 7.27 43.73
CA ARG C 127 6.16 8.70 43.41
C ARG C 127 5.76 8.94 41.97
N GLY C 128 6.26 8.13 41.05
CA GLY C 128 5.92 8.33 39.65
C GLY C 128 4.43 8.22 39.40
N LEU C 129 3.81 7.15 39.89
CA LEU C 129 2.37 6.99 39.69
C LEU C 129 1.59 8.05 40.45
N ALA C 130 2.06 8.47 41.63
CA ALA C 130 1.37 9.53 42.36
C ALA C 130 1.37 10.83 41.55
N ASP C 131 2.53 11.19 40.99
CA ASP C 131 2.62 12.40 40.19
C ASP C 131 1.75 12.29 38.94
N VAL C 132 1.79 11.13 38.27
CA VAL C 132 0.96 10.94 37.08
C VAL C 132 -0.51 11.07 37.44
N TRP C 133 -0.92 10.51 38.58
CA TRP C 133 -2.32 10.52 38.97
C TRP C 133 -2.79 11.91 39.33
N ARG C 134 -1.98 12.67 40.08
CA ARG C 134 -2.39 14.02 40.43
C ARG C 134 -2.42 14.91 39.19
N THR C 135 -1.47 14.74 38.28
CA THR C 135 -1.48 15.53 37.05
C THR C 135 -2.67 15.17 36.16
N LEU C 136 -3.02 13.89 36.12
CA LEU C 136 -4.17 13.46 35.34
C LEU C 136 -5.46 14.01 35.92
N ASN C 137 -5.61 13.96 37.24
CA ASN C 137 -6.81 14.49 37.89
C ASN C 137 -6.88 16.01 37.80
N GLY C 138 -5.73 16.68 37.65
CA GLY C 138 -5.73 18.12 37.46
C GLY C 138 -6.10 18.57 36.05
N LEU C 139 -5.82 17.74 35.05
CA LEU C 139 -6.07 18.09 33.66
C LEU C 139 -7.40 17.57 33.11
N ALA C 140 -8.13 16.76 33.87
CA ALA C 140 -9.37 16.17 33.39
C ALA C 140 -10.56 16.69 34.17
N SER C 141 -11.72 16.68 33.51
CA SER C 141 -12.95 17.20 34.09
C SER C 141 -14.00 16.11 34.27
N ASP C 142 -14.64 15.63 33.21
CA ASP C 142 -15.66 14.58 33.29
C ASP C 142 -15.18 13.37 32.51
N TRP C 143 -14.77 12.33 33.21
CA TRP C 143 -14.34 11.10 32.56
C TRP C 143 -14.57 9.93 33.51
N ASP C 144 -14.55 8.73 32.95
CA ASP C 144 -14.77 7.52 33.72
C ASP C 144 -13.50 7.17 34.47
N ARG C 145 -13.33 7.76 35.66
CA ARG C 145 -12.20 7.38 36.49
C ARG C 145 -12.34 5.92 36.95
N ALA C 146 -13.56 5.50 37.28
CA ALA C 146 -13.77 4.14 37.73
C ALA C 146 -13.44 3.13 36.63
N ALA C 147 -13.85 3.43 35.40
CA ALA C 147 -13.55 2.52 34.29
C ALA C 147 -12.05 2.42 34.06
N PHE C 148 -11.34 3.55 34.16
CA PHE C 148 -9.89 3.50 33.97
C PHE C 148 -9.23 2.71 35.09
N VAL C 149 -9.72 2.86 36.33
CA VAL C 149 -9.16 2.09 37.43
C VAL C 149 -9.42 0.60 37.23
N ASP C 150 -10.60 0.24 36.70
CA ASP C 150 -10.87 -1.16 36.41
C ASP C 150 -9.92 -1.68 35.34
N THR C 151 -9.70 -0.91 34.28
CA THR C 151 -8.75 -1.33 33.25
C THR C 151 -7.34 -1.44 33.81
N THR C 152 -7.00 -0.61 34.79
CA THR C 152 -5.68 -0.72 35.42
C THR C 152 -5.57 -1.98 36.27
N LEU C 153 -6.65 -2.35 36.95
CA LEU C 153 -6.66 -3.62 37.67
C LEU C 153 -6.49 -4.79 36.71
N ARG C 154 -7.19 -4.76 35.57
CA ARG C 154 -7.02 -5.82 34.59
C ARG C 154 -5.62 -5.83 34.00
N TYR C 155 -5.03 -4.65 33.83
CA TYR C 155 -3.64 -4.55 33.38
C TYR C 155 -2.69 -5.19 34.39
N PHE C 156 -2.91 -4.96 35.68
N PHE C 156 -2.91 -4.96 35.68
CA PHE C 156 -2.09 -5.60 36.71
CA PHE C 156 -2.09 -5.60 36.71
C PHE C 156 -2.25 -7.11 36.69
C PHE C 156 -2.25 -7.11 36.69
N GLU C 157 -3.49 -7.59 36.51
CA GLU C 157 -3.72 -9.02 36.43
C GLU C 157 -3.02 -9.63 35.23
N ALA C 158 -3.08 -8.95 34.08
CA ALA C 158 -2.37 -9.41 32.91
C ALA C 158 -0.86 -9.35 33.09
N ASN C 159 -0.35 -8.38 33.85
CA ASN C 159 1.08 -8.35 34.15
C ASN C 159 1.48 -9.55 34.99
N ARG C 160 0.67 -9.90 35.98
CA ARG C 160 0.94 -11.11 36.75
C ARG C 160 0.90 -12.35 35.86
N TYR C 161 -0.03 -12.40 34.91
CA TYR C 161 -0.08 -13.51 33.96
C TYR C 161 1.19 -13.57 33.12
N GLU C 162 1.62 -12.41 32.61
CA GLU C 162 2.84 -12.32 31.83
C GLU C 162 4.04 -12.81 32.62
N ARG C 163 4.13 -12.44 33.90
CA ARG C 163 5.28 -12.88 34.69
C ARG C 163 5.22 -14.38 34.96
N VAL C 164 4.02 -14.92 35.16
CA VAL C 164 3.87 -16.37 35.28
C VAL C 164 4.42 -17.06 34.04
N ASN C 165 4.05 -16.53 32.86
CA ASN C 165 4.52 -17.13 31.61
C ASN C 165 6.03 -17.00 31.47
N ILE C 166 6.58 -15.83 31.81
CA ILE C 166 8.02 -15.61 31.70
C ILE C 166 8.78 -16.57 32.60
N ARG C 167 8.29 -16.76 33.84
CA ARG C 167 8.96 -17.66 34.77
C ARG C 167 8.86 -19.10 34.30
N ARG C 168 7.74 -19.48 33.70
CA ARG C 168 7.63 -20.81 33.11
C ARG C 168 8.58 -20.99 31.93
N GLY C 169 9.11 -19.90 31.38
CA GLY C 169 10.04 -20.00 30.27
C GLY C 169 9.43 -20.40 28.95
N ILE C 170 8.11 -20.27 28.82
CA ILE C 170 7.41 -20.75 27.63
C ILE C 170 6.39 -19.70 27.22
N PRO C 171 6.19 -19.47 25.92
CA PRO C 171 5.17 -18.52 25.49
C PRO C 171 3.79 -19.16 25.51
N PRO C 172 2.75 -18.37 25.76
CA PRO C 172 1.39 -18.93 25.81
C PRO C 172 0.91 -19.32 24.43
N THR C 173 -0.27 -19.93 24.40
CA THR C 173 -0.95 -20.20 23.14
C THR C 173 -1.23 -18.88 22.43
N PRO C 174 -1.17 -18.86 21.09
CA PRO C 174 -1.51 -17.62 20.37
C PRO C 174 -2.87 -17.03 20.76
N SER C 175 -3.91 -17.84 20.87
CA SER C 175 -5.23 -17.29 21.19
C SER C 175 -5.26 -16.73 22.60
N ALA C 176 -4.75 -17.49 23.57
CA ALA C 176 -4.71 -17.02 24.95
C ALA C 176 -3.83 -15.77 25.11
N HIS C 177 -2.80 -15.64 24.27
CA HIS C 177 -1.95 -14.46 24.36
C HIS C 177 -2.60 -13.25 23.71
N ILE C 178 -3.27 -13.45 22.58
CA ILE C 178 -4.00 -12.35 21.94
C ILE C 178 -5.10 -11.84 22.87
N GLY C 179 -5.78 -12.76 23.56
CA GLY C 179 -6.81 -12.34 24.49
C GLY C 179 -6.26 -11.51 25.64
N MSE C 180 -5.13 -11.92 26.21
CA MSE C 180 -4.58 -11.29 27.40
C MSE C 180 -3.71 -10.07 27.10
O MSE C 180 -3.54 -9.20 27.95
CB MSE C 180 -3.77 -12.31 28.20
CG MSE C 180 -4.60 -13.42 28.80
SE MSE C 180 -5.83 -12.75 30.15
CE MSE C 180 -4.52 -12.00 31.39
N ARG C 181 -3.13 -10.03 25.90
CA ARG C 181 -2.28 -8.91 25.53
C ARG C 181 -3.06 -7.60 25.53
N ARG C 182 -4.35 -7.64 25.20
CA ARG C 182 -5.18 -6.45 25.22
C ARG C 182 -5.21 -5.82 26.62
N HIS C 183 -5.21 -6.66 27.66
CA HIS C 183 -5.11 -6.12 29.01
C HIS C 183 -3.65 -5.85 29.40
N GLY C 184 -2.71 -6.61 28.84
CA GLY C 184 -1.31 -6.44 29.19
C GLY C 184 -0.70 -5.16 28.68
N GLY C 185 -1.34 -4.50 27.72
CA GLY C 185 -0.83 -3.25 27.20
C GLY C 185 -1.63 -2.06 27.68
N HIS C 186 -2.72 -2.34 28.39
CA HIS C 186 -3.62 -1.31 28.92
C HIS C 186 -4.14 -0.42 27.80
N VAL C 187 -4.56 -1.04 26.70
CA VAL C 187 -4.99 -0.26 25.55
C VAL C 187 -6.36 0.37 25.78
N TYR C 188 -7.24 -0.33 26.51
CA TYR C 188 -8.53 0.26 26.84
C TYR C 188 -8.37 1.42 27.82
N GLY C 189 -7.50 1.27 28.81
CA GLY C 189 -7.17 2.39 29.67
C GLY C 189 -6.58 3.54 28.91
N MSE C 190 -5.82 3.26 27.86
CA MSE C 190 -5.25 4.30 27.03
C MSE C 190 -6.31 5.00 26.20
O MSE C 190 -6.23 6.20 25.96
CB MSE C 190 -4.18 3.72 26.11
CG MSE C 190 -2.83 3.58 26.79
SE MSE C 190 -2.23 5.30 27.48
CE MSE C 190 -2.28 6.33 25.82
N TYR C 191 -7.33 4.25 25.75
CA TYR C 191 -8.47 4.89 25.08
C TYR C 191 -9.20 5.82 26.03
N ILE C 192 -9.41 5.36 27.27
CA ILE C 192 -10.09 6.19 28.27
C ILE C 192 -9.27 7.45 28.55
N LEU C 193 -7.95 7.32 28.67
CA LEU C 193 -7.10 8.48 28.92
C LEU C 193 -7.04 9.42 27.73
N GLY C 194 -7.07 8.89 26.51
CA GLY C 194 -7.12 9.76 25.36
C GLY C 194 -8.40 10.56 25.30
N ALA C 195 -9.51 9.95 25.71
CA ALA C 195 -10.76 10.70 25.83
C ALA C 195 -10.66 11.76 26.92
N ALA C 196 -10.17 11.37 28.10
CA ALA C 196 -10.19 12.29 29.24
C ALA C 196 -9.24 13.47 29.02
N VAL C 197 -8.10 13.23 28.37
CA VAL C 197 -7.07 14.26 28.27
C VAL C 197 -7.40 15.27 27.18
N ASN C 198 -7.81 14.78 26.01
CA ASN C 198 -8.08 15.64 24.87
C ASN C 198 -9.46 16.30 24.90
N GLY C 199 -10.14 16.28 26.04
CA GLY C 199 -11.36 17.05 26.21
C GLY C 199 -12.55 16.58 25.38
N TYR C 200 -12.77 15.26 25.31
CA TYR C 200 -13.95 14.72 24.67
C TYR C 200 -14.34 13.45 25.41
N ARG C 201 -15.64 13.24 25.58
CA ARG C 201 -16.05 11.97 26.16
C ARG C 201 -17.24 11.39 25.40
N PRO C 202 -17.08 10.25 24.74
CA PRO C 202 -18.19 9.68 23.98
C PRO C 202 -19.28 9.18 24.91
N GLU C 203 -20.51 9.16 24.38
CA GLU C 203 -21.64 8.68 25.16
C GLU C 203 -21.45 7.22 25.55
N ARG C 204 -21.75 6.91 26.82
CA ARG C 204 -21.69 5.51 27.25
C ARG C 204 -22.72 4.66 26.53
N ARG C 205 -23.79 5.27 26.00
CA ARG C 205 -24.71 4.53 25.15
C ARG C 205 -24.05 4.11 23.85
N VAL C 206 -22.91 4.70 23.51
CA VAL C 206 -22.15 4.32 22.32
C VAL C 206 -20.95 3.45 22.69
N LEU C 207 -20.21 3.80 23.74
CA LEU C 207 -19.03 3.03 24.11
C LEU C 207 -19.39 1.59 24.47
N ASP C 208 -20.60 1.36 24.99
CA ASP C 208 -21.04 0.02 25.32
C ASP C 208 -21.58 -0.75 24.11
N HIS C 209 -21.78 -0.08 22.97
CA HIS C 209 -22.30 -0.72 21.77
C HIS C 209 -21.37 -1.85 21.31
N ALA C 210 -21.98 -2.95 20.87
CA ALA C 210 -21.20 -4.13 20.50
C ALA C 210 -20.24 -3.83 19.37
N ALA C 211 -20.68 -3.06 18.38
CA ALA C 211 -19.82 -2.72 17.26
C ALA C 211 -18.61 -1.91 17.73
N VAL C 212 -18.85 -0.90 18.58
CA VAL C 212 -17.76 -0.08 19.07
C VAL C 212 -16.82 -0.90 19.95
N ARG C 213 -17.37 -1.79 20.77
CA ARG C 213 -16.55 -2.66 21.61
C ARG C 213 -15.60 -3.49 20.75
N GLU C 214 -16.15 -4.18 19.74
CA GLU C 214 -15.31 -5.06 18.93
C GLU C 214 -14.38 -4.28 18.01
N LEU C 215 -14.76 -3.07 17.63
CA LEU C 215 -13.84 -2.21 16.87
C LEU C 215 -12.66 -1.79 17.74
N GLU C 216 -12.93 -1.47 19.02
CA GLU C 216 -11.85 -1.23 19.96
C GLU C 216 -10.96 -2.45 20.10
N THR C 217 -11.55 -3.64 20.18
CA THR C 217 -10.75 -4.86 20.29
C THR C 217 -9.87 -5.05 19.06
N LEU C 218 -10.42 -4.78 17.87
CA LEU C 218 -9.63 -4.91 16.65
C LEU C 218 -8.47 -3.92 16.64
N ALA C 219 -8.73 -2.67 17.02
CA ALA C 219 -7.68 -1.67 17.06
C ALA C 219 -6.60 -2.04 18.07
N ALA C 220 -7.01 -2.51 19.26
CA ALA C 220 -6.05 -2.91 20.27
C ALA C 220 -5.23 -4.10 19.81
N ASN C 221 -5.87 -5.05 19.12
CA ASN C 221 -5.15 -6.19 18.57
C ASN C 221 -4.09 -5.71 17.59
N TYR C 222 -4.46 -4.82 16.67
CA TYR C 222 -3.50 -4.31 15.70
C TYR C 222 -2.32 -3.65 16.41
N THR C 223 -2.62 -2.76 17.36
CA THR C 223 -1.56 -2.04 18.05
C THR C 223 -0.63 -2.98 18.80
N SER C 224 -1.20 -3.94 19.54
CA SER C 224 -0.39 -4.84 20.35
C SER C 224 0.44 -5.77 19.49
N TRP C 225 -0.12 -6.26 18.38
CA TRP C 225 0.65 -7.14 17.50
C TRP C 225 1.78 -6.36 16.82
N ALA C 226 1.52 -5.11 16.45
CA ALA C 226 2.59 -4.29 15.87
C ALA C 226 3.69 -4.05 16.89
N ASN C 227 3.32 -3.72 18.13
CA ASN C 227 4.34 -3.53 19.17
C ASN C 227 5.15 -4.80 19.39
N ASP C 228 4.48 -5.95 19.44
CA ASP C 228 5.20 -7.20 19.60
C ASP C 228 6.13 -7.45 18.44
N LEU C 229 5.66 -7.23 17.21
CA LEU C 229 6.48 -7.45 16.03
C LEU C 229 7.73 -6.57 16.05
N HIS C 230 7.59 -5.33 16.50
CA HIS C 230 8.75 -4.44 16.49
C HIS C 230 9.68 -4.68 17.65
N SER C 231 9.15 -4.96 18.84
CA SER C 231 9.96 -5.17 20.03
C SER C 231 10.31 -6.63 20.26
N PHE C 232 10.08 -7.50 19.27
CA PHE C 232 10.37 -8.92 19.44
C PHE C 232 11.84 -9.16 19.78
N ALA C 233 12.76 -8.45 19.11
CA ALA C 233 14.18 -8.67 19.37
C ALA C 233 14.53 -8.30 20.80
N ARG C 234 14.09 -7.11 21.24
CA ARG C 234 14.36 -6.65 22.60
C ARG C 234 13.75 -7.59 23.63
N GLU C 235 12.53 -8.06 23.39
CA GLU C 235 11.87 -8.94 24.34
C GLU C 235 12.44 -10.35 24.31
N HIS C 236 13.02 -10.76 23.19
CA HIS C 236 13.65 -12.08 23.10
C HIS C 236 14.97 -12.09 23.83
N ARG C 237 15.74 -11.01 23.72
CA ARG C 237 16.98 -10.92 24.49
C ARG C 237 16.69 -10.88 25.98
N MSE C 238 15.55 -10.34 26.37
CA MSE C 238 15.17 -10.21 27.78
C MSE C 238 14.32 -11.39 28.26
O MSE C 238 14.01 -11.49 29.45
CB MSE C 238 14.41 -8.90 28.01
CG MSE C 238 15.26 -7.66 27.87
SE MSE C 238 14.22 -6.02 28.00
CE MSE C 238 15.66 -4.76 28.28
N GLY C 239 13.94 -12.27 27.34
CA GLY C 239 13.18 -13.44 27.70
C GLY C 239 11.70 -13.23 27.83
N GLN C 240 11.18 -12.08 27.42
CA GLN C 240 9.75 -11.81 27.48
C GLN C 240 9.03 -12.68 26.46
N VAL C 241 8.41 -13.77 26.94
CA VAL C 241 7.76 -14.73 26.06
C VAL C 241 6.36 -14.32 25.69
N ASN C 242 5.85 -13.22 26.22
CA ASN C 242 4.52 -12.71 25.85
C ASN C 242 4.66 -11.86 24.59
N ASN C 243 4.95 -12.55 23.49
CA ASN C 243 5.10 -11.93 22.19
C ASN C 243 4.47 -12.85 21.16
N LEU C 244 3.68 -12.28 20.25
CA LEU C 244 2.95 -13.12 19.29
C LEU C 244 3.92 -13.83 18.35
N VAL C 245 5.10 -13.25 18.11
CA VAL C 245 6.10 -13.93 17.29
C VAL C 245 6.62 -15.17 18.02
N TRP C 246 7.03 -15.00 19.29
CA TRP C 246 7.37 -16.14 20.14
C TRP C 246 6.29 -17.21 20.08
N SER C 247 5.03 -16.79 20.28
CA SER C 247 3.94 -17.76 20.40
C SER C 247 3.69 -18.49 19.10
N VAL C 248 3.68 -17.79 17.96
CA VAL C 248 3.47 -18.45 16.69
C VAL C 248 4.64 -19.37 16.36
N HIS C 249 5.86 -18.93 16.63
CA HIS C 249 7.03 -19.77 16.39
C HIS C 249 6.97 -21.05 17.22
N HIS C 250 6.54 -20.94 18.47
CA HIS C 250 6.56 -22.09 19.38
C HIS C 250 5.40 -23.05 19.11
N HIS C 251 4.18 -22.53 18.97
CA HIS C 251 2.99 -23.38 18.93
C HIS C 251 2.54 -23.72 17.52
N GLU C 252 2.94 -22.96 16.51
CA GLU C 252 2.63 -23.29 15.13
C GLU C 252 3.83 -23.83 14.38
N GLY C 253 4.96 -24.03 15.06
CA GLY C 253 6.14 -24.61 14.47
C GLY C 253 6.68 -23.86 13.28
N LEU C 254 6.94 -22.56 13.43
CA LEU C 254 7.43 -21.74 12.33
C LEU C 254 8.73 -21.06 12.74
N THR C 255 9.54 -20.74 11.74
CA THR C 255 10.74 -19.95 11.98
C THR C 255 10.37 -18.60 12.58
N PHE C 256 11.32 -18.01 13.30
CA PHE C 256 11.10 -16.67 13.82
C PHE C 256 10.76 -15.71 12.70
N GLN C 257 11.37 -15.91 11.52
CA GLN C 257 10.98 -15.11 10.36
C GLN C 257 9.58 -15.46 9.88
N GLN C 258 9.26 -16.75 9.79
CA GLN C 258 7.91 -17.13 9.40
C GLN C 258 6.89 -16.65 10.43
N ALA C 259 7.25 -16.69 11.71
CA ALA C 259 6.36 -16.20 12.74
C ALA C 259 6.13 -14.70 12.60
N ALA C 260 7.20 -13.95 12.34
CA ALA C 260 7.06 -12.51 12.12
C ALA C 260 6.20 -12.23 10.89
N ASP C 261 6.36 -13.02 9.84
CA ASP C 261 5.55 -12.83 8.64
C ASP C 261 4.09 -13.11 8.94
N ARG C 262 3.80 -14.16 9.71
CA ARG C 262 2.42 -14.44 10.07
C ARG C 262 1.85 -13.34 10.94
N VAL C 263 2.65 -12.76 11.83
CA VAL C 263 2.19 -11.66 12.66
C VAL C 263 1.85 -10.45 11.81
N ALA C 264 2.71 -10.13 10.84
CA ALA C 264 2.42 -9.01 9.95
C ALA C 264 1.16 -9.26 9.13
N ASP C 265 0.97 -10.49 8.66
CA ASP C 265 -0.22 -10.81 7.88
C ASP C 265 -1.48 -10.70 8.74
N LEU C 266 -1.39 -11.13 10.01
CA LEU C 266 -2.51 -10.95 10.93
C LEU C 266 -2.79 -9.47 11.15
N CYS C 267 -1.74 -8.65 11.26
CA CYS C 267 -1.94 -7.21 11.40
C CYS C 267 -2.70 -6.66 10.20
N ASP C 268 -2.29 -7.05 9.00
CA ASP C 268 -2.97 -6.58 7.80
C ASP C 268 -4.44 -6.99 7.79
N LYS C 269 -4.71 -8.26 8.12
CA LYS C 269 -6.07 -8.76 8.11
C LYS C 269 -6.93 -8.04 9.15
N GLU C 270 -6.36 -7.76 10.31
CA GLU C 270 -7.12 -7.07 11.35
C GLU C 270 -7.34 -5.60 10.99
N LEU C 271 -6.41 -4.99 10.26
CA LEU C 271 -6.65 -3.64 9.74
C LEU C 271 -7.80 -3.64 8.75
N ALA C 272 -7.84 -4.64 7.87
CA ALA C 272 -8.96 -4.77 6.95
C ALA C 272 -10.27 -4.92 7.70
N ALA C 273 -10.27 -5.77 8.73
CA ALA C 273 -11.48 -5.97 9.53
C ALA C 273 -11.89 -4.68 10.23
N TYR C 274 -10.92 -3.94 10.77
CA TYR C 274 -11.24 -2.68 11.43
C TYR C 274 -11.85 -1.70 10.46
N LEU C 275 -11.30 -1.59 9.26
CA LEU C 275 -11.85 -0.68 8.27
C LEU C 275 -13.27 -1.09 7.89
N GLU C 276 -13.51 -2.40 7.74
CA GLU C 276 -14.86 -2.85 7.41
C GLU C 276 -15.85 -2.50 8.52
N LEU C 277 -15.49 -2.78 9.77
CA LEU C 277 -16.35 -2.43 10.89
C LEU C 277 -16.61 -0.93 10.95
N ARG C 278 -15.55 -0.13 10.80
CA ARG C 278 -15.71 1.33 10.87
C ARG C 278 -16.65 1.82 9.79
N GLN C 279 -16.54 1.29 8.58
CA GLN C 279 -17.44 1.70 7.52
C GLN C 279 -18.86 1.22 7.81
N THR C 280 -19.01 0.08 8.48
CA THR C 280 -20.34 -0.43 8.80
C THR C 280 -21.01 0.34 9.94
N LEU C 281 -20.23 0.97 10.82
CA LEU C 281 -20.79 1.65 11.99
C LEU C 281 -21.94 2.62 11.66
N PRO C 282 -21.85 3.50 10.66
CA PRO C 282 -22.97 4.43 10.43
C PRO C 282 -24.28 3.75 10.10
N GLU C 283 -24.26 2.62 9.40
CA GLU C 283 -25.51 1.93 9.08
C GLU C 283 -26.17 1.35 10.33
N LEU C 284 -25.38 1.05 11.36
CA LEU C 284 -25.92 0.49 12.60
C LEU C 284 -26.55 1.55 13.50
N GLY C 285 -26.51 2.81 13.12
CA GLY C 285 -27.03 3.88 13.94
C GLY C 285 -26.00 4.64 14.75
N ILE C 286 -24.73 4.51 14.45
CA ILE C 286 -23.66 5.17 15.17
C ILE C 286 -22.88 6.04 14.19
N PRO C 287 -23.19 7.33 14.10
CA PRO C 287 -22.41 8.22 13.23
C PRO C 287 -21.10 8.62 13.88
N LEU C 288 -20.09 8.83 13.03
CA LEU C 288 -18.77 9.27 13.50
C LEU C 288 -18.68 10.80 13.45
N THR C 289 -19.59 11.44 14.17
CA THR C 289 -19.70 12.89 14.16
C THR C 289 -19.00 13.49 15.37
N GLY C 290 -19.64 13.43 16.53
CA GLY C 290 -19.16 14.14 17.70
C GLY C 290 -17.99 13.49 18.41
N ALA C 291 -18.16 13.20 19.70
CA ALA C 291 -17.09 12.59 20.48
C ALA C 291 -16.77 11.18 20.01
N THR C 292 -17.76 10.47 19.46
CA THR C 292 -17.50 9.15 18.92
C THR C 292 -16.52 9.21 17.75
N GLY C 293 -16.65 10.25 16.92
CA GLY C 293 -15.72 10.42 15.82
C GLY C 293 -14.29 10.64 16.31
N ARG C 294 -14.13 11.52 17.30
CA ARG C 294 -12.79 11.75 17.84
C ARG C 294 -12.26 10.50 18.52
N HIS C 295 -13.15 9.67 19.07
CA HIS C 295 -12.71 8.42 19.69
C HIS C 295 -12.17 7.45 18.64
N VAL C 296 -12.90 7.29 17.53
CA VAL C 296 -12.42 6.44 16.44
C VAL C 296 -11.11 6.98 15.88
N ARG C 297 -10.99 8.31 15.80
CA ARG C 297 -9.75 8.89 15.30
C ARG C 297 -8.59 8.63 16.25
N PHE C 298 -8.87 8.58 17.56
CA PHE C 298 -7.82 8.24 18.51
C PHE C 298 -7.43 6.77 18.40
N LEU C 299 -8.42 5.89 18.16
CA LEU C 299 -8.10 4.49 17.88
C LEU C 299 -7.16 4.38 16.70
N GLU C 300 -7.48 5.07 15.60
CA GLU C 300 -6.60 5.08 14.43
C GLU C 300 -5.24 5.69 14.75
N ASP C 301 -5.21 6.68 15.65
CA ASP C 301 -3.95 7.33 16.00
C ASP C 301 -2.97 6.34 16.59
N MSE C 302 -3.42 5.54 17.57
CA MSE C 302 -2.53 4.61 18.25
C MSE C 302 -2.03 3.52 17.31
O MSE C 302 -0.90 3.05 17.44
CB MSE C 302 -3.23 3.98 19.45
CG MSE C 302 -3.41 4.94 20.60
SE MSE C 302 -3.40 4.04 22.33
CE MSE C 302 -1.65 3.20 22.25
N MSE C 303 -2.86 3.14 16.34
CA MSE C 303 -2.45 2.18 15.32
C MSE C 303 -1.31 2.76 14.49
O MSE C 303 -0.26 2.13 14.34
CB MSE C 303 -3.64 1.79 14.43
CG MSE C 303 -4.62 0.83 15.08
SE MSE C 303 -6.09 0.30 13.90
CE MSE C 303 -7.43 1.58 14.46
N TRP C 304 -1.52 3.96 13.95
CA TRP C 304 -0.48 4.63 13.16
C TRP C 304 0.75 4.90 14.02
N SER C 305 0.53 5.23 15.30
CA SER C 305 1.64 5.60 16.18
C SER C 305 2.65 4.47 16.29
N MSE C 306 2.18 3.25 16.55
CA MSE C 306 3.06 2.10 16.72
C MSE C 306 3.86 1.83 15.44
O MSE C 306 5.10 1.78 15.47
CB MSE C 306 2.27 0.87 17.13
CG MSE C 306 3.02 -0.10 18.03
SE MSE C 306 3.78 0.75 19.61
CE MSE C 306 2.18 1.67 20.26
N VAL C 307 3.13 1.68 14.34
CA VAL C 307 3.74 1.45 13.02
C VAL C 307 4.85 2.48 12.76
N ASP C 308 4.50 3.76 12.78
CA ASP C 308 5.42 4.80 12.35
C ASP C 308 6.55 5.04 13.35
N TRP C 309 6.24 4.97 14.64
CA TRP C 309 7.17 5.31 15.72
C TRP C 309 8.17 4.20 16.04
N SER C 310 7.74 2.93 16.01
CA SER C 310 8.58 1.84 16.49
C SER C 310 9.91 1.72 15.73
N ALA C 311 9.97 2.20 14.49
CA ALA C 311 11.24 2.14 13.76
C ALA C 311 12.22 3.20 14.25
N ARG C 312 11.70 4.34 14.72
CA ARG C 312 12.55 5.44 15.16
C ARG C 312 12.99 5.34 16.61
N SER C 313 12.27 4.56 17.43
CA SER C 313 12.60 4.47 18.85
C SER C 313 13.77 3.51 19.07
N ALA C 314 14.35 3.59 20.27
CA ALA C 314 15.45 2.71 20.63
C ALA C 314 14.96 1.30 20.96
N ARG C 315 13.80 1.19 21.58
CA ARG C 315 13.22 -0.11 21.94
C ARG C 315 12.73 -0.86 20.70
N ALA D 1 36.50 45.41 -6.90
CA ALA D 1 35.60 45.53 -8.05
C ALA D 1 34.97 44.19 -8.41
N ASP D 2 34.94 43.27 -7.45
CA ASP D 2 34.34 41.96 -7.68
C ASP D 2 32.82 42.08 -7.79
N MSE D 3 32.19 41.00 -8.25
CA MSE D 3 30.76 41.02 -8.54
C MSE D 3 29.88 40.66 -7.34
O MSE D 3 29.05 41.46 -6.92
CB MSE D 3 30.44 40.09 -9.71
CG MSE D 3 30.23 40.84 -11.00
SE MSE D 3 28.84 42.20 -10.86
CE MSE D 3 29.95 43.79 -10.90
N THR D 4 30.07 39.44 -6.83
CA THR D 4 29.28 38.85 -5.74
C THR D 4 27.79 39.22 -5.83
N ILE D 5 27.24 39.00 -7.03
CA ILE D 5 25.82 39.21 -7.30
C ILE D 5 25.12 37.86 -7.18
N SER D 6 23.81 37.88 -6.97
CA SER D 6 23.03 36.68 -6.72
C SER D 6 22.09 36.45 -7.89
N VAL D 7 22.37 35.41 -8.67
CA VAL D 7 21.64 35.04 -9.88
C VAL D 7 20.34 34.33 -9.53
N PRO D 8 19.19 34.83 -9.98
CA PRO D 8 17.92 34.13 -9.71
C PRO D 8 17.80 32.85 -10.53
N GLN D 9 16.84 32.02 -10.13
CA GLN D 9 16.50 30.80 -10.85
C GLN D 9 15.37 31.09 -11.85
N LEU D 10 15.16 30.15 -12.77
CA LEU D 10 14.19 30.31 -13.85
C LEU D 10 13.28 29.10 -13.92
N ASP D 11 11.97 29.32 -13.73
CA ASP D 11 10.98 28.26 -13.86
C ASP D 11 10.45 28.23 -15.30
N CYS D 12 10.72 27.11 -15.99
CA CYS D 12 10.22 26.86 -17.34
C CYS D 12 9.49 25.52 -17.38
N PRO D 13 8.24 25.47 -17.89
CA PRO D 13 7.46 24.23 -17.92
C PRO D 13 7.88 23.26 -19.01
N LEU D 14 9.18 22.98 -19.08
CA LEU D 14 9.74 22.06 -20.06
C LEU D 14 10.58 21.03 -19.34
N SER D 15 10.18 19.77 -19.41
CA SER D 15 10.84 18.68 -18.71
C SER D 15 11.46 17.72 -19.72
N ARG D 16 12.53 17.06 -19.29
CA ARG D 16 13.27 16.15 -20.16
C ARG D 16 14.16 15.25 -19.34
N PRO D 17 14.21 13.95 -19.63
CA PRO D 17 15.14 13.06 -18.93
C PRO D 17 16.55 13.18 -19.52
N VAL D 18 17.52 12.91 -18.67
CA VAL D 18 18.92 13.03 -19.04
C VAL D 18 19.43 11.69 -19.55
N HIS D 19 20.45 11.72 -20.39
CA HIS D 19 21.07 10.47 -20.84
C HIS D 19 21.91 9.89 -19.71
N PRO D 20 21.84 8.57 -19.49
CA PRO D 20 22.47 8.01 -18.29
C PRO D 20 23.99 8.03 -18.32
N GLU D 21 24.61 7.87 -19.49
CA GLU D 21 26.07 7.79 -19.59
C GLU D 21 26.78 9.13 -19.40
N GLY D 22 26.07 10.17 -18.97
CA GLY D 22 26.60 11.51 -18.85
C GLY D 22 27.98 11.61 -18.24
N GLU D 23 28.11 11.14 -16.99
CA GLU D 23 29.41 11.20 -16.31
C GLU D 23 30.52 10.59 -17.16
N ARG D 24 30.24 9.46 -17.81
CA ARG D 24 31.21 8.85 -18.73
C ARG D 24 31.75 9.90 -19.69
N ALA D 25 30.84 10.56 -20.43
CA ALA D 25 31.24 11.58 -21.38
C ALA D 25 32.11 12.63 -20.72
N ASP D 26 31.78 13.04 -19.49
CA ASP D 26 32.62 13.95 -18.74
C ASP D 26 34.07 13.50 -18.79
N ALA D 27 34.34 12.31 -18.26
CA ALA D 27 35.69 11.77 -18.33
C ALA D 27 36.19 11.72 -19.76
N TYR D 28 35.35 11.21 -20.67
CA TYR D 28 35.73 11.13 -22.07
C TYR D 28 36.15 12.49 -22.60
N ALA D 29 35.44 13.55 -22.19
CA ALA D 29 35.81 14.90 -22.57
C ALA D 29 37.29 15.14 -22.31
N VAL D 30 37.71 14.98 -21.04
CA VAL D 30 39.13 15.14 -20.70
C VAL D 30 39.98 14.31 -21.65
N GLU D 31 39.62 13.03 -21.82
CA GLU D 31 40.33 12.15 -22.74
C GLU D 31 40.52 12.83 -24.08
N TRP D 32 39.41 13.24 -24.70
CA TRP D 32 39.49 13.87 -26.00
C TRP D 32 40.35 15.13 -25.96
N LEU D 33 40.18 15.96 -24.92
CA LEU D 33 40.97 17.19 -24.85
C LEU D 33 42.45 16.91 -24.74
N ARG D 34 42.82 15.75 -24.20
CA ARG D 34 44.23 15.39 -24.17
C ARG D 34 44.68 14.67 -25.42
N GLY D 35 43.76 14.03 -26.14
CA GLY D 35 44.09 13.34 -27.37
C GLY D 35 44.20 14.23 -28.58
N VAL D 36 43.86 15.50 -28.43
CA VAL D 36 43.89 16.46 -29.53
C VAL D 36 44.97 17.51 -29.34
N GLY D 37 45.19 17.97 -28.11
CA GLY D 37 46.16 19.01 -27.84
C GLY D 37 45.60 20.24 -27.14
N LEU D 38 44.29 20.29 -26.88
CA LEU D 38 43.72 21.44 -26.18
C LEU D 38 44.08 21.42 -24.69
N MSE D 39 44.08 20.24 -24.08
CA MSE D 39 44.47 20.09 -22.68
C MSE D 39 45.82 19.40 -22.61
O MSE D 39 46.09 18.46 -23.36
CB MSE D 39 43.41 19.28 -21.93
CG MSE D 39 43.45 19.41 -20.43
SE MSE D 39 42.00 18.39 -19.62
CE MSE D 39 42.26 18.90 -17.76
N ALA D 40 46.68 19.86 -21.69
CA ALA D 40 48.10 19.49 -21.70
C ALA D 40 48.43 18.55 -20.53
N ASP D 41 48.60 17.27 -20.84
CA ASP D 41 49.29 16.31 -19.98
C ASP D 41 48.62 16.11 -18.63
N GLU D 42 49.20 16.70 -17.58
CA GLU D 42 48.82 16.45 -16.20
C GLU D 42 48.10 17.66 -15.61
N ALA D 43 46.90 17.92 -16.13
CA ALA D 43 46.03 18.96 -15.60
C ALA D 43 44.84 18.28 -14.94
N ASP D 44 44.52 18.71 -13.71
CA ASP D 44 43.46 18.06 -12.94
C ASP D 44 42.13 18.14 -13.66
N ALA D 45 41.46 16.99 -13.78
CA ALA D 45 40.17 16.92 -14.46
C ALA D 45 39.01 17.29 -13.55
N ALA D 46 39.23 17.41 -12.24
CA ALA D 46 38.14 17.80 -11.35
C ALA D 46 37.60 19.19 -11.66
N PRO D 47 38.42 20.20 -11.97
CA PRO D 47 37.84 21.46 -12.48
C PRO D 47 37.18 21.30 -13.83
N VAL D 48 37.56 20.28 -14.60
CA VAL D 48 36.96 20.05 -15.92
C VAL D 48 35.75 19.12 -15.83
N LEU D 49 35.81 18.08 -14.98
CA LEU D 49 34.63 17.25 -14.78
C LEU D 49 33.51 18.02 -14.13
N ALA D 50 33.83 19.01 -13.28
CA ALA D 50 32.80 19.84 -12.67
C ALA D 50 32.10 20.72 -13.69
N VAL D 51 32.71 20.94 -14.86
CA VAL D 51 32.05 21.68 -15.92
C VAL D 51 30.82 20.93 -16.42
N GLY D 52 30.95 19.62 -16.61
CA GLY D 52 29.82 18.84 -17.04
C GLY D 52 29.51 18.95 -18.52
N LEU D 53 30.54 19.01 -19.37
CA LEU D 53 30.31 19.11 -20.80
C LEU D 53 29.53 17.91 -21.30
N GLY D 54 29.74 16.74 -20.71
CA GLY D 54 29.01 15.55 -21.10
C GLY D 54 27.57 15.57 -20.65
N ARG D 55 27.28 16.26 -19.53
CA ARG D 55 25.90 16.32 -19.05
C ARG D 55 25.04 17.19 -19.96
N LEU D 56 25.59 18.29 -20.47
CA LEU D 56 24.85 19.07 -21.46
C LEU D 56 24.61 18.25 -22.72
N ALA D 57 25.63 17.50 -23.16
CA ALA D 57 25.45 16.57 -24.27
C ALA D 57 24.35 15.57 -23.97
N ALA D 58 24.26 15.11 -22.73
CA ALA D 58 23.19 14.20 -22.32
C ALA D 58 21.84 14.89 -22.42
N CYS D 59 21.80 16.18 -22.13
CA CYS D 59 20.57 16.96 -22.31
C CYS D 59 20.21 17.14 -23.78
N TYR D 60 21.17 17.04 -24.70
CA TYR D 60 20.91 17.33 -26.11
C TYR D 60 20.61 16.11 -26.97
N VAL D 61 20.82 14.88 -26.49
CA VAL D 61 20.55 13.68 -27.26
C VAL D 61 19.53 12.83 -26.52
N ASP D 62 19.02 11.79 -27.20
CA ASP D 62 18.01 10.94 -26.59
C ASP D 62 18.62 10.18 -25.41
N GLU D 63 17.75 9.73 -24.50
CA GLU D 63 18.21 8.86 -23.43
C GLU D 63 18.72 7.53 -23.99
N ASN D 64 17.99 6.96 -24.94
CA ASN D 64 18.36 5.68 -25.56
C ASN D 64 19.12 5.90 -26.85
N ALA D 65 20.26 6.59 -26.72
CA ALA D 65 21.13 6.92 -27.84
C ALA D 65 22.46 6.20 -27.70
N SER D 66 23.16 6.10 -28.83
CA SER D 66 24.43 5.38 -28.85
C SER D 66 25.52 6.22 -28.16
N TRP D 67 26.52 5.53 -27.61
CA TRP D 67 27.66 6.24 -27.04
C TRP D 67 28.46 6.98 -28.09
N ASP D 68 28.39 6.57 -29.36
CA ASP D 68 29.00 7.36 -30.43
C ASP D 68 28.34 8.72 -30.56
N THR D 69 27.00 8.74 -30.57
CA THR D 69 26.27 10.00 -30.68
C THR D 69 26.51 10.90 -29.46
N LEU D 70 26.33 10.34 -28.26
CA LEU D 70 26.55 11.09 -27.04
C LEU D 70 27.99 11.59 -26.94
N ALA D 71 28.94 10.75 -27.36
CA ALA D 71 30.35 11.14 -27.32
C ALA D 71 30.64 12.26 -28.31
N PHE D 72 30.06 12.21 -29.51
CA PHE D 72 30.25 13.29 -30.46
C PHE D 72 29.67 14.59 -29.92
N MSE D 73 28.51 14.50 -29.28
CA MSE D 73 27.87 15.70 -28.73
C MSE D 73 28.78 16.31 -27.67
O MSE D 73 28.99 17.53 -27.62
CB MSE D 73 26.49 15.36 -28.15
CG MSE D 73 25.62 16.58 -27.87
SE MSE D 73 25.30 17.69 -29.46
CE MSE D 73 24.33 16.41 -30.55
N THR D 74 29.34 15.45 -26.83
CA THR D 74 30.28 15.90 -25.80
C THR D 74 31.52 16.55 -26.43
N ILE D 75 32.07 15.91 -27.47
CA ILE D 75 33.24 16.45 -28.16
C ILE D 75 32.95 17.83 -28.73
N LEU D 76 31.80 17.98 -29.37
CA LEU D 76 31.44 19.26 -29.98
C LEU D 76 31.27 20.34 -28.94
N LEU D 77 30.55 20.03 -27.84
CA LEU D 77 30.34 21.02 -26.80
C LEU D 77 31.65 21.38 -26.10
N ALA D 78 32.60 20.43 -26.05
CA ALA D 78 33.90 20.74 -25.47
C ALA D 78 34.72 21.63 -26.40
N TRP D 79 34.65 21.38 -27.71
CA TRP D 79 35.38 22.22 -28.65
C TRP D 79 34.82 23.63 -28.68
N TYR D 80 33.50 23.77 -28.67
CA TYR D 80 32.91 25.10 -28.58
C TYR D 80 33.40 25.82 -27.33
N ALA D 81 33.49 25.10 -26.21
CA ALA D 81 33.94 25.72 -24.97
C ALA D 81 35.40 26.14 -25.06
N GLU D 82 36.24 25.32 -25.67
CA GLU D 82 37.66 25.66 -25.77
C GLU D 82 37.88 26.79 -26.75
N TYR D 83 37.18 26.78 -27.89
CA TYR D 83 37.33 27.86 -28.85
C TYR D 83 36.81 29.18 -28.28
N ASP D 84 35.59 29.16 -27.71
CA ASP D 84 35.00 30.38 -27.19
C ASP D 84 35.82 30.95 -26.03
N ASP D 85 36.43 30.08 -25.23
CA ASP D 85 37.19 30.54 -24.07
C ASP D 85 38.55 31.09 -24.47
N ARG D 86 39.18 30.49 -25.49
CA ARG D 86 40.55 30.85 -25.86
C ARG D 86 40.63 31.99 -26.86
N ALA D 87 39.69 32.06 -27.82
CA ALA D 87 39.81 32.99 -28.93
C ALA D 87 38.96 34.24 -28.80
N ILE D 88 38.11 34.35 -27.76
CA ILE D 88 37.13 35.43 -27.73
C ILE D 88 37.17 36.23 -26.44
N ASP D 89 36.98 35.56 -25.30
CA ASP D 89 36.75 36.27 -24.04
C ASP D 89 38.04 36.72 -23.35
N SER D 90 39.15 36.02 -23.57
CA SER D 90 40.39 36.38 -22.90
C SER D 90 41.06 37.60 -23.55
N THR D 91 41.04 37.66 -24.88
CA THR D 91 41.77 38.68 -25.62
C THR D 91 41.20 40.07 -25.37
N ASP D 95 47.20 38.75 -21.67
CA ASP D 95 47.15 37.72 -22.68
C ASP D 95 46.10 38.03 -23.75
N GLY D 96 46.08 37.24 -24.80
CA GLY D 96 45.10 37.42 -25.86
C GLY D 96 45.67 37.06 -27.21
N LEU D 97 44.81 37.15 -28.22
CA LEU D 97 45.18 36.89 -29.61
C LEU D 97 44.94 38.14 -30.43
N THR D 98 45.79 38.35 -31.43
CA THR D 98 45.65 39.52 -32.29
C THR D 98 44.42 39.36 -33.20
N ASP D 99 43.97 40.49 -33.75
CA ASP D 99 42.87 40.43 -34.70
C ASP D 99 43.29 39.70 -35.98
N ALA D 100 44.56 39.82 -36.37
CA ALA D 100 45.06 39.08 -37.52
C ALA D 100 45.10 37.58 -37.23
N GLU D 101 45.52 37.22 -36.02
CA GLU D 101 45.51 35.81 -35.63
C GLU D 101 44.09 35.24 -35.69
N VAL D 102 43.11 36.03 -35.25
CA VAL D 102 41.73 35.56 -35.26
C VAL D 102 41.20 35.47 -36.68
N ALA D 103 41.59 36.40 -37.55
CA ALA D 103 41.19 36.31 -38.95
C ALA D 103 41.77 35.07 -39.61
N GLU D 104 43.05 34.76 -39.30
CA GLU D 104 43.66 33.55 -39.84
C GLU D 104 42.99 32.30 -39.28
N LEU D 105 42.66 32.31 -37.99
CA LEU D 105 41.93 31.20 -37.40
C LEU D 105 40.59 31.00 -38.10
N HIS D 106 39.87 32.08 -38.37
CA HIS D 106 38.58 31.97 -39.05
C HIS D 106 38.75 31.40 -40.45
N ARG D 107 39.75 31.91 -41.20
CA ARG D 107 40.03 31.38 -42.53
C ARG D 107 40.31 29.88 -42.48
N ALA D 108 41.16 29.47 -41.53
CA ALA D 108 41.57 28.07 -41.49
C ALA D 108 40.44 27.16 -41.02
N LEU D 109 39.65 27.61 -40.03
CA LEU D 109 38.53 26.80 -39.58
C LEU D 109 37.46 26.70 -40.65
N GLY D 110 37.17 27.80 -41.34
CA GLY D 110 36.25 27.73 -42.46
C GLY D 110 36.78 26.86 -43.59
N GLU D 111 38.11 26.76 -43.70
CA GLU D 111 38.68 25.83 -44.66
C GLU D 111 38.48 24.39 -44.23
N ILE D 112 38.56 24.11 -42.93
CA ILE D 112 38.27 22.77 -42.44
C ILE D 112 36.84 22.38 -42.77
N LEU D 113 35.92 23.35 -42.66
CA LEU D 113 34.52 23.10 -42.98
C LEU D 113 34.31 22.78 -44.45
N ARG D 114 35.23 23.17 -45.32
CA ARG D 114 35.21 22.78 -46.72
C ARG D 114 35.90 21.43 -46.95
N ASP D 115 35.98 20.58 -45.92
CA ASP D 115 36.52 19.22 -45.99
C ASP D 115 38.00 19.18 -46.36
N ARG D 116 38.70 20.30 -46.29
CA ARG D 116 40.13 20.33 -46.56
C ARG D 116 40.91 20.14 -45.27
N PRO D 117 42.16 19.67 -45.34
CA PRO D 117 42.93 19.43 -44.12
C PRO D 117 43.25 20.71 -43.37
N ALA D 118 43.52 20.55 -42.09
CA ALA D 118 43.84 21.66 -41.21
C ALA D 118 45.14 22.31 -41.63
N PRO D 119 45.14 23.61 -41.94
CA PRO D 119 46.39 24.26 -42.39
C PRO D 119 47.53 24.17 -41.37
N ASP D 120 47.21 24.07 -40.08
CA ASP D 120 48.21 23.95 -39.03
C ASP D 120 47.86 22.75 -38.16
N PRO D 121 48.25 21.54 -38.56
CA PRO D 121 47.93 20.35 -37.76
C PRO D 121 48.59 20.31 -36.39
N SER D 122 49.46 21.27 -36.08
CA SER D 122 50.00 21.40 -34.72
C SER D 122 49.14 22.30 -33.83
N ASP D 123 48.38 23.21 -34.42
CA ASP D 123 47.47 24.05 -33.64
C ASP D 123 46.35 23.20 -33.06
N PRO D 124 46.13 23.24 -31.74
CA PRO D 124 45.13 22.33 -31.13
C PRO D 124 43.71 22.58 -31.58
N VAL D 125 43.30 23.84 -31.75
CA VAL D 125 41.93 24.13 -32.17
C VAL D 125 41.67 23.58 -33.58
N GLN D 126 42.70 23.59 -34.43
CA GLN D 126 42.54 23.07 -35.79
C GLN D 126 42.28 21.58 -35.77
N ARG D 127 43.11 20.82 -35.02
CA ARG D 127 42.87 19.39 -34.87
C ARG D 127 41.50 19.14 -34.27
N GLY D 128 41.10 19.94 -33.29
CA GLY D 128 39.80 19.74 -32.66
C GLY D 128 38.66 19.88 -33.65
N LEU D 129 38.65 20.97 -34.42
CA LEU D 129 37.58 21.14 -35.40
C LEU D 129 37.63 20.11 -36.51
N ALA D 130 38.83 19.69 -36.92
CA ALA D 130 38.92 18.64 -37.93
C ALA D 130 38.30 17.34 -37.42
N ASP D 131 38.63 16.96 -36.18
CA ASP D 131 38.06 15.75 -35.60
C ASP D 131 36.55 15.86 -35.49
N VAL D 132 36.06 17.00 -35.01
CA VAL D 132 34.62 17.20 -34.87
C VAL D 132 33.94 17.11 -36.23
N TRP D 133 34.54 17.69 -37.27
CA TRP D 133 33.91 17.72 -38.57
C TRP D 133 33.86 16.34 -39.20
N ARG D 134 34.96 15.57 -39.10
CA ARG D 134 34.94 14.24 -39.67
C ARG D 134 34.00 13.32 -38.90
N THR D 135 33.94 13.47 -37.57
CA THR D 135 33.02 12.64 -36.79
C THR D 135 31.57 13.01 -37.08
N LEU D 136 31.29 14.30 -37.29
CA LEU D 136 29.95 14.73 -37.64
C LEU D 136 29.53 14.22 -39.01
N ASN D 137 30.43 14.32 -40.00
CA ASN D 137 30.12 13.82 -41.33
C ASN D 137 30.03 12.30 -41.38
N GLY D 138 30.69 11.61 -40.45
CA GLY D 138 30.56 10.16 -40.40
C GLY D 138 29.26 9.67 -39.80
N LEU D 139 28.66 10.44 -38.89
CA LEU D 139 27.44 10.03 -38.20
C LEU D 139 26.17 10.59 -38.81
N ALA D 140 26.26 11.48 -39.79
CA ALA D 140 25.08 12.11 -40.37
C ALA D 140 24.92 11.71 -41.83
N SER D 141 23.67 11.72 -42.30
CA SER D 141 23.35 11.29 -43.65
C SER D 141 22.82 12.45 -44.49
N ASP D 142 21.59 12.91 -44.26
CA ASP D 142 21.01 14.01 -45.04
C ASP D 142 20.75 15.18 -44.11
N TRP D 143 21.56 16.23 -44.24
CA TRP D 143 21.37 17.45 -43.48
C TRP D 143 21.96 18.60 -44.26
N ASP D 144 21.57 19.81 -43.89
CA ASP D 144 22.02 21.02 -44.58
C ASP D 144 23.43 21.35 -44.10
N ARG D 145 24.42 20.73 -44.74
CA ARG D 145 25.82 21.08 -44.43
C ARG D 145 26.10 22.52 -44.82
N ALA D 146 25.57 22.96 -45.96
CA ALA D 146 25.81 24.33 -46.41
C ALA D 146 25.23 25.33 -45.41
N ALA D 147 24.02 25.05 -44.92
CA ALA D 147 23.41 25.95 -43.95
C ALA D 147 24.21 25.99 -42.67
N PHE D 148 24.72 24.84 -42.22
CA PHE D 148 25.52 24.84 -41.00
C PHE D 148 26.83 25.60 -41.18
N VAL D 149 27.46 25.46 -42.34
CA VAL D 149 28.69 26.20 -42.60
C VAL D 149 28.40 27.70 -42.65
N ASP D 150 27.27 28.09 -43.23
CA ASP D 150 26.90 29.49 -43.26
C ASP D 150 26.68 30.03 -41.85
N THR D 151 25.99 29.24 -41.01
CA THR D 151 25.80 29.67 -39.62
C THR D 151 27.12 29.74 -38.87
N THR D 152 28.09 28.90 -39.23
CA THR D 152 29.40 28.98 -38.60
C THR D 152 30.16 30.22 -39.04
N LEU D 153 30.01 30.61 -40.31
CA LEU D 153 30.60 31.88 -40.75
C LEU D 153 29.98 33.05 -40.00
N ARG D 154 28.65 33.03 -39.83
CA ARG D 154 28.01 34.10 -39.06
C ARG D 154 28.44 34.07 -37.60
N TYR D 155 28.68 32.87 -37.06
CA TYR D 155 29.19 32.74 -35.71
C TYR D 155 30.56 33.39 -35.58
N PHE D 156 31.44 33.13 -36.54
N PHE D 156 31.44 33.13 -36.54
CA PHE D 156 32.77 33.76 -36.52
CA PHE D 156 32.77 33.76 -36.52
C PHE D 156 32.67 35.27 -36.62
C PHE D 156 32.67 35.27 -36.62
N GLU D 157 31.78 35.76 -37.49
CA GLU D 157 31.61 37.21 -37.64
C GLU D 157 31.11 37.84 -36.35
N ALA D 158 30.14 37.20 -35.70
CA ALA D 158 29.67 37.69 -34.41
C ALA D 158 30.75 37.59 -33.34
N ASN D 159 31.64 36.60 -33.43
CA ASN D 159 32.75 36.53 -32.49
C ASN D 159 33.69 37.72 -32.67
N ARG D 160 33.96 38.07 -33.93
CA ARG D 160 34.76 39.27 -34.20
C ARG D 160 34.06 40.52 -33.65
N TYR D 161 32.74 40.59 -33.77
CA TYR D 161 31.97 41.70 -33.20
C TYR D 161 32.12 41.74 -31.68
N GLU D 162 31.99 40.58 -31.04
CA GLU D 162 32.18 40.49 -29.59
C GLU D 162 33.57 40.96 -29.18
N ARG D 163 34.59 40.60 -29.95
CA ARG D 163 35.95 41.02 -29.59
C ARG D 163 36.13 42.52 -29.81
N VAL D 164 35.51 43.09 -30.85
CA VAL D 164 35.53 44.53 -31.02
C VAL D 164 34.95 45.22 -29.80
N ASN D 165 33.82 44.71 -29.30
CA ASN D 165 33.20 45.30 -28.12
C ASN D 165 34.09 45.13 -26.88
N ILE D 166 34.68 43.94 -26.71
CA ILE D 166 35.55 43.69 -25.56
C ILE D 166 36.74 44.65 -25.57
N ARG D 167 37.33 44.86 -26.75
CA ARG D 167 38.45 45.79 -26.86
C ARG D 167 38.00 47.21 -26.56
N ARG D 168 36.80 47.58 -27.00
CA ARG D 168 36.26 48.90 -26.66
C ARG D 168 35.99 49.03 -25.16
N GLY D 169 35.93 47.92 -24.44
CA GLY D 169 35.72 47.95 -23.00
C GLY D 169 34.32 48.35 -22.58
N ILE D 170 33.35 48.27 -23.48
CA ILE D 170 32.00 48.73 -23.18
C ILE D 170 31.01 47.72 -23.75
N PRO D 171 29.90 47.44 -23.07
CA PRO D 171 28.91 46.51 -23.63
C PRO D 171 28.04 47.19 -24.67
N PRO D 172 27.56 46.45 -25.65
CA PRO D 172 26.72 47.05 -26.68
C PRO D 172 25.35 47.43 -26.14
N THR D 173 24.57 48.08 -27.00
CA THR D 173 23.17 48.35 -26.70
C THR D 173 22.43 47.02 -26.51
N PRO D 174 21.42 46.98 -25.64
CA PRO D 174 20.63 45.74 -25.50
C PRO D 174 20.11 45.18 -26.82
N SER D 175 19.57 46.03 -27.70
CA SER D 175 19.03 45.54 -28.96
C SER D 175 20.12 44.95 -29.85
N ALA D 176 21.24 45.67 -29.99
CA ALA D 176 22.34 45.17 -30.80
C ALA D 176 22.93 43.89 -30.23
N HIS D 177 22.88 43.71 -28.91
CA HIS D 177 23.39 42.48 -28.32
C HIS D 177 22.41 41.32 -28.50
N ILE D 178 21.11 41.58 -28.38
CA ILE D 178 20.12 40.54 -28.66
C ILE D 178 20.23 40.08 -30.11
N GLY D 179 20.45 41.02 -31.03
CA GLY D 179 20.59 40.65 -32.43
C GLY D 179 21.77 39.74 -32.69
N MSE D 180 22.93 40.07 -32.13
CA MSE D 180 24.18 39.39 -32.46
C MSE D 180 24.51 38.20 -31.56
O MSE D 180 25.35 37.36 -31.91
CB MSE D 180 25.34 40.38 -32.44
CG MSE D 180 25.17 41.60 -33.35
SE MSE D 180 25.55 41.25 -35.24
CE MSE D 180 27.34 40.49 -35.04
N ARG D 181 23.89 38.12 -30.38
CA ARG D 181 24.17 37.01 -29.49
C ARG D 181 23.66 35.69 -30.07
N ARG D 182 22.57 35.74 -30.83
CA ARG D 182 22.06 34.51 -31.46
C ARG D 182 23.10 33.88 -32.37
N HIS D 183 23.90 34.71 -33.04
CA HIS D 183 25.00 34.16 -33.83
C HIS D 183 26.22 33.88 -32.95
N GLY D 184 26.37 34.61 -31.85
CA GLY D 184 27.52 34.43 -30.97
C GLY D 184 27.52 33.13 -30.20
N GLY D 185 26.36 32.47 -30.10
CA GLY D 185 26.29 31.18 -29.42
C GLY D 185 26.11 30.06 -30.40
N HIS D 186 25.94 30.41 -31.67
CA HIS D 186 25.72 29.45 -32.76
C HIS D 186 24.50 28.57 -32.46
N VAL D 187 23.42 29.22 -32.05
CA VAL D 187 22.24 28.46 -31.63
C VAL D 187 21.53 27.88 -32.84
N TYR D 188 21.51 28.60 -33.97
CA TYR D 188 20.92 28.04 -35.19
C TYR D 188 21.76 26.89 -35.72
N GLY D 189 23.09 27.02 -35.67
CA GLY D 189 23.94 25.89 -35.99
C GLY D 189 23.71 24.72 -35.07
N MSE D 190 23.41 24.98 -33.80
CA MSE D 190 23.10 23.93 -32.86
C MSE D 190 21.77 23.25 -33.20
O MSE D 190 21.63 22.05 -33.01
CB MSE D 190 23.07 24.47 -31.44
CG MSE D 190 24.43 24.53 -30.78
SE MSE D 190 25.33 22.81 -30.92
CE MSE D 190 24.07 21.69 -29.95
N TYR D 191 20.81 24.02 -33.69
CA TYR D 191 19.56 23.41 -34.17
C TYR D 191 19.83 22.49 -35.35
N ILE D 192 20.66 22.94 -36.29
CA ILE D 192 20.99 22.11 -37.44
C ILE D 192 21.71 20.84 -37.00
N LEU D 193 22.64 20.96 -36.05
CA LEU D 193 23.38 19.79 -35.59
C LEU D 193 22.49 18.83 -34.81
N GLY D 194 21.54 19.37 -34.03
CA GLY D 194 20.61 18.51 -33.34
C GLY D 194 19.71 17.75 -34.30
N ALA D 195 19.32 18.40 -35.40
CA ALA D 195 18.57 17.69 -36.43
C ALA D 195 19.42 16.60 -37.07
N ALA D 196 20.66 16.93 -37.45
CA ALA D 196 21.50 15.98 -38.18
C ALA D 196 21.88 14.79 -37.32
N VAL D 197 22.10 15.02 -36.02
CA VAL D 197 22.64 13.98 -35.16
C VAL D 197 21.54 13.00 -34.74
N ASN D 198 20.39 13.52 -34.33
CA ASN D 198 19.31 12.69 -33.82
C ASN D 198 18.44 12.07 -34.92
N GLY D 199 18.89 12.09 -36.18
CA GLY D 199 18.22 11.35 -37.23
C GLY D 199 16.85 11.85 -37.61
N TYR D 200 16.68 13.17 -37.73
CA TYR D 200 15.45 13.76 -38.22
C TYR D 200 15.80 15.02 -39.00
N ARG D 201 15.10 15.25 -40.10
CA ARG D 201 15.30 16.52 -40.77
C ARG D 201 13.97 17.11 -41.23
N PRO D 202 13.58 18.26 -40.69
CA PRO D 202 12.32 18.87 -41.10
C PRO D 202 12.39 19.37 -42.53
N GLU D 203 11.23 19.42 -43.18
CA GLU D 203 11.16 19.94 -44.54
C GLU D 203 11.61 21.40 -44.56
N ARG D 204 12.42 21.74 -45.56
CA ARG D 204 12.81 23.14 -45.72
C ARG D 204 11.59 24.00 -46.02
N ARG D 205 10.51 23.41 -46.53
CA ARG D 205 9.25 24.13 -46.67
C ARG D 205 8.66 24.52 -45.32
N VAL D 206 9.13 23.91 -44.23
CA VAL D 206 8.70 24.27 -42.89
C VAL D 206 9.73 25.13 -42.19
N LEU D 207 11.01 24.79 -42.31
CA LEU D 207 12.05 25.54 -41.63
C LEU D 207 12.13 26.97 -42.14
N ASP D 208 11.75 27.21 -43.39
CA ASP D 208 11.75 28.56 -43.95
C ASP D 208 10.49 29.35 -43.60
N HIS D 209 9.47 28.69 -43.03
CA HIS D 209 8.24 29.36 -42.66
C HIS D 209 8.49 30.45 -41.63
N ALA D 210 7.80 31.58 -41.79
CA ALA D 210 8.04 32.73 -40.92
C ALA D 210 7.76 32.39 -39.46
N ALA D 211 6.68 31.66 -39.20
CA ALA D 211 6.33 31.30 -37.83
C ALA D 211 7.41 30.43 -37.19
N VAL D 212 7.88 29.41 -37.94
CA VAL D 212 8.93 28.55 -37.41
C VAL D 212 10.22 29.34 -37.20
N ARG D 213 10.52 30.25 -38.13
CA ARG D 213 11.70 31.08 -38.01
C ARG D 213 11.67 31.91 -36.73
N GLU D 214 10.57 32.63 -36.49
CA GLU D 214 10.52 33.49 -35.32
C GLU D 214 10.39 32.69 -34.03
N LEU D 215 9.82 31.49 -34.10
CA LEU D 215 9.82 30.62 -32.93
C LEU D 215 11.23 30.16 -32.60
N GLU D 216 12.03 29.85 -33.64
CA GLU D 216 13.44 29.56 -33.43
C GLU D 216 14.16 30.75 -32.81
N THR D 217 13.85 31.96 -33.28
CA THR D 217 14.49 33.15 -32.71
C THR D 217 14.13 33.31 -31.24
N LEU D 218 12.86 33.04 -30.89
CA LEU D 218 12.44 33.14 -29.49
C LEU D 218 13.16 32.12 -28.62
N ALA D 219 13.26 30.87 -29.08
CA ALA D 219 13.96 29.85 -28.32
C ALA D 219 15.43 30.19 -28.16
N ALA D 220 16.07 30.67 -29.23
CA ALA D 220 17.48 31.06 -29.14
C ALA D 220 17.67 32.23 -28.19
N ASN D 221 16.75 33.20 -28.23
CA ASN D 221 16.82 34.32 -27.28
C ASN D 221 16.75 33.82 -25.86
N TYR D 222 15.78 32.94 -25.56
CA TYR D 222 15.65 32.41 -24.20
C TYR D 222 16.93 31.71 -23.78
N THR D 223 17.45 30.84 -24.64
CA THR D 223 18.66 30.08 -24.30
C THR D 223 19.85 31.01 -24.05
N SER D 224 20.06 31.98 -24.95
CA SER D 224 21.22 32.85 -24.83
C SER D 224 21.11 33.77 -23.63
N TRP D 225 19.92 34.28 -23.34
CA TRP D 225 19.75 35.15 -22.18
C TRP D 225 19.91 34.38 -20.89
N ALA D 226 19.43 33.12 -20.85
CA ALA D 226 19.67 32.30 -19.67
C ALA D 226 21.15 32.03 -19.47
N ASN D 227 21.86 31.73 -20.56
CA ASN D 227 23.30 31.52 -20.44
C ASN D 227 24.01 32.77 -19.94
N ASP D 228 23.63 33.94 -20.47
CA ASP D 228 24.21 35.19 -19.98
C ASP D 228 23.89 35.39 -18.50
N LEU D 229 22.64 35.13 -18.11
CA LEU D 229 22.21 35.31 -16.74
C LEU D 229 23.05 34.46 -15.80
N HIS D 230 23.39 33.24 -16.22
CA HIS D 230 24.18 32.38 -15.34
C HIS D 230 25.67 32.68 -15.39
N SER D 231 26.21 33.00 -16.56
CA SER D 231 27.64 33.23 -16.71
C SER D 231 28.04 34.69 -16.59
N PHE D 232 27.14 35.55 -16.11
CA PHE D 232 27.46 36.97 -16.00
C PHE D 232 28.67 37.22 -15.10
N ALA D 233 28.74 36.53 -13.96
CA ALA D 233 29.87 36.76 -13.05
C ALA D 233 31.19 36.39 -13.72
N ARG D 234 31.23 35.21 -14.34
CA ARG D 234 32.44 34.76 -15.01
C ARG D 234 32.82 35.71 -16.14
N GLU D 235 31.85 36.21 -16.90
CA GLU D 235 32.16 37.09 -18.01
C GLU D 235 32.56 38.49 -17.53
N HIS D 236 32.10 38.89 -16.35
CA HIS D 236 32.53 40.18 -15.79
C HIS D 236 33.95 40.09 -15.28
N ARG D 237 34.30 39.00 -14.61
CA ARG D 237 35.68 38.83 -14.17
C ARG D 237 36.64 38.68 -15.35
N MSE D 238 36.15 38.25 -16.50
CA MSE D 238 36.99 38.10 -17.69
C MSE D 238 36.79 39.27 -18.66
O MSE D 238 37.38 39.28 -19.75
CB MSE D 238 36.66 36.79 -18.40
CG MSE D 238 37.17 35.56 -17.68
SE MSE D 238 36.81 33.92 -18.67
CE MSE D 238 37.97 32.71 -17.67
N GLY D 239 35.99 40.25 -18.26
CA GLY D 239 35.79 41.43 -19.08
C GLY D 239 34.94 41.23 -20.31
N GLN D 240 34.28 40.08 -20.45
CA GLN D 240 33.39 39.82 -21.57
C GLN D 240 32.14 40.68 -21.41
N VAL D 241 32.10 41.80 -22.15
CA VAL D 241 30.98 42.73 -22.03
C VAL D 241 29.80 42.34 -22.91
N ASN D 242 29.92 41.28 -23.71
CA ASN D 242 28.80 40.82 -24.53
C ASN D 242 27.90 39.93 -23.68
N ASN D 243 27.23 40.57 -22.73
CA ASN D 243 26.31 39.92 -21.82
C ASN D 243 25.12 40.85 -21.63
N LEU D 244 23.90 40.28 -21.65
CA LEU D 244 22.72 41.11 -21.56
C LEU D 244 22.60 41.79 -20.20
N VAL D 245 23.17 41.20 -19.14
CA VAL D 245 23.18 41.85 -17.84
C VAL D 245 24.08 43.07 -17.85
N TRP D 246 25.33 42.91 -18.32
CA TRP D 246 26.19 44.06 -18.59
C TRP D 246 25.47 45.15 -19.37
N SER D 247 24.81 44.77 -20.47
CA SER D 247 24.23 45.74 -21.37
C SER D 247 23.07 46.49 -20.71
N VAL D 248 22.19 45.76 -20.00
CA VAL D 248 21.08 46.39 -19.31
C VAL D 248 21.58 47.30 -18.19
N HIS D 249 22.58 46.84 -17.43
CA HIS D 249 23.14 47.67 -16.37
C HIS D 249 23.73 48.96 -16.93
N HIS D 250 24.43 48.86 -18.05
CA HIS D 250 25.16 50.01 -18.57
C HIS D 250 24.23 51.01 -19.25
N HIS D 251 23.36 50.53 -20.13
CA HIS D 251 22.59 51.44 -20.98
C HIS D 251 21.22 51.80 -20.41
N GLU D 252 20.70 51.01 -19.48
CA GLU D 252 19.44 51.34 -18.82
C GLU D 252 19.66 51.82 -17.40
N GLY D 253 20.92 51.99 -16.99
CA GLY D 253 21.25 52.54 -15.69
C GLY D 253 20.67 51.77 -14.53
N LEU D 254 20.93 50.47 -14.45
CA LEU D 254 20.38 49.64 -13.39
C LEU D 254 21.51 48.96 -12.64
N THR D 255 21.24 48.60 -11.38
CA THR D 255 22.19 47.77 -10.65
C THR D 255 22.37 46.45 -11.39
N PHE D 256 23.53 45.84 -11.17
CA PHE D 256 23.78 44.52 -11.75
C PHE D 256 22.70 43.54 -11.31
N GLN D 257 22.23 43.67 -10.06
CA GLN D 257 21.12 42.85 -9.60
C GLN D 257 19.83 43.22 -10.31
N GLN D 258 19.54 44.51 -10.44
CA GLN D 258 18.37 44.93 -11.19
C GLN D 258 18.46 44.49 -12.64
N ALA D 259 19.67 44.52 -13.21
CA ALA D 259 19.86 44.06 -14.58
C ALA D 259 19.59 42.57 -14.70
N ALA D 260 20.09 41.78 -13.74
CA ALA D 260 19.80 40.35 -13.76
C ALA D 260 18.31 40.08 -13.61
N ASP D 261 17.64 40.86 -12.77
CA ASP D 261 16.20 40.70 -12.60
C ASP D 261 15.45 41.02 -13.89
N ARG D 262 15.87 42.08 -14.59
CA ARG D 262 15.26 42.41 -15.88
C ARG D 262 15.54 41.33 -16.91
N VAL D 263 16.73 40.74 -16.88
CA VAL D 263 17.04 39.65 -17.80
C VAL D 263 16.14 38.45 -17.53
N ALA D 264 15.93 38.13 -16.25
CA ALA D 264 15.04 37.02 -15.90
C ALA D 264 13.61 37.32 -16.34
N ASP D 265 13.16 38.57 -16.17
CA ASP D 265 11.81 38.93 -16.59
C ASP D 265 11.67 38.82 -18.10
N LEU D 266 12.71 39.22 -18.84
CA LEU D 266 12.71 39.06 -20.29
C LEU D 266 12.67 37.58 -20.68
N CYS D 267 13.41 36.74 -19.95
CA CYS D 267 13.37 35.31 -20.21
C CYS D 267 11.96 34.76 -20.03
N ASP D 268 11.29 35.15 -18.94
CA ASP D 268 9.93 34.69 -18.70
C ASP D 268 9.00 35.15 -19.82
N LYS D 269 9.09 36.42 -20.19
CA LYS D 269 8.20 36.95 -21.23
C LYS D 269 8.46 36.28 -22.58
N GLU D 270 9.72 36.01 -22.90
CA GLU D 270 10.02 35.36 -24.16
C GLU D 270 9.59 33.89 -24.15
N LEU D 271 9.65 33.24 -22.99
CA LEU D 271 9.08 31.89 -22.87
C LEU D 271 7.58 31.90 -23.11
N ALA D 272 6.89 32.89 -22.53
CA ALA D 272 5.46 33.03 -22.78
C ALA D 272 5.18 33.24 -24.27
N ALA D 273 5.96 34.11 -24.90
CA ALA D 273 5.78 34.36 -26.33
C ALA D 273 6.04 33.11 -27.15
N TYR D 274 7.08 32.36 -26.78
CA TYR D 274 7.39 31.11 -27.48
C TYR D 274 6.23 30.12 -27.36
N LEU D 275 5.69 29.97 -26.15
CA LEU D 275 4.57 29.06 -25.95
C LEU D 275 3.35 29.49 -26.76
N GLU D 276 3.09 30.80 -26.81
CA GLU D 276 1.96 31.28 -27.59
C GLU D 276 2.15 30.98 -29.08
N LEU D 277 3.35 31.26 -29.60
CA LEU D 277 3.64 30.93 -31.00
C LEU D 277 3.51 29.45 -31.27
N ARG D 278 4.04 28.62 -30.37
CA ARG D 278 4.00 27.17 -30.56
C ARG D 278 2.55 26.69 -30.60
N GLN D 279 1.71 27.21 -29.72
CA GLN D 279 0.31 26.82 -29.74
C GLN D 279 -0.38 27.33 -31.00
N THR D 280 0.06 28.49 -31.51
CA THR D 280 -0.54 29.03 -32.73
C THR D 280 -0.10 28.28 -34.00
N LEU D 281 1.05 27.63 -33.96
CA LEU D 281 1.59 26.97 -35.16
C LEU D 281 0.60 26.04 -35.88
N PRO D 282 -0.12 25.13 -35.21
CA PRO D 282 -1.00 24.23 -35.97
C PRO D 282 -2.07 24.92 -36.77
N GLU D 283 -2.59 26.06 -36.28
CA GLU D 283 -3.64 26.76 -37.03
C GLU D 283 -3.12 27.33 -38.35
N LEU D 284 -1.82 27.60 -38.44
CA LEU D 284 -1.22 28.13 -39.65
C LEU D 284 -0.97 27.06 -40.72
N GLY D 285 -1.26 25.80 -40.43
CA GLY D 285 -0.99 24.73 -41.34
C GLY D 285 0.29 23.97 -41.06
N ILE D 286 0.86 24.11 -39.86
CA ILE D 286 2.09 23.45 -39.49
C ILE D 286 1.83 22.60 -38.26
N PRO D 287 1.54 21.31 -38.45
CA PRO D 287 1.36 20.42 -37.30
C PRO D 287 2.69 19.99 -36.71
N LEU D 288 2.69 19.79 -35.40
CA LEU D 288 3.88 19.34 -34.68
C LEU D 288 3.92 17.82 -34.61
N THR D 289 3.88 17.21 -35.79
CA THR D 289 3.79 15.76 -35.89
C THR D 289 5.14 15.12 -36.15
N GLY D 290 5.63 15.22 -37.39
CA GLY D 290 6.82 14.49 -37.78
C GLY D 290 8.13 15.09 -37.32
N ALA D 291 9.01 15.41 -38.28
CA ALA D 291 10.29 15.99 -37.94
C ALA D 291 10.15 17.39 -37.37
N THR D 292 9.08 18.10 -37.74
CA THR D 292 8.83 19.41 -37.14
C THR D 292 8.56 19.28 -35.65
N GLY D 293 7.83 18.24 -35.25
CA GLY D 293 7.59 18.01 -33.84
C GLY D 293 8.86 17.75 -33.07
N ARG D 294 9.71 16.87 -33.59
CA ARG D 294 10.99 16.60 -32.92
C ARG D 294 11.88 17.84 -32.93
N HIS D 295 11.75 18.69 -33.94
CA HIS D 295 12.54 19.92 -33.99
C HIS D 295 12.11 20.90 -32.90
N VAL D 296 10.80 21.11 -32.76
CA VAL D 296 10.29 21.95 -31.68
C VAL D 296 10.67 21.35 -30.32
N ARG D 297 10.66 20.01 -30.23
CA ARG D 297 11.06 19.36 -28.99
C ARG D 297 12.53 19.60 -28.70
N PHE D 298 13.36 19.70 -29.74
CA PHE D 298 14.78 20.01 -29.53
C PHE D 298 14.96 21.46 -29.12
N LEU D 299 14.17 22.37 -29.69
CA LEU D 299 14.19 23.76 -29.21
C LEU D 299 13.88 23.81 -27.72
N GLU D 300 12.82 23.12 -27.31
CA GLU D 300 12.47 23.06 -25.89
C GLU D 300 13.58 22.40 -25.08
N ASP D 301 14.28 21.42 -25.66
CA ASP D 301 15.35 20.74 -24.96
C ASP D 301 16.47 21.70 -24.59
N MSE D 302 16.84 22.59 -25.50
CA MSE D 302 17.95 23.50 -25.27
C MSE D 302 17.60 24.58 -24.27
O MSE D 302 18.46 25.07 -23.53
CB MSE D 302 18.43 24.13 -26.57
CG MSE D 302 19.19 23.17 -27.46
SE MSE D 302 20.49 24.06 -28.61
CE MSE D 302 21.65 24.84 -27.25
N MSE D 303 16.33 24.96 -24.22
CA MSE D 303 15.86 25.93 -23.23
C MSE D 303 15.95 25.33 -21.83
O MSE D 303 16.55 25.94 -20.94
CB MSE D 303 14.42 26.36 -23.54
CG MSE D 303 14.32 27.42 -24.61
SE MSE D 303 12.47 27.92 -24.99
CE MSE D 303 12.05 26.54 -26.28
N TRP D 304 15.36 24.15 -21.63
CA TRP D 304 15.45 23.50 -20.33
C TRP D 304 16.89 23.16 -19.98
N SER D 305 17.70 22.82 -20.99
CA SER D 305 19.08 22.41 -20.73
C SER D 305 19.84 23.51 -20.03
N MSE D 306 19.73 24.74 -20.52
CA MSE D 306 20.46 25.87 -19.95
C MSE D 306 20.08 26.09 -18.49
O MSE D 306 20.93 26.16 -17.59
CB MSE D 306 20.22 27.13 -20.77
CG MSE D 306 21.35 28.13 -20.74
SE MSE D 306 23.07 27.32 -21.20
CE MSE D 306 22.62 26.61 -22.97
N VAL D 307 18.76 26.18 -18.27
CA VAL D 307 18.20 26.36 -16.92
C VAL D 307 18.72 25.29 -15.96
N ASP D 308 18.47 24.02 -16.28
CA ASP D 308 18.74 22.95 -15.33
C ASP D 308 20.24 22.69 -15.18
N TRP D 309 21.00 22.80 -16.26
CA TRP D 309 22.42 22.48 -16.26
C TRP D 309 23.27 23.58 -15.64
N SER D 310 22.97 24.85 -15.92
CA SER D 310 23.80 25.94 -15.44
C SER D 310 23.85 26.04 -13.93
N ALA D 311 23.02 25.29 -13.20
CA ALA D 311 23.13 25.28 -11.75
C ALA D 311 24.32 24.47 -11.26
N ARG D 312 24.85 23.56 -12.08
CA ARG D 312 25.96 22.68 -11.71
C ARG D 312 26.98 22.66 -12.83
N SER D 313 27.93 23.60 -12.79
CA SER D 313 28.96 23.68 -13.82
C SER D 313 30.16 24.50 -13.37
N ALA D 314 30.30 25.71 -13.92
CA ALA D 314 31.43 26.59 -13.61
C ALA D 314 30.97 28.04 -13.41
N MSE E 3 -23.43 -26.11 -0.74
CA MSE E 3 -23.89 -27.35 -1.33
C MSE E 3 -23.45 -28.58 -0.53
O MSE E 3 -23.98 -28.85 0.55
CB MSE E 3 -23.40 -27.48 -2.78
CG MSE E 3 -24.48 -27.29 -3.83
SE MSE E 3 -23.85 -27.58 -5.65
CE MSE E 3 -22.78 -29.19 -5.38
N THR E 4 -22.46 -29.30 -1.07
CA THR E 4 -22.03 -30.55 -0.47
C THR E 4 -21.50 -30.33 0.94
N ILE E 5 -21.65 -31.35 1.77
CA ILE E 5 -21.21 -31.29 3.15
C ILE E 5 -20.01 -32.21 3.34
N SER E 6 -19.22 -31.89 4.37
CA SER E 6 -17.99 -32.58 4.72
C SER E 6 -17.57 -31.98 6.05
N VAL E 7 -18.52 -31.91 6.97
CA VAL E 7 -18.30 -31.24 8.25
C VAL E 7 -17.37 -32.11 9.06
N PRO E 8 -16.22 -31.61 9.48
CA PRO E 8 -15.32 -32.41 10.30
C PRO E 8 -15.89 -32.63 11.69
N GLN E 9 -15.32 -33.59 12.39
CA GLN E 9 -15.68 -33.85 13.77
C GLN E 9 -14.81 -33.02 14.70
N LEU E 10 -15.24 -32.89 15.93
CA LEU E 10 -14.52 -32.10 16.93
C LEU E 10 -14.35 -32.97 18.16
N ASP E 11 -13.10 -33.33 18.44
CA ASP E 11 -12.77 -34.09 19.64
C ASP E 11 -12.42 -33.10 20.74
N CYS E 12 -13.25 -33.06 21.78
CA CYS E 12 -12.99 -32.24 22.94
C CYS E 12 -13.02 -33.13 24.19
N PRO E 13 -11.95 -33.14 24.99
CA PRO E 13 -11.89 -33.98 26.19
C PRO E 13 -12.70 -33.43 27.36
N LEU E 14 -13.98 -33.15 27.09
CA LEU E 14 -14.90 -32.64 28.10
C LEU E 14 -16.11 -33.58 28.09
N SER E 15 -16.31 -34.28 29.19
CA SER E 15 -17.39 -35.25 29.29
C SER E 15 -18.38 -34.78 30.35
N ARG E 16 -19.63 -35.17 30.15
CA ARG E 16 -20.68 -34.73 31.07
C ARG E 16 -21.89 -35.64 30.92
N PRO E 17 -22.48 -36.08 32.02
CA PRO E 17 -23.69 -36.88 31.92
C PRO E 17 -24.92 -36.02 31.66
N VAL E 18 -25.89 -36.62 30.99
CA VAL E 18 -27.09 -35.91 30.56
C VAL E 18 -28.18 -36.08 31.62
N HIS E 19 -29.08 -35.12 31.67
CA HIS E 19 -30.24 -35.22 32.52
C HIS E 19 -31.27 -36.17 31.88
N PRO E 20 -31.89 -37.05 32.65
CA PRO E 20 -32.73 -38.09 32.05
C PRO E 20 -34.00 -37.57 31.40
N GLU E 21 -34.61 -36.50 31.93
CA GLU E 21 -35.91 -36.03 31.43
C GLU E 21 -35.84 -35.38 30.04
N GLY E 22 -34.71 -35.46 29.34
CA GLY E 22 -34.53 -34.78 28.08
C GLY E 22 -35.69 -34.87 27.12
N GLU E 23 -36.03 -36.10 26.71
CA GLU E 23 -37.13 -36.31 25.77
C GLU E 23 -38.40 -35.60 26.23
N ARG E 24 -38.71 -35.70 27.52
CA ARG E 24 -39.88 -35.01 28.07
C ARG E 24 -39.91 -33.55 27.64
N ALA E 25 -38.84 -32.81 27.97
CA ALA E 25 -38.78 -31.40 27.64
C ALA E 25 -39.05 -31.16 26.17
N ASP E 26 -38.49 -32.03 25.31
CA ASP E 26 -38.76 -31.94 23.88
C ASP E 26 -40.26 -31.79 23.63
N ALA E 27 -41.04 -32.79 24.04
CA ALA E 27 -42.48 -32.70 23.89
C ALA E 27 -43.01 -31.42 24.54
N TYR E 28 -42.58 -31.16 25.77
CA TYR E 28 -43.01 -29.95 26.47
C TYR E 28 -42.71 -28.71 25.64
N ALA E 29 -41.53 -28.68 25.01
CA ALA E 29 -41.19 -27.59 24.11
C ALA E 29 -42.33 -27.34 23.13
N VAL E 30 -42.69 -28.38 22.37
CA VAL E 30 -43.81 -28.27 21.43
C VAL E 30 -45.02 -27.67 22.13
N GLU E 31 -45.39 -28.23 23.29
CA GLU E 31 -46.51 -27.71 24.06
C GLU E 31 -46.39 -26.21 24.25
N TRP E 32 -45.25 -25.77 24.80
CA TRP E 32 -45.06 -24.34 25.03
C TRP E 32 -45.16 -23.57 23.71
N LEU E 33 -44.55 -24.08 22.64
CA LEU E 33 -44.61 -23.36 21.37
C LEU E 33 -46.03 -23.24 20.86
N ARG E 34 -46.90 -24.18 21.22
CA ARG E 34 -48.31 -24.04 20.86
C ARG E 34 -49.10 -23.25 21.87
N GLY E 35 -48.64 -23.20 23.12
CA GLY E 35 -49.33 -22.43 24.14
C GLY E 35 -49.04 -20.95 24.12
N VAL E 36 -48.10 -20.52 23.28
CA VAL E 36 -47.70 -19.13 23.20
C VAL E 36 -48.10 -18.49 21.87
N GLY E 37 -47.99 -19.25 20.78
CA GLY E 37 -48.30 -18.72 19.45
C GLY E 37 -47.16 -18.86 18.45
N LEU E 38 -46.00 -19.38 18.86
CA LEU E 38 -44.90 -19.59 17.92
C LEU E 38 -45.18 -20.76 17.00
N MSE E 39 -45.95 -21.73 17.47
CA MSE E 39 -46.37 -22.88 16.68
C MSE E 39 -47.90 -22.86 16.56
O MSE E 39 -48.58 -22.45 17.49
CB MSE E 39 -45.88 -24.17 17.32
CG MSE E 39 -45.84 -25.38 16.41
SE MSE E 39 -44.73 -26.78 17.19
CE MSE E 39 -44.95 -28.17 15.83
N ALA E 40 -48.42 -23.29 15.42
CA ALA E 40 -49.82 -23.08 15.09
C ALA E 40 -50.50 -24.40 14.75
N ASP E 41 -51.35 -24.88 15.67
CA ASP E 41 -52.36 -25.88 15.38
C ASP E 41 -51.80 -27.22 14.93
N GLU E 42 -51.87 -27.50 13.63
CA GLU E 42 -51.58 -28.83 13.09
C GLU E 42 -50.25 -28.81 12.35
N ALA E 43 -49.18 -28.59 13.10
CA ALA E 43 -47.83 -28.69 12.60
C ALA E 43 -47.18 -29.91 13.25
N ASP E 44 -46.54 -30.75 12.44
CA ASP E 44 -45.95 -31.97 12.96
C ASP E 44 -44.89 -31.64 13.99
N ALA E 45 -44.98 -32.28 15.15
CA ALA E 45 -44.01 -32.04 16.21
C ALA E 45 -42.74 -32.87 16.03
N ALA E 46 -42.76 -33.85 15.13
CA ALA E 46 -41.56 -34.65 14.89
C ALA E 46 -40.41 -33.83 14.31
N PRO E 47 -40.61 -32.90 13.36
CA PRO E 47 -39.51 -32.00 12.99
C PRO E 47 -39.07 -31.10 14.12
N VAL E 48 -39.91 -30.86 15.12
CA VAL E 48 -39.55 -30.02 16.25
C VAL E 48 -38.90 -30.84 17.35
N LEU E 49 -39.38 -32.07 17.56
CA LEU E 49 -38.73 -32.98 18.50
C LEU E 49 -37.33 -33.34 18.03
N ALA E 50 -37.12 -33.37 16.71
CA ALA E 50 -35.80 -33.69 16.16
C ALA E 50 -34.77 -32.62 16.46
N VAL E 51 -35.19 -31.40 16.81
CA VAL E 51 -34.24 -30.37 17.22
C VAL E 51 -33.55 -30.78 18.53
N GLY E 52 -34.32 -31.30 19.47
CA GLY E 52 -33.75 -31.73 20.73
C GLY E 52 -33.45 -30.59 21.68
N LEU E 53 -34.32 -29.58 21.73
CA LEU E 53 -34.09 -28.44 22.60
C LEU E 53 -34.02 -28.87 24.07
N GLY E 54 -34.77 -29.90 24.44
CA GLY E 54 -34.72 -30.37 25.81
C GLY E 54 -33.42 -31.10 26.11
N ARG E 55 -32.83 -31.74 25.10
CA ARG E 55 -31.56 -32.43 25.30
C ARG E 55 -30.41 -31.43 25.47
N LEU E 56 -30.44 -30.34 24.71
CA LEU E 56 -29.46 -29.28 24.92
C LEU E 56 -29.65 -28.64 26.30
N ALA E 57 -30.91 -28.37 26.67
CA ALA E 57 -31.19 -27.86 28.00
C ALA E 57 -30.67 -28.82 29.07
N ALA E 58 -30.81 -30.12 28.83
CA ALA E 58 -30.26 -31.11 29.74
C ALA E 58 -28.74 -31.02 29.80
N CYS E 59 -28.11 -30.71 28.68
CA CYS E 59 -26.68 -30.46 28.69
C CYS E 59 -26.32 -29.22 29.49
N TYR E 60 -27.27 -28.29 29.65
CA TYR E 60 -26.99 -27.01 30.29
C TYR E 60 -27.34 -26.98 31.79
N VAL E 61 -28.06 -27.98 32.32
CA VAL E 61 -28.40 -28.02 33.73
C VAL E 61 -27.82 -29.30 34.34
N ASP E 62 -27.81 -29.34 35.67
CA ASP E 62 -27.28 -30.49 36.39
C ASP E 62 -28.22 -31.70 36.25
N GLU E 63 -27.65 -32.88 36.52
CA GLU E 63 -28.47 -34.09 36.60
C GLU E 63 -29.53 -33.97 37.70
N ASN E 64 -29.14 -33.43 38.85
CA ASN E 64 -30.02 -33.33 40.00
C ASN E 64 -30.74 -31.98 40.03
N ALA E 65 -31.44 -31.70 38.94
CA ALA E 65 -32.20 -30.47 38.79
C ALA E 65 -33.67 -30.79 38.67
N SER E 66 -34.50 -29.81 38.99
CA SER E 66 -35.94 -30.00 38.94
C SER E 66 -36.43 -29.96 37.50
N TRP E 67 -37.55 -30.63 37.24
CA TRP E 67 -38.17 -30.52 35.92
C TRP E 67 -38.65 -29.10 35.63
N ASP E 68 -38.90 -28.29 36.66
CA ASP E 68 -39.21 -26.88 36.44
C ASP E 68 -38.01 -26.15 35.85
N THR E 69 -36.83 -26.37 36.42
CA THR E 69 -35.61 -25.71 35.93
C THR E 69 -35.27 -26.17 34.51
N LEU E 70 -35.23 -27.47 34.29
CA LEU E 70 -34.95 -28.00 32.96
C LEU E 70 -35.99 -27.53 31.95
N ALA E 71 -37.26 -27.44 32.37
CA ALA E 71 -38.31 -26.98 31.50
C ALA E 71 -38.14 -25.50 31.14
N PHE E 72 -37.74 -24.68 32.11
CA PHE E 72 -37.46 -23.28 31.81
C PHE E 72 -36.29 -23.15 30.84
N MSE E 73 -35.25 -23.94 31.04
CA MSE E 73 -34.10 -23.92 30.13
C MSE E 73 -34.55 -24.28 28.72
O MSE E 73 -34.14 -23.64 27.74
CB MSE E 73 -33.03 -24.90 30.61
CG MSE E 73 -31.70 -24.76 29.89
SE MSE E 73 -30.85 -23.05 30.22
CE MSE E 73 -30.74 -23.13 32.17
N THR E 74 -35.40 -25.30 28.61
CA THR E 74 -35.94 -25.69 27.32
C THR E 74 -36.77 -24.59 26.69
N ILE E 75 -37.62 -23.94 27.49
CA ILE E 75 -38.44 -22.84 26.98
C ILE E 75 -37.56 -21.72 26.46
N LEU E 76 -36.50 -21.39 27.19
CA LEU E 76 -35.61 -20.32 26.77
C LEU E 76 -34.89 -20.67 25.47
N LEU E 77 -34.36 -21.89 25.39
CA LEU E 77 -33.68 -22.31 24.18
C LEU E 77 -34.64 -22.41 22.99
N ALA E 78 -35.91 -22.70 23.25
CA ALA E 78 -36.90 -22.75 22.18
C ALA E 78 -37.25 -21.35 21.69
N TRP E 79 -37.37 -20.39 22.62
CA TRP E 79 -37.64 -19.02 22.22
C TRP E 79 -36.45 -18.43 21.46
N TYR E 80 -35.23 -18.71 21.92
CA TYR E 80 -34.04 -18.26 21.20
C TYR E 80 -34.05 -18.78 19.77
N ALA E 81 -34.42 -20.04 19.58
CA ALA E 81 -34.45 -20.61 18.24
C ALA E 81 -35.54 -19.96 17.40
N GLU E 82 -36.70 -19.69 17.98
CA GLU E 82 -37.79 -19.09 17.22
C GLU E 82 -37.49 -17.64 16.86
N TYR E 83 -36.94 -16.88 17.81
CA TYR E 83 -36.59 -15.49 17.53
C TYR E 83 -35.49 -15.39 16.50
N ASP E 84 -34.41 -16.15 16.69
CA ASP E 84 -33.26 -16.06 15.77
C ASP E 84 -33.65 -16.49 14.37
N ASP E 85 -34.57 -17.44 14.24
CA ASP E 85 -34.98 -17.93 12.93
C ASP E 85 -35.97 -16.97 12.25
N ARG E 86 -36.83 -16.33 13.03
CA ARG E 86 -37.89 -15.50 12.45
C ARG E 86 -37.47 -14.07 12.18
N ALA E 87 -36.62 -13.48 13.02
CA ALA E 87 -36.33 -12.06 12.92
C ALA E 87 -35.00 -11.74 12.23
N ILE E 88 -34.19 -12.74 11.89
CA ILE E 88 -32.84 -12.47 11.42
C ILE E 88 -32.52 -13.19 10.11
N ASP E 89 -32.65 -14.51 10.10
CA ASP E 89 -32.12 -15.31 9.00
C ASP E 89 -33.07 -15.39 7.80
N SER E 90 -34.36 -15.14 7.99
CA SER E 90 -35.31 -15.29 6.89
C SER E 90 -35.15 -14.17 5.87
N THR E 91 -34.95 -12.94 6.34
CA THR E 91 -34.94 -11.78 5.46
C THR E 91 -33.78 -11.84 4.46
N GLY E 96 -39.47 -11.92 5.10
CA GLY E 96 -38.57 -11.18 5.96
C GLY E 96 -39.26 -10.13 6.83
N LEU E 97 -38.48 -9.46 7.67
CA LEU E 97 -38.95 -8.38 8.52
C LEU E 97 -38.23 -7.09 8.17
N THR E 98 -38.93 -5.98 8.27
CA THR E 98 -38.31 -4.70 7.98
C THR E 98 -37.32 -4.33 9.08
N ASP E 99 -36.42 -3.39 8.76
CA ASP E 99 -35.49 -2.91 9.76
C ASP E 99 -36.23 -2.14 10.85
N ALA E 100 -37.31 -1.45 10.48
CA ALA E 100 -38.13 -0.76 11.47
C ALA E 100 -38.89 -1.74 12.36
N GLU E 101 -39.41 -2.81 11.77
CA GLU E 101 -40.08 -3.84 12.58
C GLU E 101 -39.12 -4.44 13.59
N VAL E 102 -37.87 -4.71 13.17
CA VAL E 102 -36.90 -5.30 14.07
C VAL E 102 -36.47 -4.30 15.14
N ALA E 103 -36.36 -3.02 14.78
CA ALA E 103 -36.06 -2.01 15.79
C ALA E 103 -37.18 -1.92 16.82
N GLU E 104 -38.44 -2.00 16.37
CA GLU E 104 -39.56 -1.99 17.31
C GLU E 104 -39.58 -3.24 18.16
N LEU E 105 -39.28 -4.40 17.56
CA LEU E 105 -39.18 -5.63 18.34
C LEU E 105 -38.12 -5.50 19.43
N HIS E 106 -36.96 -4.94 19.07
CA HIS E 106 -35.89 -4.77 20.06
C HIS E 106 -36.33 -3.83 21.18
N ARG E 107 -36.93 -2.70 20.81
CA ARG E 107 -37.43 -1.76 21.82
C ARG E 107 -38.43 -2.44 22.76
N ALA E 108 -39.37 -3.19 22.20
CA ALA E 108 -40.44 -3.77 23.01
C ALA E 108 -39.91 -4.91 23.88
N LEU E 109 -39.00 -5.74 23.34
CA LEU E 109 -38.41 -6.81 24.14
C LEU E 109 -37.56 -6.24 25.26
N GLY E 110 -36.80 -5.18 24.98
CA GLY E 110 -36.08 -4.50 26.05
C GLY E 110 -37.01 -3.89 27.07
N GLU E 111 -38.22 -3.53 26.64
CA GLU E 111 -39.23 -3.08 27.60
C GLU E 111 -39.74 -4.24 28.42
N ILE E 112 -39.91 -5.41 27.80
CA ILE E 112 -40.33 -6.61 28.52
C ILE E 112 -39.29 -7.00 29.56
N LEU E 113 -38.01 -6.87 29.22
CA LEU E 113 -36.94 -7.18 30.18
C LEU E 113 -36.94 -6.23 31.36
N ARG E 114 -37.54 -5.04 31.22
CA ARG E 114 -37.72 -4.12 32.34
C ARG E 114 -38.99 -4.41 33.14
N ASP E 115 -39.46 -5.66 33.12
CA ASP E 115 -40.60 -6.12 33.92
C ASP E 115 -41.90 -5.41 33.58
N ARG E 116 -41.95 -4.72 32.45
CA ARG E 116 -43.14 -4.04 31.98
C ARG E 116 -43.94 -4.95 31.07
N PRO E 117 -45.24 -4.72 30.92
CA PRO E 117 -46.05 -5.60 30.07
C PRO E 117 -45.65 -5.51 28.61
N ALA E 118 -45.98 -6.57 27.87
CA ALA E 118 -45.64 -6.66 26.46
C ALA E 118 -46.36 -5.57 25.67
N PRO E 119 -45.65 -4.67 24.99
CA PRO E 119 -46.34 -3.61 24.24
C PRO E 119 -47.26 -4.13 23.16
N ASP E 120 -46.97 -5.30 22.60
CA ASP E 120 -47.82 -5.93 21.58
C ASP E 120 -48.06 -7.36 22.04
N PRO E 121 -49.01 -7.57 22.96
CA PRO E 121 -49.27 -8.93 23.46
C PRO E 121 -49.84 -9.88 22.42
N SER E 122 -50.14 -9.42 21.21
CA SER E 122 -50.57 -10.31 20.14
C SER E 122 -49.41 -10.89 19.34
N ASP E 123 -48.26 -10.23 19.34
CA ASP E 123 -47.07 -10.77 18.69
C ASP E 123 -46.58 -12.00 19.45
N PRO E 124 -46.39 -13.14 18.77
CA PRO E 124 -46.00 -14.36 19.51
C PRO E 124 -44.65 -14.26 20.19
N VAL E 125 -43.68 -13.57 19.59
CA VAL E 125 -42.37 -13.43 20.22
C VAL E 125 -42.49 -12.65 21.52
N GLN E 126 -43.42 -11.69 21.57
CA GLN E 126 -43.63 -10.91 22.80
C GLN E 126 -44.14 -11.76 23.93
N ARG E 127 -45.22 -12.54 23.70
CA ARG E 127 -45.69 -13.46 24.72
C ARG E 127 -44.61 -14.45 25.12
N GLY E 128 -43.84 -14.95 24.15
CA GLY E 128 -42.79 -15.91 24.45
C GLY E 128 -41.76 -15.33 25.40
N LEU E 129 -41.23 -14.16 25.08
CA LEU E 129 -40.22 -13.56 25.95
C LEU E 129 -40.82 -13.14 27.29
N ALA E 130 -42.08 -12.71 27.30
CA ALA E 130 -42.73 -12.36 28.57
C ALA E 130 -42.83 -13.59 29.47
N ASP E 131 -43.23 -14.72 28.91
CA ASP E 131 -43.32 -15.96 29.70
C ASP E 131 -41.95 -16.40 30.17
N VAL E 132 -40.95 -16.33 29.28
CA VAL E 132 -39.59 -16.70 29.69
C VAL E 132 -39.12 -15.80 30.83
N TRP E 133 -39.42 -14.51 30.75
CA TRP E 133 -38.96 -13.57 31.76
C TRP E 133 -39.65 -13.79 33.09
N ARG E 134 -40.97 -14.03 33.08
CA ARG E 134 -41.66 -14.27 34.34
C ARG E 134 -41.24 -15.60 34.96
N THR E 135 -41.01 -16.63 34.13
CA THR E 135 -40.54 -17.91 34.67
C THR E 135 -39.13 -17.78 35.22
N LEU E 136 -38.27 -16.99 34.56
CA LEU E 136 -36.93 -16.77 35.05
C LEU E 136 -36.94 -16.00 36.37
N ASN E 137 -37.77 -14.97 36.47
CA ASN E 137 -37.85 -14.19 37.71
C ASN E 137 -38.49 -15.00 38.83
N GLY E 138 -39.31 -15.99 38.49
CA GLY E 138 -39.87 -16.86 39.51
C GLY E 138 -38.90 -17.87 40.04
N LEU E 139 -37.93 -18.30 39.22
CA LEU E 139 -36.97 -19.31 39.63
C LEU E 139 -35.64 -18.71 40.09
N ALA E 140 -35.45 -17.41 39.96
CA ALA E 140 -34.20 -16.77 40.35
C ALA E 140 -34.45 -15.80 41.50
N SER E 141 -33.42 -15.62 42.32
CA SER E 141 -33.53 -14.77 43.52
C SER E 141 -32.59 -13.57 43.44
N ASP E 142 -31.29 -13.76 43.63
CA ASP E 142 -30.31 -12.69 43.63
C ASP E 142 -29.30 -12.93 42.51
N TRP E 143 -29.38 -12.13 41.45
CA TRP E 143 -28.42 -12.19 40.35
C TRP E 143 -28.34 -10.82 39.70
N ASP E 144 -27.26 -10.60 38.95
CA ASP E 144 -27.02 -9.33 38.28
C ASP E 144 -27.86 -9.26 37.01
N ARG E 145 -29.10 -8.81 37.18
CA ARG E 145 -29.99 -8.61 36.04
C ARG E 145 -29.47 -7.54 35.10
N ALA E 146 -28.83 -6.50 35.64
CA ALA E 146 -28.34 -5.41 34.79
C ALA E 146 -27.31 -5.92 33.79
N ALA E 147 -26.40 -6.79 34.22
CA ALA E 147 -25.40 -7.32 33.30
C ALA E 147 -26.05 -8.15 32.20
N PHE E 148 -27.06 -8.96 32.55
CA PHE E 148 -27.74 -9.76 31.54
C PHE E 148 -28.50 -8.89 30.56
N VAL E 149 -29.15 -7.83 31.05
CA VAL E 149 -29.88 -6.94 30.15
C VAL E 149 -28.91 -6.20 29.22
N ASP E 150 -27.73 -5.82 29.73
CA ASP E 150 -26.73 -5.21 28.86
C ASP E 150 -26.25 -6.18 27.79
N THR E 151 -26.02 -7.45 28.17
CA THR E 151 -25.66 -8.43 27.17
C THR E 151 -26.77 -8.66 26.16
N THR E 152 -28.03 -8.49 26.59
CA THR E 152 -29.15 -8.61 25.65
C THR E 152 -29.20 -7.42 24.68
N LEU E 153 -28.86 -6.23 25.18
CA LEU E 153 -28.74 -5.08 24.28
C LEU E 153 -27.65 -5.32 23.25
N ARG E 154 -26.50 -5.85 23.68
CA ARG E 154 -25.44 -6.18 22.72
C ARG E 154 -25.87 -7.29 21.77
N TYR E 155 -26.68 -8.23 22.26
CA TYR E 155 -27.23 -9.28 21.42
C TYR E 155 -28.08 -8.69 20.31
N PHE E 156 -28.97 -7.76 20.66
N PHE E 156 -28.97 -7.76 20.66
CA PHE E 156 -29.83 -7.14 19.65
CA PHE E 156 -29.83 -7.14 19.65
C PHE E 156 -29.01 -6.31 18.66
C PHE E 156 -29.02 -6.30 18.65
N GLU E 157 -27.99 -5.60 19.15
CA GLU E 157 -27.14 -4.82 18.25
C GLU E 157 -26.38 -5.72 17.29
N ALA E 158 -25.85 -6.84 17.79
CA ALA E 158 -25.19 -7.79 16.91
C ALA E 158 -26.18 -8.42 15.94
N ASN E 159 -27.44 -8.59 16.34
CA ASN E 159 -28.44 -9.09 15.40
C ASN E 159 -28.68 -8.09 14.27
N ARG E 160 -28.76 -6.81 14.62
CA ARG E 160 -28.88 -5.78 13.59
C ARG E 160 -27.65 -5.78 12.67
N TYR E 161 -26.46 -6.03 13.23
CA TYR E 161 -25.26 -6.14 12.41
C TYR E 161 -25.35 -7.33 11.45
N GLU E 162 -25.77 -8.48 11.97
CA GLU E 162 -25.94 -9.67 11.14
C GLU E 162 -26.93 -9.42 10.02
N ARG E 163 -28.03 -8.72 10.30
CA ARG E 163 -28.99 -8.47 9.24
C ARG E 163 -28.45 -7.47 8.22
N VAL E 164 -27.66 -6.49 8.67
CA VAL E 164 -27.00 -5.60 7.73
C VAL E 164 -26.13 -6.40 6.77
N ASN E 165 -25.35 -7.34 7.32
CA ASN E 165 -24.48 -8.16 6.48
C ASN E 165 -25.29 -9.05 5.54
N ILE E 166 -26.38 -9.65 6.05
CA ILE E 166 -27.20 -10.54 5.23
C ILE E 166 -27.83 -9.76 4.08
N ARG E 167 -28.33 -8.56 4.36
CA ARG E 167 -28.94 -7.75 3.31
C ARG E 167 -27.89 -7.29 2.31
N ARG E 168 -26.68 -7.00 2.78
CA ARG E 168 -25.58 -6.71 1.86
C ARG E 168 -25.20 -7.92 1.02
N GLY E 169 -25.60 -9.12 1.42
CA GLY E 169 -25.29 -10.31 0.67
C GLY E 169 -23.84 -10.75 0.75
N ILE E 170 -23.10 -10.30 1.75
CA ILE E 170 -21.67 -10.60 1.82
C ILE E 170 -21.30 -10.97 3.25
N PRO E 171 -20.42 -11.94 3.45
CA PRO E 171 -19.99 -12.28 4.81
C PRO E 171 -18.93 -11.31 5.31
N PRO E 172 -18.88 -11.06 6.61
CA PRO E 172 -17.89 -10.13 7.16
C PRO E 172 -16.49 -10.72 7.14
N THR E 173 -15.53 -9.86 7.50
CA THR E 173 -14.16 -10.27 7.72
C THR E 173 -14.12 -11.33 8.83
N PRO E 174 -13.19 -12.28 8.76
CA PRO E 174 -13.07 -13.26 9.86
C PRO E 174 -12.96 -12.62 11.24
N SER E 175 -12.07 -11.64 11.43
CA SER E 175 -11.92 -11.03 12.75
C SER E 175 -13.17 -10.25 13.14
N ALA E 176 -13.70 -9.46 12.21
CA ALA E 176 -14.91 -8.69 12.50
C ALA E 176 -16.09 -9.58 12.81
N HIS E 177 -16.13 -10.79 12.23
CA HIS E 177 -17.22 -11.70 12.54
C HIS E 177 -17.00 -12.42 13.87
N ILE E 178 -15.75 -12.82 14.16
CA ILE E 178 -15.45 -13.45 15.45
C ILE E 178 -15.77 -12.51 16.61
N GLY E 179 -15.42 -11.23 16.46
CA GLY E 179 -15.71 -10.28 17.52
C GLY E 179 -17.20 -10.13 17.79
N MSE E 180 -17.99 -10.05 16.73
CA MSE E 180 -19.42 -9.76 16.86
C MSE E 180 -20.28 -10.99 17.14
O MSE E 180 -21.37 -10.86 17.69
CB MSE E 180 -19.91 -9.06 15.59
CG MSE E 180 -19.32 -7.68 15.38
SE MSE E 180 -19.99 -6.36 16.65
CE MSE E 180 -21.88 -6.45 16.20
N ARG E 181 -19.80 -12.17 16.74
CA ARG E 181 -20.58 -13.39 16.97
C ARG E 181 -20.76 -13.68 18.46
N ARG E 182 -19.77 -13.33 19.28
CA ARG E 182 -19.92 -13.52 20.72
C ARG E 182 -21.13 -12.76 21.24
N HIS E 183 -21.43 -11.61 20.65
CA HIS E 183 -22.66 -10.89 20.98
C HIS E 183 -23.86 -11.44 20.21
N GLY E 184 -23.62 -11.96 19.00
CA GLY E 184 -24.72 -12.45 18.17
C GLY E 184 -25.34 -13.74 18.66
N GLY E 185 -24.66 -14.48 19.53
CA GLY E 185 -25.21 -15.72 20.06
C GLY E 185 -25.65 -15.60 21.50
N HIS E 186 -25.41 -14.44 22.09
CA HIS E 186 -25.75 -14.17 23.49
C HIS E 186 -25.06 -15.18 24.41
N VAL E 187 -23.77 -15.41 24.16
CA VAL E 187 -23.04 -16.42 24.92
C VAL E 187 -22.76 -15.91 26.33
N TYR E 188 -22.48 -14.63 26.48
CA TYR E 188 -22.28 -14.07 27.81
C TYR E 188 -23.59 -14.03 28.60
N GLY E 189 -24.69 -13.67 27.93
CA GLY E 189 -25.99 -13.78 28.57
C GLY E 189 -26.30 -15.21 28.98
N MSE E 190 -25.84 -16.18 28.20
CA MSE E 190 -26.01 -17.57 28.55
C MSE E 190 -25.17 -17.94 29.76
O MSE E 190 -25.62 -18.72 30.59
CB MSE E 190 -25.65 -18.47 27.37
CG MSE E 190 -26.75 -18.56 26.33
SE MSE E 190 -28.44 -19.15 27.12
CE MSE E 190 -27.95 -20.99 27.52
N TYR E 191 -23.97 -17.37 29.88
CA TYR E 191 -23.19 -17.58 31.09
C TYR E 191 -23.91 -17.02 32.32
N ILE E 192 -24.48 -15.83 32.18
CA ILE E 192 -25.21 -15.21 33.29
C ILE E 192 -26.42 -16.06 33.67
N LEU E 193 -27.15 -16.57 32.67
CA LEU E 193 -28.32 -17.40 32.96
C LEU E 193 -27.93 -18.75 33.55
N GLY E 194 -26.80 -19.31 33.12
CA GLY E 194 -26.33 -20.55 33.73
C GLY E 194 -25.94 -20.36 35.18
N ALA E 195 -25.35 -19.20 35.50
CA ALA E 195 -25.08 -18.90 36.91
C ALA E 195 -26.38 -18.75 37.70
N ALA E 196 -27.34 -17.97 37.17
CA ALA E 196 -28.56 -17.69 37.91
C ALA E 196 -29.43 -18.93 38.08
N VAL E 197 -29.46 -19.82 37.09
CA VAL E 197 -30.39 -20.94 37.12
C VAL E 197 -29.85 -22.06 38.00
N ASN E 198 -28.58 -22.41 37.87
CA ASN E 198 -28.01 -23.49 38.66
C ASN E 198 -27.60 -23.04 40.06
N GLY E 199 -28.04 -21.86 40.50
CA GLY E 199 -27.89 -21.48 41.89
C GLY E 199 -26.47 -21.26 42.37
N TYR E 200 -25.66 -20.57 41.57
CA TYR E 200 -24.31 -20.23 41.99
C TYR E 200 -23.95 -18.87 41.41
N ARG E 201 -23.24 -18.06 42.21
CA ARG E 201 -22.74 -16.80 41.65
C ARG E 201 -21.31 -16.56 42.10
N PRO E 202 -20.37 -16.57 41.17
CA PRO E 202 -18.97 -16.34 41.52
C PRO E 202 -18.74 -14.91 41.94
N GLU E 203 -17.69 -14.70 42.74
CA GLU E 203 -17.36 -13.36 43.19
C GLU E 203 -17.08 -12.47 41.99
N ARG E 204 -17.65 -11.26 42.01
CA ARG E 204 -17.36 -10.30 40.95
C ARG E 204 -15.89 -9.90 40.96
N ARG E 205 -15.21 -10.05 42.09
CA ARG E 205 -13.76 -9.88 42.11
C ARG E 205 -13.04 -10.95 41.31
N VAL E 206 -13.73 -12.04 40.97
CA VAL E 206 -13.19 -13.08 40.11
C VAL E 206 -13.75 -13.00 38.71
N LEU E 207 -15.07 -12.80 38.58
CA LEU E 207 -15.69 -12.77 37.27
C LEU E 207 -15.15 -11.62 36.42
N ASP E 208 -14.78 -10.51 37.05
CA ASP E 208 -14.20 -9.37 36.35
C ASP E 208 -12.70 -9.51 36.14
N HIS E 209 -12.06 -10.52 36.74
CA HIS E 209 -10.63 -10.72 36.56
C HIS E 209 -10.32 -10.96 35.09
N ALA E 210 -9.19 -10.39 34.64
CA ALA E 210 -8.86 -10.45 33.22
C ALA E 210 -8.74 -11.88 32.71
N ALA E 211 -8.14 -12.77 33.52
CA ALA E 211 -7.99 -14.15 33.11
C ALA E 211 -9.34 -14.80 32.87
N VAL E 212 -10.29 -14.61 33.79
CA VAL E 212 -11.62 -15.19 33.61
C VAL E 212 -12.33 -14.55 32.42
N ARG E 213 -12.15 -13.24 32.23
CA ARG E 213 -12.75 -12.56 31.08
C ARG E 213 -12.30 -13.19 29.76
N GLU E 214 -10.99 -13.31 29.56
CA GLU E 214 -10.50 -13.84 28.29
C GLU E 214 -10.73 -15.34 28.18
N LEU E 215 -10.82 -16.06 29.31
CA LEU E 215 -11.19 -17.46 29.24
C LEU E 215 -12.64 -17.62 28.81
N GLU E 216 -13.52 -16.75 29.30
CA GLU E 216 -14.89 -16.72 28.81
C GLU E 216 -14.94 -16.42 27.32
N THR E 217 -14.11 -15.47 26.86
CA THR E 217 -14.10 -15.16 25.43
C THR E 217 -13.64 -16.37 24.62
N LEU E 218 -12.64 -17.10 25.11
CA LEU E 218 -12.17 -18.30 24.41
C LEU E 218 -13.27 -19.35 24.34
N ALA E 219 -13.97 -19.58 25.46
CA ALA E 219 -15.05 -20.56 25.48
C ALA E 219 -16.16 -20.16 24.51
N ALA E 220 -16.52 -18.87 24.49
CA ALA E 220 -17.55 -18.40 23.58
C ALA E 220 -17.11 -18.56 22.13
N ASN E 221 -15.82 -18.30 21.86
CA ASN E 221 -15.28 -18.52 20.52
C ASN E 221 -15.44 -19.97 20.09
N TYR E 222 -15.04 -20.90 20.96
CA TYR E 222 -15.15 -22.32 20.62
C TYR E 222 -16.60 -22.69 20.34
N THR E 223 -17.51 -22.30 21.24
CA THR E 223 -18.91 -22.65 21.07
C THR E 223 -19.48 -22.11 19.77
N SER E 224 -19.24 -20.82 19.50
CA SER E 224 -19.83 -20.19 18.33
C SER E 224 -19.22 -20.73 17.04
N TRP E 225 -17.91 -21.00 17.03
CA TRP E 225 -17.31 -21.55 15.81
C TRP E 225 -17.81 -22.96 15.56
N ALA E 226 -18.02 -23.75 16.61
CA ALA E 226 -18.62 -25.07 16.42
C ALA E 226 -20.03 -24.95 15.86
N ASN E 227 -20.81 -23.99 16.38
CA ASN E 227 -22.15 -23.79 15.84
C ASN E 227 -22.10 -23.42 14.37
N ASP E 228 -21.19 -22.53 13.99
CA ASP E 228 -21.05 -22.17 12.58
C ASP E 228 -20.66 -23.37 11.74
N LEU E 229 -19.68 -24.15 12.22
CA LEU E 229 -19.19 -25.28 11.47
C LEU E 229 -20.31 -26.28 11.21
N HIS E 230 -21.18 -26.49 12.19
CA HIS E 230 -22.26 -27.46 11.98
C HIS E 230 -23.43 -26.88 11.20
N SER E 231 -23.78 -25.63 11.43
CA SER E 231 -24.94 -25.00 10.78
C SER E 231 -24.57 -24.30 9.48
N PHE E 232 -23.37 -24.54 8.97
CA PHE E 232 -22.94 -23.88 7.74
C PHE E 232 -23.88 -24.16 6.57
N ALA E 233 -24.32 -25.40 6.41
CA ALA E 233 -25.19 -25.74 5.28
C ALA E 233 -26.52 -25.00 5.37
N ARG E 234 -27.16 -25.06 6.54
CA ARG E 234 -28.44 -24.40 6.72
C ARG E 234 -28.32 -22.90 6.55
N GLU E 235 -27.23 -22.30 7.05
CA GLU E 235 -27.08 -20.86 6.93
C GLU E 235 -26.69 -20.44 5.51
N HIS E 236 -26.05 -21.34 4.75
CA HIS E 236 -25.69 -21.03 3.38
C HIS E 236 -26.92 -21.09 2.47
N ARG E 237 -27.82 -22.04 2.72
CA ARG E 237 -29.04 -22.10 1.93
C ARG E 237 -29.92 -20.88 2.16
N MSE E 238 -29.91 -20.33 3.36
CA MSE E 238 -30.83 -19.25 3.72
C MSE E 238 -30.25 -17.86 3.48
O MSE E 238 -30.93 -16.85 3.65
CB MSE E 238 -31.23 -19.38 5.20
CG MSE E 238 -32.06 -20.60 5.49
SE MSE E 238 -32.51 -20.69 7.38
CE MSE E 238 -34.22 -21.62 7.22
N GLY E 239 -28.98 -17.82 3.11
CA GLY E 239 -28.28 -16.56 2.91
C GLY E 239 -27.72 -15.95 4.17
N GLN E 240 -27.75 -16.67 5.29
CA GLN E 240 -27.14 -16.18 6.52
C GLN E 240 -25.62 -16.22 6.32
N VAL E 241 -25.03 -15.07 5.99
CA VAL E 241 -23.60 -15.03 5.70
C VAL E 241 -22.75 -14.87 6.94
N ASN E 242 -23.36 -14.75 8.11
CA ASN E 242 -22.62 -14.65 9.37
C ASN E 242 -22.22 -16.05 9.83
N ASN E 243 -21.27 -16.61 9.09
CA ASN E 243 -20.74 -17.94 9.33
C ASN E 243 -19.24 -17.90 9.13
N LEU E 244 -18.49 -18.51 10.05
CA LEU E 244 -17.04 -18.42 9.93
C LEU E 244 -16.53 -19.15 8.70
N VAL E 245 -17.23 -20.19 8.26
CA VAL E 245 -16.85 -20.86 7.02
C VAL E 245 -17.09 -19.93 5.83
N TRP E 246 -18.28 -19.34 5.74
CA TRP E 246 -18.56 -18.29 4.77
C TRP E 246 -17.44 -17.27 4.73
N SER E 247 -17.08 -16.73 5.89
CA SER E 247 -16.14 -15.62 5.95
C SER E 247 -14.73 -16.05 5.54
N VAL E 248 -14.28 -17.21 6.02
CA VAL E 248 -12.94 -17.67 5.67
C VAL E 248 -12.84 -17.98 4.18
N HIS E 249 -13.85 -18.65 3.62
CA HIS E 249 -13.84 -18.92 2.19
C HIS E 249 -13.85 -17.61 1.39
N HIS E 250 -14.60 -16.62 1.85
CA HIS E 250 -14.79 -15.40 1.08
C HIS E 250 -13.55 -14.52 1.10
N HIS E 251 -13.00 -14.26 2.29
CA HIS E 251 -11.93 -13.29 2.43
C HIS E 251 -10.53 -13.89 2.41
N GLU E 252 -10.38 -15.19 2.62
CA GLU E 252 -9.07 -15.83 2.56
C GLU E 252 -8.89 -16.68 1.31
N GLY E 253 -9.84 -16.61 0.37
CA GLY E 253 -9.71 -17.28 -0.91
C GLY E 253 -9.50 -18.79 -0.82
N LEU E 254 -10.39 -19.45 -0.11
CA LEU E 254 -10.30 -20.89 0.10
C LEU E 254 -11.60 -21.55 -0.32
N THR E 255 -11.51 -22.82 -0.71
CA THR E 255 -12.70 -23.61 -0.94
C THR E 255 -13.53 -23.70 0.34
N PHE E 256 -14.84 -23.91 0.18
CA PHE E 256 -15.66 -24.14 1.35
C PHE E 256 -15.13 -25.30 2.18
N GLN E 257 -14.54 -26.30 1.52
CA GLN E 257 -13.93 -27.41 2.22
C GLN E 257 -12.71 -26.95 3.01
N GLN E 258 -11.84 -26.17 2.38
CA GLN E 258 -10.67 -25.63 3.07
C GLN E 258 -11.10 -24.68 4.19
N ALA E 259 -12.17 -23.91 3.97
CA ALA E 259 -12.65 -23.01 5.01
C ALA E 259 -13.15 -23.79 6.22
N ALA E 260 -13.91 -24.86 5.98
CA ALA E 260 -14.38 -25.68 7.09
C ALA E 260 -13.21 -26.34 7.82
N ASP E 261 -12.19 -26.79 7.07
CA ASP E 261 -11.03 -27.39 7.71
C ASP E 261 -10.29 -26.37 8.57
N ARG E 262 -10.13 -25.15 8.07
CA ARG E 262 -9.47 -24.11 8.86
C ARG E 262 -10.30 -23.75 10.09
N VAL E 263 -11.62 -23.74 9.96
CA VAL E 263 -12.47 -23.45 11.11
C VAL E 263 -12.31 -24.53 12.18
N ALA E 264 -12.27 -25.80 11.76
CA ALA E 264 -12.06 -26.88 12.71
C ALA E 264 -10.69 -26.78 13.37
N ASP E 265 -9.66 -26.44 12.60
CA ASP E 265 -8.34 -26.29 13.18
C ASP E 265 -8.28 -25.12 14.16
N LEU E 266 -9.00 -24.03 13.85
CA LEU E 266 -9.10 -22.92 14.80
C LEU E 266 -9.79 -23.37 16.07
N CYS E 267 -10.84 -24.20 15.95
CA CYS E 267 -11.49 -24.75 17.14
C CYS E 267 -10.49 -25.54 17.97
N ASP E 268 -9.69 -26.39 17.32
CA ASP E 268 -8.70 -27.18 18.05
C ASP E 268 -7.69 -26.29 18.77
N LYS E 269 -7.18 -25.26 18.08
CA LYS E 269 -6.21 -24.36 18.68
C LYS E 269 -6.81 -23.60 19.85
N GLU E 270 -8.07 -23.18 19.73
CA GLU E 270 -8.72 -22.44 20.80
C GLU E 270 -9.05 -23.35 21.98
N LEU E 271 -9.34 -24.63 21.73
CA LEU E 271 -9.51 -25.57 22.83
C LEU E 271 -8.21 -25.76 23.60
N ALA E 272 -7.10 -25.91 22.88
CA ALA E 272 -5.80 -25.98 23.54
C ALA E 272 -5.53 -24.72 24.36
N ALA E 273 -5.80 -23.54 23.77
CA ALA E 273 -5.59 -22.29 24.48
C ALA E 273 -6.46 -22.18 25.73
N TYR E 274 -7.73 -22.59 25.62
CA TYR E 274 -8.62 -22.56 26.75
C TYR E 274 -8.12 -23.44 27.88
N LEU E 275 -7.68 -24.65 27.55
CA LEU E 275 -7.16 -25.54 28.57
C LEU E 275 -5.91 -24.96 29.23
N GLU E 276 -5.03 -24.35 28.43
CA GLU E 276 -3.82 -23.74 28.98
C GLU E 276 -4.16 -22.62 29.95
N LEU E 277 -5.05 -21.71 29.54
CA LEU E 277 -5.46 -20.62 30.41
C LEU E 277 -6.13 -21.14 31.68
N ARG E 278 -7.02 -22.13 31.55
CA ARG E 278 -7.70 -22.68 32.71
C ARG E 278 -6.70 -23.25 33.70
N GLN E 279 -5.68 -23.95 33.20
CA GLN E 279 -4.62 -24.47 34.05
C GLN E 279 -3.82 -23.34 34.69
N THR E 280 -3.66 -22.22 33.99
CA THR E 280 -2.92 -21.11 34.56
C THR E 280 -3.71 -20.36 35.62
N LEU E 281 -5.04 -20.42 35.58
CA LEU E 281 -5.87 -19.66 36.54
C LEU E 281 -5.47 -19.84 38.00
N PRO E 282 -5.30 -21.06 38.53
CA PRO E 282 -4.97 -21.17 39.96
C PRO E 282 -3.66 -20.51 40.33
N GLU E 283 -2.68 -20.50 39.43
CA GLU E 283 -1.40 -19.86 39.73
C GLU E 283 -1.56 -18.35 39.89
N LEU E 284 -2.58 -17.76 39.25
CA LEU E 284 -2.82 -16.33 39.34
C LEU E 284 -3.56 -15.93 40.61
N GLY E 285 -3.92 -16.88 41.46
CA GLY E 285 -4.68 -16.59 42.65
C GLY E 285 -6.17 -16.84 42.52
N ILE E 286 -6.60 -17.60 41.53
CA ILE E 286 -8.01 -17.89 41.30
C ILE E 286 -8.20 -19.40 41.36
N PRO E 287 -8.62 -19.94 42.50
CA PRO E 287 -8.85 -21.39 42.59
C PRO E 287 -10.18 -21.78 41.95
N LEU E 288 -10.19 -22.99 41.40
CA LEU E 288 -11.39 -23.54 40.78
C LEU E 288 -12.17 -24.38 41.80
N THR E 289 -12.51 -23.74 42.92
CA THR E 289 -13.13 -24.41 44.05
C THR E 289 -14.64 -24.21 44.09
N GLY E 290 -15.07 -23.02 44.53
CA GLY E 290 -16.47 -22.76 44.78
C GLY E 290 -17.31 -22.51 43.54
N ALA E 291 -17.93 -21.34 43.47
CA ALA E 291 -18.75 -21.00 42.31
C ALA E 291 -17.92 -20.84 41.05
N THR E 292 -16.64 -20.45 41.19
CA THR E 292 -15.78 -20.32 40.03
C THR E 292 -15.60 -21.66 39.32
N GLY E 293 -15.49 -22.74 40.10
CA GLY E 293 -15.36 -24.06 39.50
C GLY E 293 -16.56 -24.44 38.66
N ARG E 294 -17.77 -24.28 39.22
CA ARG E 294 -18.97 -24.58 38.44
C ARG E 294 -19.16 -23.62 37.28
N HIS E 295 -18.67 -22.38 37.41
CA HIS E 295 -18.78 -21.45 36.30
C HIS E 295 -17.91 -21.90 35.13
N VAL E 296 -16.65 -22.26 35.41
CA VAL E 296 -15.78 -22.80 34.37
C VAL E 296 -16.35 -24.09 33.81
N ARG E 297 -16.97 -24.90 34.67
CA ARG E 297 -17.59 -26.14 34.19
C ARG E 297 -18.80 -25.85 33.30
N PHE E 298 -19.53 -24.77 33.55
CA PHE E 298 -20.64 -24.41 32.65
C PHE E 298 -20.10 -23.87 31.33
N LEU E 299 -18.99 -23.14 31.37
CA LEU E 299 -18.32 -22.77 30.13
C LEU E 299 -17.98 -24.00 29.31
N GLU E 300 -17.38 -25.00 29.96
CA GLU E 300 -17.08 -26.26 29.29
C GLU E 300 -18.33 -26.97 28.83
N ASP E 301 -19.43 -26.85 29.58
CA ASP E 301 -20.67 -27.51 29.21
C ASP E 301 -21.18 -27.01 27.87
N MSE E 302 -21.04 -25.72 27.60
CA MSE E 302 -21.56 -25.14 26.38
C MSE E 302 -20.74 -25.54 25.15
O MSE E 302 -21.29 -25.71 24.05
CB MSE E 302 -21.63 -23.61 26.49
CG MSE E 302 -22.74 -23.14 27.41
SE MSE E 302 -23.56 -21.50 26.77
CE MSE E 302 -24.04 -22.06 24.97
N MSE E 303 -19.44 -25.68 25.33
CA MSE E 303 -18.58 -26.16 24.24
C MSE E 303 -18.95 -27.58 23.85
O MSE E 303 -19.29 -27.86 22.71
CB MSE E 303 -17.12 -26.09 24.66
CG MSE E 303 -16.68 -24.76 25.24
SE MSE E 303 -14.82 -24.83 25.76
CE MSE E 303 -14.96 -24.06 27.53
N TRP E 304 -18.85 -28.48 24.84
CA TRP E 304 -19.21 -29.88 24.62
C TRP E 304 -20.64 -30.01 24.11
N SER E 305 -21.55 -29.21 24.66
CA SER E 305 -22.96 -29.32 24.26
C SER E 305 -23.14 -29.02 22.79
N MSE E 306 -22.44 -28.01 22.27
CA MSE E 306 -22.62 -27.61 20.89
C MSE E 306 -22.18 -28.73 19.96
O MSE E 306 -22.90 -29.12 19.03
CB MSE E 306 -21.83 -26.32 20.60
CG MSE E 306 -22.40 -25.50 19.45
SE MSE E 306 -24.29 -25.09 19.66
CE MSE E 306 -24.22 -24.11 21.34
N VAL E 307 -20.99 -29.27 20.25
CA VAL E 307 -20.45 -30.41 19.49
C VAL E 307 -21.44 -31.57 19.51
N ASP E 308 -21.82 -32.04 20.71
CA ASP E 308 -22.60 -33.27 20.81
C ASP E 308 -24.04 -33.08 20.33
N TRP E 309 -24.63 -31.91 20.54
CA TRP E 309 -26.01 -31.67 20.16
C TRP E 309 -26.14 -31.43 18.66
N SER E 310 -25.23 -30.63 18.08
CA SER E 310 -25.30 -30.40 16.64
C SER E 310 -25.03 -31.69 15.86
N ALA E 311 -24.38 -32.66 16.50
CA ALA E 311 -24.21 -33.99 15.93
C ALA E 311 -25.46 -34.83 16.16
N ASP F 2 43.68 -49.27 -8.14
CA ASP F 2 42.99 -49.25 -9.42
C ASP F 2 43.57 -48.17 -10.34
N MSE F 3 42.76 -47.74 -11.30
CA MSE F 3 43.00 -46.50 -12.03
C MSE F 3 41.65 -45.87 -12.38
O MSE F 3 40.85 -46.43 -13.13
CB MSE F 3 43.88 -46.74 -13.27
CG MSE F 3 43.81 -48.13 -13.89
SE MSE F 3 42.19 -48.55 -14.90
CE MSE F 3 42.61 -47.58 -16.55
N THR F 4 41.40 -44.70 -11.78
CA THR F 4 40.06 -44.12 -11.71
C THR F 4 39.54 -43.72 -13.10
N ILE F 5 38.26 -43.34 -13.12
CA ILE F 5 37.54 -43.00 -14.34
C ILE F 5 36.86 -41.64 -14.25
N SER F 6 35.72 -41.49 -14.94
CA SER F 6 35.06 -40.19 -15.12
C SER F 6 33.67 -40.19 -14.50
N VAL F 7 33.50 -39.38 -13.46
CA VAL F 7 32.23 -39.23 -12.76
C VAL F 7 31.30 -38.33 -13.60
N PRO F 8 30.09 -38.79 -13.95
CA PRO F 8 29.18 -37.94 -14.71
C PRO F 8 28.67 -36.76 -13.90
N GLN F 9 28.03 -35.83 -14.60
CA GLN F 9 27.41 -34.68 -13.95
C GLN F 9 25.98 -34.99 -13.53
N LEU F 10 25.45 -34.17 -12.63
CA LEU F 10 24.08 -34.31 -12.14
C LEU F 10 23.40 -32.95 -12.22
N ASP F 11 22.41 -32.82 -13.09
CA ASP F 11 21.62 -31.60 -13.21
C ASP F 11 20.37 -31.74 -12.35
N CYS F 12 20.28 -30.92 -11.31
CA CYS F 12 19.08 -30.88 -10.47
C CYS F 12 18.53 -29.46 -10.41
N PRO F 13 17.24 -29.26 -10.75
CA PRO F 13 16.63 -27.92 -10.75
C PRO F 13 16.29 -27.42 -9.35
N LEU F 14 17.28 -27.46 -8.45
CA LEU F 14 17.13 -26.97 -7.08
C LEU F 14 18.23 -25.96 -6.83
N SER F 15 17.87 -24.71 -6.66
CA SER F 15 18.83 -23.64 -6.46
C SER F 15 18.65 -23.03 -5.08
N ARG F 16 19.73 -22.52 -4.52
CA ARG F 16 19.68 -21.95 -3.18
C ARG F 16 20.92 -21.10 -2.95
N PRO F 17 20.76 -19.90 -2.38
CA PRO F 17 21.94 -19.10 -2.06
C PRO F 17 22.62 -19.60 -0.81
N VAL F 18 23.92 -19.40 -0.76
CA VAL F 18 24.76 -19.94 0.31
C VAL F 18 24.91 -18.91 1.42
N HIS F 19 25.16 -19.40 2.62
CA HIS F 19 25.46 -18.53 3.75
C HIS F 19 26.89 -17.99 3.63
N PRO F 20 27.10 -16.70 3.89
CA PRO F 20 28.40 -16.09 3.60
C PRO F 20 29.54 -16.58 4.48
N GLU F 21 29.28 -16.90 5.75
CA GLU F 21 30.36 -17.25 6.67
C GLU F 21 31.01 -18.60 6.38
N GLY F 22 30.70 -19.25 5.26
CA GLY F 22 31.20 -20.58 4.96
C GLY F 22 32.67 -20.77 5.23
N GLU F 23 33.51 -20.01 4.52
CA GLU F 23 34.96 -20.15 4.68
C GLU F 23 35.37 -20.03 6.14
N ARG F 24 34.77 -19.09 6.88
CA ARG F 24 35.05 -18.95 8.30
C ARG F 24 34.94 -20.30 9.00
N ALA F 25 33.77 -20.94 8.89
CA ALA F 25 33.55 -22.22 9.53
C ALA F 25 34.64 -23.22 9.15
N ASP F 26 35.07 -23.20 7.88
CA ASP F 26 36.19 -24.03 7.45
C ASP F 26 37.35 -23.93 8.44
N ALA F 27 37.90 -22.72 8.57
CA ALA F 27 38.96 -22.50 9.55
C ALA F 27 38.49 -22.91 10.94
N TYR F 28 37.28 -22.48 11.32
CA TYR F 28 36.74 -22.85 12.62
C TYR F 28 36.72 -24.36 12.80
N ALA F 29 36.38 -25.09 11.73
CA ALA F 29 36.44 -26.54 11.78
C ALA F 29 37.78 -27.00 12.33
N VAL F 30 38.87 -26.56 11.68
CA VAL F 30 40.21 -26.90 12.15
C VAL F 30 40.33 -26.63 13.64
N GLU F 31 39.94 -25.43 14.06
CA GLU F 31 39.99 -25.06 15.47
C GLU F 31 39.34 -26.14 16.33
N TRP F 32 38.07 -26.43 16.04
CA TRP F 32 37.37 -27.43 16.85
C TRP F 32 38.07 -28.77 16.79
N LEU F 33 38.53 -29.19 15.61
CA LEU F 33 39.19 -30.49 15.51
C LEU F 33 40.45 -30.55 16.35
N ARG F 34 41.09 -29.39 16.58
CA ARG F 34 42.24 -29.37 17.47
C ARG F 34 41.86 -29.14 18.92
N GLY F 35 40.71 -28.52 19.17
CA GLY F 35 40.27 -28.27 20.53
C GLY F 35 39.61 -29.45 21.21
N VAL F 36 39.38 -30.54 20.49
CA VAL F 36 38.73 -31.72 21.02
C VAL F 36 39.69 -32.90 21.08
N GLY F 37 40.55 -33.04 20.09
CA GLY F 37 41.47 -34.16 19.99
C GLY F 37 41.37 -34.93 18.69
N LEU F 38 40.42 -34.57 17.81
CA LEU F 38 40.31 -35.23 16.52
C LEU F 38 41.42 -34.81 15.56
N MSE F 39 42.11 -33.72 15.87
CA MSE F 39 43.25 -33.26 15.08
C MSE F 39 44.41 -33.01 16.06
O MSE F 39 44.20 -32.46 17.14
CB MSE F 39 42.90 -31.99 14.30
CG MSE F 39 43.78 -31.73 13.10
SE MSE F 39 42.92 -30.45 11.89
CE MSE F 39 44.35 -30.20 10.60
N ALA F 40 45.62 -33.39 15.67
CA ALA F 40 46.75 -33.48 16.59
C ALA F 40 47.89 -32.58 16.14
N ASP F 41 48.07 -31.47 16.86
CA ASP F 41 49.31 -30.71 16.84
C ASP F 41 49.63 -30.10 15.47
N GLU F 42 50.53 -30.74 14.73
CA GLU F 42 51.11 -30.18 13.52
C GLU F 42 50.53 -30.88 12.29
N ALA F 43 49.24 -30.68 12.08
CA ALA F 43 48.57 -31.16 10.88
C ALA F 43 48.13 -29.98 10.04
N ASP F 44 48.46 -30.04 8.74
CA ASP F 44 48.11 -28.96 7.83
C ASP F 44 46.60 -28.78 7.74
N ALA F 45 46.16 -27.53 7.82
CA ALA F 45 44.73 -27.25 7.72
C ALA F 45 44.25 -27.21 6.28
N ALA F 46 45.16 -27.21 5.31
CA ALA F 46 44.77 -27.23 3.90
C ALA F 46 44.05 -28.51 3.50
N PRO F 47 44.45 -29.71 3.95
CA PRO F 47 43.62 -30.90 3.70
C PRO F 47 42.27 -30.83 4.38
N VAL F 48 42.13 -30.01 5.43
CA VAL F 48 40.85 -29.87 6.11
C VAL F 48 40.01 -28.77 5.46
N LEU F 49 40.65 -27.69 5.03
CA LEU F 49 39.94 -26.66 4.27
C LEU F 49 39.49 -27.20 2.91
N ALA F 50 40.25 -28.14 2.34
CA ALA F 50 39.87 -28.75 1.07
C ALA F 50 38.62 -29.61 1.21
N VAL F 51 38.31 -30.07 2.42
CA VAL F 51 37.06 -30.78 2.64
C VAL F 51 35.87 -29.84 2.43
N GLY F 52 35.95 -28.63 2.96
CA GLY F 52 34.87 -27.68 2.83
C GLY F 52 33.73 -27.94 3.80
N LEU F 53 34.05 -28.31 5.05
CA LEU F 53 33.03 -28.64 6.02
C LEU F 53 32.08 -27.48 6.29
N GLY F 54 32.59 -26.25 6.24
CA GLY F 54 31.74 -25.10 6.50
C GLY F 54 30.82 -24.76 5.36
N ARG F 55 31.23 -25.06 4.12
CA ARG F 55 30.38 -24.74 2.97
C ARG F 55 29.17 -25.66 2.92
N LEU F 56 29.33 -26.94 3.25
CA LEU F 56 28.18 -27.81 3.34
C LEU F 56 27.24 -27.37 4.46
N ALA F 57 27.80 -27.00 5.62
CA ALA F 57 26.99 -26.44 6.69
C ALA F 57 26.24 -25.22 6.22
N ALA F 58 26.87 -24.37 5.42
CA ALA F 58 26.19 -23.22 4.84
C ALA F 58 25.06 -23.65 3.92
N CYS F 59 25.25 -24.76 3.21
CA CYS F 59 24.17 -25.32 2.41
C CYS F 59 23.02 -25.84 3.27
N TYR F 60 23.29 -26.17 4.53
CA TYR F 60 22.29 -26.78 5.39
C TYR F 60 21.54 -25.80 6.30
N VAL F 61 21.98 -24.55 6.39
CA VAL F 61 21.31 -23.55 7.23
C VAL F 61 20.84 -22.39 6.35
N ASP F 62 19.99 -21.55 6.93
CA ASP F 62 19.44 -20.40 6.23
C ASP F 62 20.50 -19.31 6.03
N GLU F 63 20.22 -18.42 5.08
CA GLU F 63 21.04 -17.22 4.95
C GLU F 63 20.98 -16.38 6.22
N ASN F 64 19.80 -16.26 6.79
CA ASN F 64 19.57 -15.43 7.98
C ASN F 64 19.74 -16.27 9.24
N ALA F 65 20.91 -16.88 9.37
CA ALA F 65 21.23 -17.71 10.51
C ALA F 65 22.41 -17.13 11.28
N SER F 66 22.48 -17.47 12.56
CA SER F 66 23.52 -16.97 13.43
C SER F 66 24.82 -17.72 13.17
N TRP F 67 25.94 -17.07 13.48
CA TRP F 67 27.22 -17.77 13.42
C TRP F 67 27.29 -18.90 14.44
N ASP F 68 26.51 -18.83 15.52
CA ASP F 68 26.42 -19.95 16.45
C ASP F 68 25.78 -21.17 15.78
N THR F 69 24.67 -20.95 15.06
CA THR F 69 23.98 -22.05 14.38
C THR F 69 24.86 -22.66 13.28
N LEU F 70 25.41 -21.81 12.41
CA LEU F 70 26.29 -22.29 11.36
C LEU F 70 27.51 -22.99 11.94
N ALA F 71 28.04 -22.48 13.06
CA ALA F 71 29.19 -23.10 13.69
C ALA F 71 28.85 -24.46 14.25
N PHE F 72 27.66 -24.60 14.86
CA PHE F 72 27.23 -25.91 15.34
C PHE F 72 27.07 -26.89 14.19
N MSE F 73 26.48 -26.43 13.08
CA MSE F 73 26.29 -27.29 11.92
C MSE F 73 27.64 -27.78 11.41
O MSE F 73 27.80 -28.96 11.09
CB MSE F 73 25.54 -26.54 10.81
CG MSE F 73 25.00 -27.43 9.72
SE MSE F 73 23.76 -28.75 10.40
CE MSE F 73 22.46 -27.56 11.22
N THR F 74 28.60 -26.87 11.35
CA THR F 74 29.95 -27.23 10.92
C THR F 74 30.59 -28.23 11.88
N ILE F 75 30.43 -28.01 13.19
CA ILE F 75 30.97 -28.93 14.18
C ILE F 75 30.39 -30.31 14.00
N LEU F 76 29.08 -30.40 13.78
CA LEU F 76 28.42 -31.67 13.61
C LEU F 76 28.90 -32.39 12.36
N LEU F 77 28.96 -31.66 11.24
CA LEU F 77 29.42 -32.27 9.99
C LEU F 77 30.89 -32.68 10.07
N ALA F 78 31.68 -31.98 10.87
CA ALA F 78 33.08 -32.37 11.05
C ALA F 78 33.19 -33.62 11.92
N TRP F 79 32.37 -33.71 12.96
CA TRP F 79 32.38 -34.90 13.82
C TRP F 79 31.91 -36.14 13.06
N TYR F 80 30.86 -36.00 12.24
CA TYR F 80 30.43 -37.11 11.40
C TYR F 80 31.56 -37.60 10.52
N ALA F 81 32.34 -36.68 9.95
CA ALA F 81 33.44 -37.05 9.08
C ALA F 81 34.52 -37.82 9.83
N GLU F 82 34.84 -37.40 11.06
CA GLU F 82 35.90 -38.07 11.80
C GLU F 82 35.48 -39.45 12.27
N TYR F 83 34.24 -39.60 12.74
CA TYR F 83 33.76 -40.91 13.17
C TYR F 83 33.65 -41.87 11.99
N ASP F 84 33.00 -41.41 10.91
CA ASP F 84 32.79 -42.27 9.75
C ASP F 84 34.11 -42.71 9.12
N ASP F 85 35.13 -41.85 9.16
CA ASP F 85 36.41 -42.18 8.55
C ASP F 85 37.25 -43.08 9.43
N ARG F 86 37.16 -42.94 10.75
CA ARG F 86 38.02 -43.67 11.66
C ARG F 86 37.45 -45.04 12.05
N ALA F 87 36.13 -45.16 12.18
CA ALA F 87 35.54 -46.38 12.73
C ALA F 87 34.94 -47.31 11.69
N ILE F 88 34.90 -46.94 10.41
CA ILE F 88 34.15 -47.74 9.45
C ILE F 88 34.95 -48.11 8.20
N ASP F 89 35.46 -47.12 7.48
CA ASP F 89 35.99 -47.40 6.14
C ASP F 89 37.42 -47.93 6.18
N SER F 90 38.18 -47.60 7.22
CA SER F 90 39.57 -48.05 7.28
C SER F 90 39.67 -49.52 7.69
N THR F 91 38.85 -49.92 8.66
CA THR F 91 38.94 -51.24 9.28
C THR F 91 38.58 -52.38 8.33
N ASP F 95 44.97 -51.17 8.34
CA ASP F 95 44.71 -51.00 9.76
C ASP F 95 43.25 -51.28 10.07
N GLY F 96 42.84 -51.00 11.31
CA GLY F 96 41.45 -51.17 11.67
C GLY F 96 41.25 -51.25 13.18
N LEU F 97 39.98 -51.34 13.54
CA LEU F 97 39.54 -51.50 14.92
C LEU F 97 38.76 -52.82 15.04
N THR F 98 38.86 -53.45 16.21
CA THR F 98 38.15 -54.70 16.42
C THR F 98 36.64 -54.43 16.50
N ASP F 99 35.87 -55.51 16.33
CA ASP F 99 34.43 -55.40 16.44
C ASP F 99 34.02 -55.04 17.87
N ALA F 100 34.78 -55.50 18.86
CA ALA F 100 34.49 -55.17 20.26
C ALA F 100 34.75 -53.69 20.53
N GLU F 101 35.81 -53.13 19.95
CA GLU F 101 36.08 -51.71 20.11
C GLU F 101 34.94 -50.86 19.54
N VAL F 102 34.41 -51.26 18.38
CA VAL F 102 33.30 -50.51 17.77
C VAL F 102 32.02 -50.69 18.57
N ALA F 103 31.79 -51.89 19.11
CA ALA F 103 30.62 -52.08 19.96
C ALA F 103 30.69 -51.22 21.21
N GLU F 104 31.88 -51.12 21.81
CA GLU F 104 32.05 -50.26 22.97
C GLU F 104 31.87 -48.78 22.60
N LEU F 105 32.40 -48.37 21.45
CA LEU F 105 32.18 -47.02 20.99
C LEU F 105 30.69 -46.73 20.84
N HIS F 106 29.94 -47.66 20.25
CA HIS F 106 28.51 -47.44 20.09
C HIS F 106 27.81 -47.36 21.43
N ARG F 107 28.13 -48.27 22.35
CA ARG F 107 27.53 -48.21 23.69
C ARG F 107 27.78 -46.86 24.33
N ALA F 108 29.03 -46.39 24.28
CA ALA F 108 29.39 -45.16 24.97
C ALA F 108 28.78 -43.94 24.30
N LEU F 109 28.75 -43.92 22.96
CA LEU F 109 28.13 -42.79 22.26
C LEU F 109 26.63 -42.74 22.52
N GLY F 110 25.96 -43.90 22.52
CA GLY F 110 24.56 -43.93 22.89
C GLY F 110 24.34 -43.52 24.34
N GLU F 111 25.35 -43.73 25.19
CA GLU F 111 25.26 -43.24 26.56
C GLU F 111 25.40 -41.72 26.60
N ILE F 112 26.25 -41.16 25.74
CA ILE F 112 26.39 -39.71 25.65
C ILE F 112 25.08 -39.07 25.22
N LEU F 113 24.38 -39.71 24.27
CA LEU F 113 23.10 -39.19 23.81
C LEU F 113 22.04 -39.23 24.91
N ARG F 114 22.21 -40.09 25.91
CA ARG F 114 21.35 -40.12 27.08
C ARG F 114 21.78 -39.12 28.14
N ASP F 115 22.48 -38.07 27.75
CA ASP F 115 22.87 -36.94 28.61
C ASP F 115 23.80 -37.36 29.74
N ARG F 116 24.36 -38.55 29.69
CA ARG F 116 25.31 -39.03 30.67
C ARG F 116 26.73 -38.71 30.22
N PRO F 117 27.68 -38.63 31.14
CA PRO F 117 29.05 -38.29 30.74
C PRO F 117 29.68 -39.38 29.89
N ALA F 118 30.67 -38.98 29.11
CA ALA F 118 31.38 -39.92 28.23
C ALA F 118 32.13 -40.95 29.07
N PRO F 119 31.83 -42.24 28.91
CA PRO F 119 32.53 -43.26 29.74
C PRO F 119 34.04 -43.24 29.57
N ASP F 120 34.54 -42.82 28.42
CA ASP F 120 35.98 -42.72 28.16
C ASP F 120 36.25 -41.32 27.61
N PRO F 121 36.37 -40.33 28.50
CA PRO F 121 36.61 -38.95 28.05
C PRO F 121 37.97 -38.75 27.39
N SER F 122 38.83 -39.77 27.35
CA SER F 122 40.10 -39.66 26.63
C SER F 122 39.98 -40.01 25.15
N ASP F 123 38.99 -40.80 24.78
CA ASP F 123 38.76 -41.08 23.37
C ASP F 123 38.26 -39.80 22.70
N PRO F 124 38.89 -39.35 21.61
CA PRO F 124 38.50 -38.06 21.01
C PRO F 124 37.08 -38.03 20.49
N VAL F 125 36.58 -39.15 19.95
CA VAL F 125 35.21 -39.18 19.44
C VAL F 125 34.22 -38.93 20.57
N GLN F 126 34.54 -39.38 21.78
CA GLN F 126 33.66 -39.17 22.92
C GLN F 126 33.53 -37.68 23.26
N ARG F 127 34.67 -37.00 23.40
CA ARG F 127 34.64 -35.56 23.64
C ARG F 127 33.91 -34.84 22.51
N GLY F 128 34.16 -35.27 21.27
CA GLY F 128 33.52 -34.62 20.13
C GLY F 128 32.01 -34.72 20.20
N LEU F 129 31.49 -35.94 20.40
CA LEU F 129 30.05 -36.12 20.47
C LEU F 129 29.45 -35.43 21.70
N ALA F 130 30.18 -35.40 22.81
CA ALA F 130 29.68 -34.70 23.99
C ALA F 130 29.52 -33.20 23.71
N ASP F 131 30.53 -32.61 23.06
CA ASP F 131 30.45 -31.19 22.71
C ASP F 131 29.32 -30.94 21.72
N VAL F 132 29.21 -31.79 20.69
CA VAL F 132 28.14 -31.64 19.71
C VAL F 132 26.77 -31.73 20.39
N TRP F 133 26.64 -32.65 21.35
CA TRP F 133 25.36 -32.86 22.00
C TRP F 133 25.00 -31.69 22.90
N ARG F 134 25.97 -31.16 23.64
CA ARG F 134 25.67 -30.01 24.50
C ARG F 134 25.36 -28.77 23.67
N THR F 135 26.08 -28.57 22.56
CA THR F 135 25.78 -27.42 21.70
C THR F 135 24.42 -27.57 21.04
N LEU F 136 24.05 -28.80 20.65
CA LEU F 136 22.75 -29.02 20.05
C LEU F 136 21.63 -28.78 21.06
N ASN F 137 21.79 -29.26 22.28
CA ASN F 137 20.79 -29.03 23.31
C ASN F 137 20.73 -27.58 23.74
N GLY F 138 21.83 -26.83 23.57
CA GLY F 138 21.81 -25.41 23.88
C GLY F 138 21.09 -24.58 22.84
N LEU F 139 21.06 -25.03 21.59
CA LEU F 139 20.42 -24.29 20.51
C LEU F 139 19.00 -24.77 20.23
N ALA F 140 18.58 -25.87 20.84
CA ALA F 140 17.25 -26.44 20.63
C ALA F 140 16.48 -26.43 21.94
N SER F 141 15.15 -26.39 21.83
CA SER F 141 14.31 -26.33 23.02
C SER F 141 13.46 -27.59 23.14
N ASP F 142 12.39 -27.68 22.34
CA ASP F 142 11.51 -28.85 22.32
C ASP F 142 11.54 -29.44 20.92
N TRP F 143 12.16 -30.60 20.77
CA TRP F 143 12.28 -31.30 19.51
C TRP F 143 12.35 -32.79 19.80
N ASP F 144 12.17 -33.60 18.76
CA ASP F 144 12.13 -35.05 18.94
C ASP F 144 13.54 -35.58 19.16
N ARG F 145 13.98 -35.49 20.42
CA ARG F 145 15.25 -36.12 20.78
C ARG F 145 15.13 -37.63 20.73
N ALA F 146 13.98 -38.18 21.14
CA ALA F 146 13.81 -39.62 21.12
C ALA F 146 13.88 -40.15 19.70
N ALA F 147 13.24 -39.46 18.76
CA ALA F 147 13.29 -39.88 17.36
C ALA F 147 14.71 -39.79 16.81
N PHE F 148 15.45 -38.75 17.19
CA PHE F 148 16.83 -38.61 16.74
C PHE F 148 17.72 -39.70 17.31
N VAL F 149 17.53 -40.06 18.58
CA VAL F 149 18.32 -41.13 19.17
C VAL F 149 17.99 -42.47 18.52
N ASP F 150 16.72 -42.70 18.19
CA ASP F 150 16.37 -43.93 17.49
C ASP F 150 17.02 -43.98 16.11
N THR F 151 17.01 -42.85 15.39
CA THR F 151 17.69 -42.81 14.10
C THR F 151 19.20 -43.03 14.27
N THR F 152 19.77 -42.59 15.40
CA THR F 152 21.18 -42.83 15.66
C THR F 152 21.45 -44.30 15.94
N LEU F 153 20.53 -44.96 16.63
CA LEU F 153 20.66 -46.41 16.83
C LEU F 153 20.63 -47.13 15.48
N ARG F 154 19.72 -46.75 14.59
CA ARG F 154 19.69 -47.38 13.27
C ARG F 154 20.95 -47.05 12.48
N TYR F 155 21.49 -45.84 12.69
CA TYR F 155 22.75 -45.45 12.07
C TYR F 155 23.88 -46.36 12.52
N PHE F 156 23.97 -46.62 13.81
N PHE F 156 23.96 -46.62 13.82
CA PHE F 156 25.02 -47.49 14.33
CA PHE F 156 25.02 -47.49 14.33
C PHE F 156 24.86 -48.92 13.85
C PHE F 156 24.86 -48.92 13.85
N GLU F 157 23.61 -49.41 13.79
CA GLU F 157 23.38 -50.76 13.27
C GLU F 157 23.76 -50.85 11.80
N ALA F 158 23.44 -49.82 11.01
CA ALA F 158 23.86 -49.80 9.62
C ALA F 158 25.38 -49.70 9.50
N ASN F 159 26.05 -49.04 10.45
CA ASN F 159 27.50 -49.02 10.44
C ASN F 159 28.07 -50.41 10.69
N ARG F 160 27.49 -51.14 11.64
CA ARG F 160 27.90 -52.53 11.87
C ARG F 160 27.66 -53.39 10.63
N TYR F 161 26.55 -53.18 9.93
CA TYR F 161 26.29 -53.88 8.67
C TYR F 161 27.35 -53.56 7.62
N GLU F 162 27.66 -52.26 7.48
CA GLU F 162 28.70 -51.84 6.54
C GLU F 162 30.03 -52.48 6.87
N ARG F 163 30.38 -52.59 8.16
CA ARG F 163 31.66 -53.18 8.51
C ARG F 163 31.65 -54.69 8.25
N VAL F 164 30.53 -55.35 8.49
CA VAL F 164 30.43 -56.76 8.10
C VAL F 164 30.69 -56.92 6.61
N ASN F 165 30.09 -56.04 5.79
CA ASN F 165 30.30 -56.11 4.35
C ASN F 165 31.76 -55.82 3.97
N ILE F 166 32.37 -54.81 4.61
CA ILE F 166 33.75 -54.46 4.31
C ILE F 166 34.69 -55.61 4.66
N ARG F 167 34.48 -56.23 5.83
CA ARG F 167 35.33 -57.33 6.25
C ARG F 167 35.13 -58.55 5.35
N ARG F 168 33.89 -58.80 4.92
CA ARG F 168 33.64 -59.86 3.95
C ARG F 168 34.29 -59.56 2.60
N GLY F 169 34.66 -58.30 2.36
CA GLY F 169 35.30 -57.93 1.11
C GLY F 169 34.40 -57.91 -0.09
N ILE F 170 33.08 -57.82 0.11
CA ILE F 170 32.14 -57.92 -1.01
C ILE F 170 31.06 -56.86 -0.84
N PRO F 171 30.59 -56.23 -1.92
CA PRO F 171 29.52 -55.25 -1.80
C PRO F 171 28.17 -55.93 -1.71
N PRO F 172 27.21 -55.32 -1.02
CA PRO F 172 25.89 -55.94 -0.90
C PRO F 172 25.12 -55.87 -2.21
N THR F 173 23.98 -56.56 -2.22
CA THR F 173 23.05 -56.47 -3.33
C THR F 173 22.57 -55.03 -3.49
N PRO F 174 22.26 -54.59 -4.71
CA PRO F 174 21.73 -53.23 -4.88
C PRO F 174 20.56 -52.89 -3.96
N SER F 175 19.55 -53.76 -3.86
CA SER F 175 18.40 -53.47 -3.01
C SER F 175 18.79 -53.45 -1.53
N ALA F 176 19.56 -54.46 -1.10
CA ALA F 176 20.00 -54.50 0.29
C ALA F 176 20.89 -53.31 0.65
N HIS F 177 21.64 -52.78 -0.32
CA HIS F 177 22.47 -51.63 -0.03
C HIS F 177 21.66 -50.34 -0.02
N ILE F 178 20.71 -50.20 -0.95
CA ILE F 178 19.84 -49.02 -0.97
C ILE F 178 19.04 -48.93 0.32
N GLY F 179 18.54 -50.07 0.81
CA GLY F 179 17.78 -50.05 2.05
C GLY F 179 18.62 -49.58 3.23
N MSE F 180 19.78 -50.18 3.41
CA MSE F 180 20.62 -49.90 4.57
C MSE F 180 21.37 -48.58 4.47
O MSE F 180 21.82 -48.04 5.48
CB MSE F 180 21.60 -51.04 4.80
CG MSE F 180 20.93 -52.38 5.06
SE MSE F 180 20.10 -52.46 6.82
CE MSE F 180 21.67 -52.13 7.92
N ARG F 181 21.53 -48.06 3.25
CA ARG F 181 22.27 -46.81 3.09
C ARG F 181 21.51 -45.63 3.68
N ARG F 182 20.17 -45.66 3.61
CA ARG F 182 19.37 -44.62 4.22
C ARG F 182 19.62 -44.54 5.72
N HIS F 183 19.90 -45.68 6.36
CA HIS F 183 20.30 -45.69 7.75
C HIS F 183 21.80 -45.44 7.91
N GLY F 184 22.60 -45.82 6.90
CA GLY F 184 24.04 -45.67 6.97
C GLY F 184 24.52 -44.24 6.89
N GLY F 185 23.69 -43.33 6.39
CA GLY F 185 24.07 -41.93 6.28
C GLY F 185 23.41 -41.03 7.31
N HIS F 186 22.50 -41.61 8.10
CA HIS F 186 21.75 -40.87 9.12
C HIS F 186 21.00 -39.70 8.49
N VAL F 187 20.34 -39.97 7.37
CA VAL F 187 19.68 -38.90 6.63
C VAL F 187 18.39 -38.48 7.34
N TYR F 188 17.68 -39.43 7.95
CA TYR F 188 16.47 -39.08 8.68
C TYR F 188 16.83 -38.30 9.95
N GLY F 189 17.89 -38.71 10.65
CA GLY F 189 18.38 -37.91 11.76
C GLY F 189 18.81 -36.53 11.34
N MSE F 190 19.33 -36.39 10.13
CA MSE F 190 19.68 -35.09 9.59
C MSE F 190 18.44 -34.26 9.33
O MSE F 190 18.44 -33.06 9.52
CB MSE F 190 20.50 -35.23 8.31
CG MSE F 190 21.98 -35.46 8.56
SE MSE F 190 22.70 -34.05 9.70
CE MSE F 190 22.45 -32.56 8.47
N TYR F 191 17.35 -34.92 8.91
CA TYR F 191 16.07 -34.22 8.77
C TYR F 191 15.59 -33.70 10.12
N ILE F 192 15.70 -34.54 11.16
CA ILE F 192 15.28 -34.13 12.50
C ILE F 192 16.12 -32.96 12.99
N LEU F 193 17.44 -33.00 12.77
CA LEU F 193 18.29 -31.90 13.20
C LEU F 193 18.06 -30.64 12.39
N GLY F 194 17.76 -30.77 11.09
CA GLY F 194 17.42 -29.60 10.31
C GLY F 194 16.14 -28.94 10.78
N ALA F 195 15.17 -29.75 11.21
CA ALA F 195 13.98 -29.18 11.82
C ALA F 195 14.32 -28.47 13.13
N ALA F 196 15.11 -29.12 13.99
CA ALA F 196 15.40 -28.55 15.30
C ALA F 196 16.25 -27.29 15.21
N VAL F 197 17.14 -27.21 14.23
CA VAL F 197 18.10 -26.10 14.17
C VAL F 197 17.47 -24.86 13.56
N ASN F 198 16.74 -25.01 12.45
CA ASN F 198 16.15 -23.86 11.78
C ASN F 198 14.84 -23.40 12.42
N GLY F 199 14.53 -23.85 13.62
CA GLY F 199 13.41 -23.31 14.37
C GLY F 199 12.05 -23.58 13.76
N TYR F 200 11.83 -24.80 13.28
CA TYR F 200 10.53 -25.19 12.76
C TYR F 200 10.30 -26.66 13.09
N ARG F 201 9.06 -27.00 13.42
CA ARG F 201 8.76 -28.41 13.63
C ARG F 201 7.44 -28.74 12.95
N PRO F 202 7.47 -29.59 11.94
CA PRO F 202 6.24 -29.92 11.21
C PRO F 202 5.29 -30.72 12.09
N GLU F 203 4.01 -30.61 11.78
CA GLU F 203 3.01 -31.37 12.52
C GLU F 203 3.27 -32.86 12.39
N ARG F 204 3.20 -33.57 13.51
CA ARG F 204 3.27 -35.03 13.45
C ARG F 204 2.09 -35.61 12.69
N ARG F 205 0.99 -34.85 12.61
CA ARG F 205 -0.15 -35.26 11.79
C ARG F 205 0.22 -35.27 10.31
N VAL F 206 1.30 -34.57 9.95
CA VAL F 206 1.80 -34.55 8.59
C VAL F 206 3.06 -35.41 8.44
N LEU F 207 3.98 -35.31 9.41
CA LEU F 207 5.24 -36.03 9.30
C LEU F 207 5.04 -37.55 9.25
N ASP F 208 4.00 -38.05 9.90
CA ASP F 208 3.70 -39.47 9.85
C ASP F 208 2.93 -39.88 8.62
N HIS F 209 2.48 -38.92 7.82
CA HIS F 209 1.75 -39.24 6.59
C HIS F 209 2.63 -40.04 5.64
N ALA F 210 2.02 -41.03 4.98
CA ALA F 210 2.77 -41.94 4.12
C ALA F 210 3.50 -41.17 3.02
N ALA F 211 2.85 -40.16 2.45
CA ALA F 211 3.48 -39.39 1.38
C ALA F 211 4.75 -38.72 1.86
N VAL F 212 4.71 -38.08 3.04
CA VAL F 212 5.91 -37.42 3.55
C VAL F 212 6.99 -38.43 3.88
N ARG F 213 6.62 -39.59 4.44
CA ARG F 213 7.61 -40.63 4.72
C ARG F 213 8.33 -41.08 3.45
N GLU F 214 7.56 -41.43 2.42
CA GLU F 214 8.19 -41.94 1.20
C GLU F 214 8.90 -40.83 0.44
N LEU F 215 8.46 -39.59 0.57
CA LEU F 215 9.19 -38.48 -0.03
C LEU F 215 10.53 -38.27 0.69
N GLU F 216 10.55 -38.42 2.01
CA GLU F 216 11.81 -38.42 2.74
C GLU F 216 12.71 -39.55 2.26
N THR F 217 12.15 -40.74 2.03
CA THR F 217 12.97 -41.85 1.54
C THR F 217 13.54 -41.54 0.18
N LEU F 218 12.75 -40.92 -0.71
CA LEU F 218 13.26 -40.55 -2.03
C LEU F 218 14.39 -39.53 -1.92
N ALA F 219 14.19 -38.50 -1.08
CA ALA F 219 15.24 -37.50 -0.90
C ALA F 219 16.51 -38.12 -0.34
N ALA F 220 16.38 -39.01 0.64
CA ALA F 220 17.53 -39.68 1.22
C ALA F 220 18.22 -40.55 0.18
N ASN F 221 17.43 -41.23 -0.67
CA ASN F 221 18.00 -42.03 -1.74
C ASN F 221 18.84 -41.16 -2.67
N TYR F 222 18.29 -40.03 -3.10
CA TYR F 222 19.03 -39.14 -3.99
C TYR F 222 20.32 -38.67 -3.31
N THR F 223 20.22 -38.22 -2.06
CA THR F 223 21.38 -37.71 -1.34
C THR F 223 22.47 -38.77 -1.23
N SER F 224 22.09 -39.97 -0.79
CA SER F 224 23.06 -41.02 -0.56
C SER F 224 23.66 -41.55 -1.85
N TRP F 225 22.85 -41.67 -2.92
CA TRP F 225 23.38 -42.15 -4.18
C TRP F 225 24.32 -41.13 -4.81
N ALA F 226 24.02 -39.83 -4.67
CA ALA F 226 24.95 -38.83 -5.15
C ALA F 226 26.26 -38.89 -4.38
N ASN F 227 26.18 -39.05 -3.05
CA ASN F 227 27.40 -39.18 -2.26
C ASN F 227 28.21 -40.38 -2.70
N ASP F 228 27.55 -41.53 -2.90
CA ASP F 228 28.25 -42.72 -3.36
C ASP F 228 28.88 -42.52 -4.73
N LEU F 229 28.13 -41.93 -5.66
CA LEU F 229 28.63 -41.74 -7.01
C LEU F 229 29.89 -40.88 -6.98
N HIS F 230 29.91 -39.87 -6.13
CA HIS F 230 31.06 -38.98 -6.10
C HIS F 230 32.23 -39.57 -5.30
N SER F 231 31.96 -40.25 -4.19
CA SER F 231 33.00 -40.77 -3.32
C SER F 231 33.38 -42.21 -3.65
N PHE F 232 32.92 -42.74 -4.79
CA PHE F 232 33.26 -44.10 -5.16
C PHE F 232 34.78 -44.28 -5.25
N ALA F 233 35.48 -43.31 -5.82
CA ALA F 233 36.93 -43.44 -5.98
C ALA F 233 37.62 -43.56 -4.65
N ARG F 234 37.29 -42.67 -3.71
CA ARG F 234 37.91 -42.71 -2.39
C ARG F 234 37.55 -44.01 -1.66
N GLU F 235 36.30 -44.46 -1.79
CA GLU F 235 35.87 -45.66 -1.08
C GLU F 235 36.42 -46.94 -1.69
N HIS F 236 36.76 -46.92 -2.98
CA HIS F 236 37.31 -48.12 -3.62
C HIS F 236 38.73 -48.38 -3.16
N ARG F 237 39.53 -47.32 -3.02
CA ARG F 237 40.90 -47.42 -2.53
C ARG F 237 40.97 -47.83 -1.07
N MSE F 238 39.87 -47.81 -0.33
CA MSE F 238 39.90 -48.07 1.11
C MSE F 238 39.16 -49.34 1.50
O MSE F 238 39.04 -49.67 2.68
CB MSE F 238 39.29 -46.88 1.85
CG MSE F 238 40.15 -45.63 1.83
SE MSE F 238 39.23 -44.10 2.59
CE MSE F 238 40.79 -43.09 3.21
N GLY F 239 38.66 -50.05 0.48
CA GLY F 239 37.91 -51.26 0.71
C GLY F 239 36.48 -51.07 1.16
N GLN F 240 35.98 -49.83 1.15
CA GLN F 240 34.59 -49.56 1.49
C GLN F 240 33.73 -50.06 0.34
N VAL F 241 33.13 -51.24 0.52
CA VAL F 241 32.32 -51.84 -0.54
C VAL F 241 30.86 -51.38 -0.50
N ASN F 242 30.48 -50.58 0.50
CA ASN F 242 29.10 -50.06 0.59
C ASN F 242 28.95 -48.83 -0.27
N ASN F 243 28.99 -49.07 -1.58
CA ASN F 243 28.84 -48.02 -2.58
C ASN F 243 27.95 -48.56 -3.69
N LEU F 244 27.00 -47.73 -4.15
CA LEU F 244 26.05 -48.23 -5.14
C LEU F 244 26.73 -48.55 -6.47
N VAL F 245 27.83 -47.88 -6.80
CA VAL F 245 28.57 -48.22 -8.01
C VAL F 245 29.20 -49.61 -7.88
N TRP F 246 29.92 -49.84 -6.78
CA TRP F 246 30.42 -51.17 -6.45
C TRP F 246 29.33 -52.21 -6.61
N SER F 247 28.17 -51.98 -5.99
CA SER F 247 27.12 -52.98 -5.95
C SER F 247 26.53 -53.24 -7.32
N VAL F 248 26.27 -52.17 -8.10
CA VAL F 248 25.70 -52.36 -9.41
C VAL F 248 26.66 -53.12 -10.32
N HIS F 249 27.95 -52.75 -10.29
CA HIS F 249 28.94 -53.48 -11.09
C HIS F 249 29.03 -54.94 -10.66
N HIS F 250 28.95 -55.19 -9.35
CA HIS F 250 29.21 -56.53 -8.83
C HIS F 250 28.05 -57.46 -9.13
N HIS F 251 26.83 -57.04 -8.81
CA HIS F 251 25.67 -57.91 -8.89
C HIS F 251 24.90 -57.80 -10.20
N GLU F 252 25.08 -56.73 -10.96
CA GLU F 252 24.41 -56.58 -12.25
C GLU F 252 25.34 -56.80 -13.42
N GLY F 253 26.59 -57.21 -13.17
CA GLY F 253 27.53 -57.54 -14.22
C GLY F 253 27.81 -56.41 -15.18
N LEU F 254 28.18 -55.25 -14.66
CA LEU F 254 28.45 -54.08 -15.48
C LEU F 254 29.83 -53.54 -15.16
N THR F 255 30.43 -52.87 -16.15
CA THR F 255 31.67 -52.14 -15.93
C THR F 255 31.46 -51.05 -14.88
N PHE F 256 32.56 -50.66 -14.22
CA PHE F 256 32.49 -49.55 -13.27
C PHE F 256 31.95 -48.30 -13.94
N GLN F 257 32.28 -48.08 -15.21
CA GLN F 257 31.72 -46.96 -15.95
C GLN F 257 30.22 -47.14 -16.17
N GLN F 258 29.83 -48.34 -16.59
CA GLN F 258 28.40 -48.64 -16.78
C GLN F 258 27.66 -48.55 -15.45
N ALA F 259 28.28 -48.98 -14.37
CA ALA F 259 27.65 -48.88 -13.05
C ALA F 259 27.46 -47.43 -12.65
N ALA F 260 28.47 -46.59 -12.86
CA ALA F 260 28.33 -45.17 -12.55
C ALA F 260 27.24 -44.52 -13.39
N ASP F 261 27.15 -44.89 -14.67
CA ASP F 261 26.10 -44.35 -15.52
C ASP F 261 24.73 -44.79 -15.05
N ARG F 262 24.59 -46.06 -14.66
CA ARG F 262 23.31 -46.53 -14.13
C ARG F 262 22.95 -45.84 -12.82
N VAL F 263 23.95 -45.57 -11.98
CA VAL F 263 23.70 -44.87 -10.72
C VAL F 263 23.21 -43.44 -10.99
N ALA F 264 23.84 -42.76 -11.95
CA ALA F 264 23.40 -41.41 -12.30
C ALA F 264 22.00 -41.43 -12.88
N ASP F 265 21.68 -42.43 -13.70
CA ASP F 265 20.34 -42.52 -14.27
C ASP F 265 19.30 -42.80 -13.19
N LEU F 266 19.66 -43.62 -12.20
CA LEU F 266 18.76 -43.83 -11.06
C LEU F 266 18.54 -42.54 -10.29
N CYS F 267 19.60 -41.76 -10.09
CA CYS F 267 19.46 -40.47 -9.42
C CYS F 267 18.50 -39.57 -10.19
N ASP F 268 18.64 -39.51 -11.52
CA ASP F 268 17.74 -38.69 -12.33
C ASP F 268 16.29 -39.16 -12.20
N LYS F 269 16.08 -40.47 -12.29
CA LYS F 269 14.72 -41.00 -12.18
C LYS F 269 14.13 -40.73 -10.80
N GLU F 270 14.95 -40.81 -9.76
CA GLU F 270 14.47 -40.54 -8.40
C GLU F 270 14.20 -39.05 -8.20
N LEU F 271 14.96 -38.18 -8.86
CA LEU F 271 14.64 -36.76 -8.82
C LEU F 271 13.29 -36.48 -9.48
N ALA F 272 13.05 -37.10 -10.64
CA ALA F 272 11.74 -36.97 -11.28
C ALA F 272 10.62 -37.46 -10.36
N ALA F 273 10.83 -38.62 -9.73
CA ALA F 273 9.83 -39.16 -8.82
C ALA F 273 9.58 -38.24 -7.64
N TYR F 274 10.66 -37.68 -7.07
CA TYR F 274 10.51 -36.76 -5.95
C TYR F 274 9.71 -35.53 -6.35
N LEU F 275 10.00 -34.97 -7.52
CA LEU F 275 9.25 -33.81 -7.99
C LEU F 275 7.79 -34.15 -8.18
N GLU F 276 7.51 -35.34 -8.73
CA GLU F 276 6.12 -35.75 -8.94
C GLU F 276 5.37 -35.89 -7.61
N LEU F 277 5.99 -36.54 -6.63
CA LEU F 277 5.37 -36.67 -5.31
C LEU F 277 5.15 -35.30 -4.67
N ARG F 278 6.15 -34.41 -4.76
CA ARG F 278 6.02 -33.09 -4.18
C ARG F 278 4.84 -32.35 -4.78
N GLN F 279 4.66 -32.46 -6.11
CA GLN F 279 3.50 -31.84 -6.75
C GLN F 279 2.20 -32.50 -6.31
N THR F 280 2.23 -33.80 -6.02
CA THR F 280 1.02 -34.49 -5.58
C THR F 280 0.64 -34.15 -4.14
N LEU F 281 1.61 -33.75 -3.31
CA LEU F 281 1.35 -33.51 -1.89
C LEU F 281 0.18 -32.58 -1.58
N PRO F 282 0.05 -31.38 -2.17
CA PRO F 282 -1.07 -30.52 -1.78
C PRO F 282 -2.43 -31.13 -2.07
N GLU F 283 -2.55 -31.92 -3.14
CA GLU F 283 -3.83 -32.53 -3.47
C GLU F 283 -4.22 -33.57 -2.42
N LEU F 284 -3.24 -34.14 -1.71
CA LEU F 284 -3.48 -35.14 -0.69
C LEU F 284 -3.92 -34.54 0.63
N GLY F 285 -3.99 -33.23 0.73
CA GLY F 285 -4.30 -32.58 1.98
C GLY F 285 -3.09 -32.09 2.74
N ILE F 286 -1.94 -32.00 2.10
CA ILE F 286 -0.70 -31.57 2.73
C ILE F 286 -0.20 -30.34 1.98
N PRO F 287 -0.51 -29.14 2.46
CA PRO F 287 -0.01 -27.93 1.82
C PRO F 287 1.45 -27.67 2.17
N LEU F 288 2.16 -27.08 1.22
CA LEU F 288 3.58 -26.74 1.42
C LEU F 288 3.70 -25.32 1.96
N THR F 289 3.03 -25.09 3.09
CA THR F 289 2.92 -23.76 3.67
C THR F 289 3.91 -23.55 4.82
N GLY F 290 3.54 -24.05 6.00
CA GLY F 290 4.28 -23.73 7.21
C GLY F 290 5.57 -24.50 7.38
N ALA F 291 5.67 -25.25 8.49
CA ALA F 291 6.87 -26.03 8.74
C ALA F 291 7.03 -27.16 7.73
N THR F 292 5.92 -27.65 7.18
CA THR F 292 6.01 -28.67 6.16
C THR F 292 6.73 -28.15 4.92
N GLY F 293 6.47 -26.89 4.57
CA GLY F 293 7.16 -26.29 3.42
C GLY F 293 8.66 -26.21 3.63
N ARG F 294 9.09 -25.67 4.77
CA ARG F 294 10.52 -25.60 5.04
C ARG F 294 11.14 -26.97 5.20
N HIS F 295 10.36 -27.97 5.64
CA HIS F 295 10.89 -29.31 5.75
C HIS F 295 11.18 -29.89 4.37
N VAL F 296 10.22 -29.74 3.45
CA VAL F 296 10.45 -30.18 2.07
C VAL F 296 11.61 -29.42 1.45
N ARG F 297 11.74 -28.13 1.78
CA ARG F 297 12.86 -27.34 1.28
C ARG F 297 14.18 -27.81 1.86
N PHE F 298 14.18 -28.31 3.10
CA PHE F 298 15.40 -28.88 3.67
C PHE F 298 15.75 -30.20 3.01
N LEU F 299 14.73 -31.00 2.67
CA LEU F 299 14.98 -32.20 1.88
C LEU F 299 15.67 -31.84 0.57
N GLU F 300 15.11 -30.84 -0.14
CA GLU F 300 15.75 -30.38 -1.37
C GLU F 300 17.14 -29.83 -1.13
N ASP F 301 17.36 -29.20 0.03
CA ASP F 301 18.69 -28.67 0.33
C ASP F 301 19.72 -29.77 0.38
N MSE F 302 19.38 -30.91 0.97
CA MSE F 302 20.33 -31.99 1.13
C MSE F 302 20.66 -32.68 -0.19
O MSE F 302 21.72 -33.29 -0.34
CB MSE F 302 19.79 -33.02 2.13
CG MSE F 302 19.81 -32.51 3.56
SE MSE F 302 20.43 -33.84 4.84
CE MSE F 302 22.18 -34.21 4.09
N MSE F 303 19.76 -32.57 -1.17
CA MSE F 303 19.99 -33.15 -2.48
C MSE F 303 20.99 -32.35 -3.31
O MSE F 303 22.04 -32.85 -3.69
CB MSE F 303 18.66 -33.28 -3.23
CG MSE F 303 17.65 -34.16 -2.53
SE MSE F 303 15.98 -34.34 -3.53
CE MSE F 303 14.77 -33.67 -2.17
N TRP F 304 20.61 -31.10 -3.60
CA TRP F 304 21.50 -30.19 -4.33
C TRP F 304 22.85 -30.06 -3.63
N SER F 305 22.85 -30.04 -2.29
CA SER F 305 24.08 -29.85 -1.54
C SER F 305 25.09 -30.95 -1.85
N MSE F 306 24.64 -32.20 -1.88
CA MSE F 306 25.56 -33.32 -2.13
C MSE F 306 26.28 -33.13 -3.47
O MSE F 306 27.52 -33.10 -3.52
CB MSE F 306 24.81 -34.65 -2.11
CG MSE F 306 24.94 -35.37 -0.79
SE MSE F 306 26.74 -35.28 -0.05
CE MSE F 306 26.30 -35.60 1.82
N VAL F 307 25.49 -32.97 -4.52
CA VAL F 307 26.02 -32.78 -5.87
C VAL F 307 27.03 -31.64 -5.89
N ASP F 308 26.58 -30.43 -5.54
CA ASP F 308 27.42 -29.25 -5.76
C ASP F 308 28.61 -29.21 -4.81
N TRP F 309 28.44 -29.65 -3.56
CA TRP F 309 29.53 -29.57 -2.59
C TRP F 309 30.58 -30.65 -2.82
N SER F 310 30.15 -31.91 -3.01
CA SER F 310 31.12 -32.97 -3.23
C SER F 310 31.84 -32.80 -4.55
N ALA F 311 31.16 -32.24 -5.56
CA ALA F 311 31.84 -31.99 -6.83
C ALA F 311 32.98 -30.98 -6.67
N ARG F 312 32.70 -29.86 -5.99
CA ARG F 312 33.73 -28.84 -5.80
C ARG F 312 34.77 -29.26 -4.76
N SER F 313 34.37 -30.05 -3.77
CA SER F 313 35.30 -30.51 -2.72
C SER F 313 36.37 -31.42 -3.30
MG MG G . -15.19 27.33 0.64
MG MG H . -9.39 29.80 -0.42
MG MG I . -13.78 30.11 2.32
C2 AHD J . -14.67 31.01 -3.47
C3 AHD J . -16.15 30.72 -3.70
C7 AHD J . -14.38 31.03 -1.97
C8 AHD J . -12.92 30.64 -1.71
O12 AHD J . -12.37 33.28 -1.12
P9 AHD J . -12.18 31.90 -0.55
O10 AHD J . -10.70 31.63 -0.38
O11 AHD J . -12.86 31.80 0.80
P14 AHD J . -12.84 28.93 -0.98
O15 AHD J . -13.66 28.83 0.29
O16 AHD J . -11.40 28.57 -0.67
O17 AHD J . -13.38 27.94 -2.00
O13 AHD J . -12.22 30.68 -2.94
N4 AHD J . -16.43 30.68 -5.13
MG MG K . -4.22 0.63 -24.30
MG MG L . -1.28 -1.11 -18.90
MG MG M . -2.40 -2.14 -24.14
C2 AHD N . -6.93 -2.77 -21.31
C3 AHD N . -7.95 -2.64 -22.44
C7 AHD N . -5.52 -2.83 -21.91
C8 AHD N . -4.49 -2.28 -20.92
O12 AHD N . -2.34 -3.47 -22.15
P9 AHD N . -3.05 -3.45 -20.82
O10 AHD N . -2.07 -2.99 -19.76
O11 AHD N . -3.53 -4.84 -20.47
P14 AHD N . -3.91 -0.59 -21.46
O15 AHD N . -3.36 -0.66 -22.87
O16 AHD N . -5.07 0.37 -21.40
O17 AHD N . -2.80 -0.12 -20.54
O13 AHD N . -5.09 -2.17 -19.65
N4 AHD N . -9.30 -2.54 -21.91
MG MG O . 5.47 -5.47 29.14
MG MG P . 6.44 -5.42 22.94
MG MG Q . 8.29 -4.49 27.88
C2 AHD R . 4.36 -0.67 26.72
C3 AHD R . 3.90 -0.23 28.11
C7 AHD R . 5.58 -1.59 26.84
C8 AHD R . 5.63 -2.53 25.62
O12 AHD R . 7.77 -1.10 24.63
P9 AHD R . 7.36 -2.52 24.92
O10 AHD R . 7.39 -3.32 23.65
O11 AHD R . 8.30 -3.15 25.92
P14 AHD R . 5.21 -4.28 26.11
O15 AHD R . 3.77 -4.33 26.60
O16 AHD R . 5.36 -5.19 24.91
O17 AHD R . 6.14 -4.73 27.20
O13 AHD R . 4.72 -2.08 24.65
N4 AHD R . 2.72 0.60 27.97
MG MG S . 31.93 33.61 -26.01
MG MG T . 27.83 33.16 -21.21
MG MG U . 32.65 32.37 -23.16
C2 AHD V . 29.23 28.87 -25.57
C3 AHD V . 29.91 28.53 -26.89
C7 AHD V . 30.16 29.72 -24.70
C8 AHD V . 29.33 30.59 -23.76
O12 AHD V . 31.35 31.09 -21.94
P9 AHD V . 29.98 30.46 -22.03
O10 AHD V . 29.04 31.20 -21.10
O11 AHD V . 30.05 29.01 -21.62
P14 AHD V . 29.40 32.38 -24.32
O15 AHD V . 30.85 32.82 -24.37
O16 AHD V . 28.78 32.51 -25.68
O17 AHD V . 28.64 33.24 -23.33
O13 AHD V . 27.99 30.14 -23.78
N4 AHD V . 28.99 27.77 -27.71
MG MG W . -28.74 -15.94 14.56
MG MG X . -25.37 -21.34 13.26
MG MG Y . -29.50 -18.37 13.01
C2 AHD Z . -28.50 -19.49 18.48
C3 AHD Z . -29.29 -18.36 19.15
C7 AHD Z . -28.85 -19.53 16.99
C8 AHD Z . -27.67 -20.09 16.18
O12 AHD Z . -29.06 -20.79 13.89
P9 AHD Z . -28.21 -21.41 14.98
O10 AHD Z . -27.00 -22.06 14.37
O11 AHD Z . -29.00 -22.48 15.71
P14 AHD Z . -26.92 -18.66 15.26
O15 AHD Z . -27.96 -17.98 14.39
O16 AHD Z . -26.39 -17.66 16.25
O17 AHD Z . -25.80 -19.17 14.37
O13 AHD Z . -26.73 -20.64 17.07
N4 AHD Z . -28.95 -18.30 20.56
MG MG AA . 30.40 -42.02 0.17
C2 AHD BA . 28.57 -39.87 5.64
C3 AHD BA . 28.39 -40.03 7.14
C7 AHD BA . 29.93 -40.41 5.19
C8 AHD BA . 29.83 -40.88 3.74
O12 AHD BA . 31.33 -38.69 2.99
P9 AHD BA . 31.28 -40.18 2.79
O10 AHD BA . 31.11 -40.48 1.32
O11 AHD BA . 32.55 -40.82 3.29
P14 AHD BA . 29.92 -42.74 3.66
O15 AHD BA . 31.20 -43.23 4.30
O16 AHD BA . 29.87 -43.21 2.23
O17 AHD BA . 28.75 -43.32 4.44
O13 AHD BA . 28.63 -40.42 3.16
N4 AHD BA . 27.08 -39.54 7.53
#